data_8YGL
#
_entry.id   8YGL
#
_cell.length_a   1.00
_cell.length_b   1.00
_cell.length_c   1.00
_cell.angle_alpha   90.00
_cell.angle_beta   90.00
_cell.angle_gamma   90.00
#
_symmetry.space_group_name_H-M   'P 1'
#
loop_
_entity.id
_entity.type
_entity.pdbx_description
1 polymer 'Antenna pigment protein beta chain'
2 polymer 'Antenna pigment protein alpha chain'
3 polymer 'Photosynthetic reaction center subunit H'
4 polymer 'Reaction center protein L chain'
5 polymer 'Reaction center protein M chain'
6 polymer '1-deoxy-D-xylulose-5-phosphate synthase'
7 non-polymer 'BACTERIOCHLOROPHYLL A'
8 non-polymer SPHEROIDENE
9 non-polymer 1,2-DIACYL-SN-GLYCERO-3-PHOSPHOCHOLINE
10 non-polymer CARDIOLIPIN
11 non-polymer 'BACTERIOPHEOPHYTIN A'
12 non-polymer UBIQUINONE-10
13 non-polymer 'FE (II) ION'
#
loop_
_entity_poly.entity_id
_entity_poly.type
_entity_poly.pdbx_seq_one_letter_code
_entity_poly.pdbx_strand_id
1 'polypeptide(L)' MADKSDLSFTGLSDEQAQELHSVYMSGLWLFVTIAVIAHIAVYIWRPWL 0,2,8,B,C,E,G,J,N,P,R,T,V,Z,b
2 'polypeptide(L)' MSKFYKIWQVFDPRRVFVAQGVFLFLLAVMIHLILLSKPDYNWLDVGTAKYGRGEAAAVVTP 1,3,7,9,A,D,F,I,K,O,Q,S,U,W,a
3 'polypeptide(L)'
;MVGVNFFGDFDLASLAIWSFWGFLAFLIYYLQTENMREGYPLEMEDGSVAPNQGLFPVPKPKTFKLPNGRGEIVMPSAEN
EAAHRRNDLALARTSVSEGFPHAPTGNALVDGVGPASWVPRRDEPELDAHGHNKIMPMALAKGFNVTAGRDPRGLPVQAA
DLEVVGRVSELWVDVPEQMVRYLEIDLNSGKKRLVPMTLAKIWADRVRVNAIASDSFENIPATRSASEVTKLEEDKISGY
VAGGWLYDADKRKRGF
;
H
4 'polypeptide(L)'
;MALLSFERKYRVPGGTLVGGNLFDFWVGPFYVGFFGVTTFFFAALGTLLILYGTAMEGVWNPQLISIEPPSVENGLAFAP
LAEGGLWQLITICALGAFISWALREVEICRKLGIGLHIPFAFSFAILAYAVLVVFRPLLMGSWGYAFPYGIWTHLDWVSN
TGYTYGNFHYNPAHMLGISFFFTTALALALHGALVLSAANPEKGQEMKTADHEDTFFRDLVGYSIGTLGIHRLGLLLALM
AVFWSAVCMIITGTIWFDQWSNWWYWWVELPWWVDIPGGVNG
;
L
5 'polypeptide(L)'
;MAEYQNIFTQVQVGGAPEMGLVEGVDLSNRTKGTTNWTLLGWFGNAQIGPIYLGGWGTVSLISGVLWFMTIGAWFWYEAG
FNPAVFMRDLFYLSLDAPDAKYGLGVPRDAEGIMWFIASFFMFVAVWSWWIRTYTRAAALGMGKHTAWAFLSAIWLWMVL
GFIRPILMGSWSEAVPYGIFTHLDWTNNFSLTYGNLFYNPFHGLSIAFLYGSALLFAMHGATILAVSRFGGDRELEQIVD
RGTAAERAALFWRWTMGFNATMEGIHRWAWWFGVLVTLTGGIGILLSGTVVDNWYVWAQVHGYAPVN
;
M
6 'polypeptide(L)' MAEYNYSHEPNAVINLRVWALGQMVWGAFLAAVGVVVVICLLVGTYLAGLLLPEQSKQAPSPYGALEIVQTIDVA X
#
# COMPACT_ATOMS: atom_id res chain seq x y z
N ASP A 6 46.37 2.35 -33.15
CA ASP A 6 46.56 1.08 -32.36
C ASP A 6 45.28 0.72 -31.63
N LEU A 7 44.95 1.54 -30.63
CA LEU A 7 43.80 1.32 -29.77
C LEU A 7 42.59 2.05 -30.37
N SER A 8 41.49 1.33 -30.52
CA SER A 8 40.26 1.89 -31.07
C SER A 8 39.07 1.12 -30.51
N PHE A 9 38.39 1.74 -29.56
CA PHE A 9 37.16 1.20 -28.99
C PHE A 9 35.96 1.38 -29.91
N THR A 10 36.17 1.86 -31.14
CA THR A 10 35.10 2.28 -32.02
C THR A 10 35.16 1.65 -33.40
N GLY A 11 36.30 1.12 -33.82
CA GLY A 11 36.47 0.62 -35.15
C GLY A 11 37.02 1.63 -36.13
N LEU A 12 36.81 2.92 -35.88
CA LEU A 12 37.42 3.96 -36.69
C LEU A 12 38.93 3.91 -36.57
N SER A 13 39.61 4.06 -37.71
CA SER A 13 41.06 4.13 -37.74
C SER A 13 41.51 5.59 -37.63
N ASP A 14 42.83 5.81 -37.75
CA ASP A 14 43.34 7.17 -37.68
C ASP A 14 42.90 8.01 -38.87
N GLU A 15 42.89 7.41 -40.06
CA GLU A 15 42.45 8.14 -41.25
C GLU A 15 40.98 8.53 -41.15
N GLN A 16 40.12 7.55 -40.87
CA GLN A 16 38.69 7.82 -40.74
C GLN A 16 38.43 8.84 -39.64
N ALA A 17 39.12 8.68 -38.51
CA ALA A 17 38.92 9.59 -37.39
C ALA A 17 39.36 11.00 -37.74
N GLN A 18 40.47 11.11 -38.47
CA GLN A 18 40.95 12.44 -38.88
C GLN A 18 39.98 13.12 -39.83
N GLU A 19 39.44 12.37 -40.79
CA GLU A 19 38.44 12.95 -41.69
C GLU A 19 37.20 13.41 -40.92
N LEU A 20 36.61 12.50 -40.15
CA LEU A 20 35.47 12.86 -39.33
C LEU A 20 35.76 14.08 -38.46
N HIS A 21 36.94 14.14 -37.87
CA HIS A 21 37.29 15.27 -37.02
C HIS A 21 37.40 16.55 -37.82
N SER A 22 37.97 16.48 -39.03
CA SER A 22 38.08 17.67 -39.85
C SER A 22 36.70 18.24 -40.13
N VAL A 23 35.74 17.39 -40.42
CA VAL A 23 34.39 17.88 -40.69
C VAL A 23 33.74 18.39 -39.41
N TYR A 24 33.93 17.67 -38.30
CA TYR A 24 33.42 18.12 -37.02
C TYR A 24 33.91 19.52 -36.69
N MET A 25 35.20 19.78 -36.91
CA MET A 25 35.76 21.07 -36.56
C MET A 25 35.31 22.15 -37.54
N SER A 26 35.15 21.80 -38.81
CA SER A 26 34.55 22.76 -39.73
C SER A 26 33.20 23.23 -39.22
N GLY A 27 32.34 22.28 -38.83
CA GLY A 27 31.05 22.65 -38.29
C GLY A 27 31.14 23.45 -37.00
N LEU A 28 32.02 23.01 -36.09
CA LEU A 28 32.21 23.72 -34.84
C LEU A 28 32.61 25.17 -35.07
N TRP A 29 33.55 25.40 -35.99
CA TRP A 29 34.02 26.76 -36.22
C TRP A 29 32.97 27.60 -36.93
N LEU A 30 32.14 27.00 -37.77
CA LEU A 30 31.05 27.77 -38.36
C LEU A 30 30.03 28.17 -37.29
N PHE A 31 29.63 27.21 -36.45
CA PHE A 31 28.77 27.50 -35.32
C PHE A 31 29.33 28.62 -34.46
N VAL A 32 30.63 28.56 -34.15
CA VAL A 32 31.25 29.54 -33.28
C VAL A 32 31.32 30.90 -33.96
N THR A 33 31.56 30.91 -35.27
CA THR A 33 31.57 32.17 -36.01
C THR A 33 30.21 32.85 -35.94
N ILE A 34 29.14 32.09 -36.18
CA ILE A 34 27.81 32.68 -36.11
C ILE A 34 27.53 33.19 -34.70
N ALA A 35 27.90 32.40 -33.69
CA ALA A 35 27.66 32.83 -32.31
C ALA A 35 28.45 34.07 -31.97
N VAL A 36 29.67 34.19 -32.50
CA VAL A 36 30.51 35.35 -32.23
C VAL A 36 29.90 36.60 -32.86
N ILE A 37 29.45 36.48 -34.11
CA ILE A 37 28.82 37.61 -34.77
C ILE A 37 27.58 38.04 -34.00
N ALA A 38 26.76 37.08 -33.58
CA ALA A 38 25.58 37.40 -32.78
C ALA A 38 25.95 38.11 -31.48
N HIS A 39 27.00 37.63 -30.82
CA HIS A 39 27.41 38.25 -29.56
C HIS A 39 27.90 39.66 -29.78
N ILE A 40 28.64 39.89 -30.86
CA ILE A 40 29.06 41.24 -31.20
C ILE A 40 27.85 42.14 -31.38
N ALA A 41 26.89 41.70 -32.19
CA ALA A 41 25.71 42.51 -32.45
C ALA A 41 24.97 42.84 -31.15
N VAL A 42 24.82 41.85 -30.27
CA VAL A 42 24.09 42.10 -29.04
C VAL A 42 24.86 43.04 -28.12
N TYR A 43 26.19 42.88 -28.06
CA TYR A 43 26.99 43.80 -27.27
C TYR A 43 26.89 45.23 -27.81
N ILE A 44 26.74 45.37 -29.13
CA ILE A 44 26.53 46.70 -29.69
C ILE A 44 25.16 47.23 -29.28
N TRP A 45 24.16 46.35 -29.26
CA TRP A 45 22.78 46.79 -29.05
C TRP A 45 22.47 46.95 -27.56
N ARG A 46 22.99 46.05 -26.73
CA ARG A 46 22.72 46.09 -25.29
C ARG A 46 23.84 45.39 -24.54
N PRO A 47 24.89 46.13 -24.15
CA PRO A 47 26.02 45.49 -23.49
C PRO A 47 25.66 44.93 -22.12
N TRP A 48 26.45 43.95 -21.68
CA TRP A 48 26.28 43.34 -20.37
C TRP A 48 27.54 43.39 -19.52
N LEU A 49 28.60 44.05 -19.98
CA LEU A 49 29.85 44.14 -19.22
C LEU A 49 30.38 45.56 -19.21
N PHE B 4 -32.50 -0.60 -43.09
CA PHE B 4 -31.47 -0.72 -42.00
C PHE B 4 -31.71 -1.96 -41.16
N TYR B 5 -31.72 -3.13 -41.81
CA TYR B 5 -32.00 -4.38 -41.14
C TYR B 5 -30.74 -5.20 -40.85
N LYS B 6 -29.56 -4.67 -41.19
CA LYS B 6 -28.31 -5.34 -40.88
C LYS B 6 -27.80 -4.98 -39.49
N ILE B 7 -28.54 -4.17 -38.75
CA ILE B 7 -28.11 -3.74 -37.42
C ILE B 7 -27.89 -4.95 -36.53
N TRP B 8 -28.70 -5.99 -36.69
CA TRP B 8 -28.56 -7.20 -35.91
C TRP B 8 -27.64 -8.22 -36.56
N GLN B 9 -27.25 -7.99 -37.82
CA GLN B 9 -26.10 -8.69 -38.36
C GLN B 9 -24.81 -8.11 -37.80
N VAL B 10 -24.87 -6.86 -37.33
CA VAL B 10 -23.71 -6.24 -36.69
C VAL B 10 -23.79 -6.40 -35.17
N PHE B 11 -24.99 -6.36 -34.61
CA PHE B 11 -25.20 -6.29 -33.17
C PHE B 11 -25.99 -7.49 -32.68
N ASP B 12 -25.89 -7.74 -31.38
CA ASP B 12 -26.69 -8.79 -30.76
C ASP B 12 -28.02 -8.22 -30.31
N PRO B 13 -29.15 -8.88 -30.63
CA PRO B 13 -30.46 -8.31 -30.26
C PRO B 13 -30.65 -8.10 -28.76
N ARG B 14 -30.27 -9.09 -27.94
CA ARG B 14 -30.49 -8.97 -26.51
C ARG B 14 -29.87 -7.69 -25.95
N ARG B 15 -28.61 -7.43 -26.31
CA ARG B 15 -27.91 -6.28 -25.75
C ARG B 15 -28.58 -4.97 -26.17
N VAL B 16 -28.86 -4.81 -27.47
CA VAL B 16 -29.47 -3.57 -27.94
C VAL B 16 -30.82 -3.35 -27.26
N PHE B 17 -31.63 -4.42 -27.17
CA PHE B 17 -32.95 -4.27 -26.54
C PHE B 17 -32.80 -3.82 -25.08
N VAL B 18 -32.00 -4.55 -24.31
CA VAL B 18 -31.81 -4.22 -22.89
C VAL B 18 -31.32 -2.79 -22.74
N ALA B 19 -30.30 -2.41 -23.50
CA ALA B 19 -29.69 -1.11 -23.33
C ALA B 19 -30.66 0.02 -23.71
N GLN B 20 -31.37 -0.13 -24.83
CA GLN B 20 -32.29 0.93 -25.22
C GLN B 20 -33.47 1.01 -24.27
N GLY B 21 -33.87 -0.12 -23.68
CA GLY B 21 -34.92 -0.07 -22.66
C GLY B 21 -34.48 0.72 -21.45
N VAL B 22 -33.30 0.41 -20.92
CA VAL B 22 -32.78 1.15 -19.77
C VAL B 22 -32.64 2.63 -20.12
N PHE B 23 -32.17 2.92 -21.32
CA PHE B 23 -32.02 4.29 -21.77
C PHE B 23 -33.35 5.02 -21.80
N LEU B 24 -34.39 4.38 -22.35
CA LEU B 24 -35.71 4.98 -22.37
C LEU B 24 -36.18 5.29 -20.96
N PHE B 25 -36.08 4.31 -20.06
CA PHE B 25 -36.50 4.54 -18.69
C PHE B 25 -35.82 5.74 -18.09
N LEU B 26 -34.49 5.83 -18.24
CA LEU B 26 -33.76 6.94 -17.63
C LEU B 26 -34.16 8.27 -18.24
N LEU B 27 -34.32 8.31 -19.57
CA LEU B 27 -34.69 9.55 -20.24
C LEU B 27 -36.05 10.04 -19.78
N ALA B 28 -37.05 9.14 -19.78
CA ALA B 28 -38.39 9.53 -19.36
C ALA B 28 -38.40 9.96 -17.91
N VAL B 29 -37.68 9.23 -17.05
CA VAL B 29 -37.55 9.65 -15.65
C VAL B 29 -37.04 11.08 -15.58
N MET B 30 -35.97 11.39 -16.33
CA MET B 30 -35.36 12.71 -16.22
C MET B 30 -36.30 13.79 -16.73
N ILE B 31 -37.08 13.50 -17.77
CA ILE B 31 -37.96 14.54 -18.31
C ILE B 31 -39.15 14.77 -17.39
N HIS B 32 -39.72 13.69 -16.84
CA HIS B 32 -40.76 13.86 -15.83
C HIS B 32 -40.22 14.65 -14.64
N LEU B 33 -38.96 14.40 -14.24
CA LEU B 33 -38.37 15.17 -13.15
C LEU B 33 -38.26 16.65 -13.51
N ILE B 34 -37.81 16.94 -14.73
CA ILE B 34 -37.82 18.33 -15.20
C ILE B 34 -39.19 18.94 -14.99
N LEU B 35 -40.24 18.30 -15.52
CA LEU B 35 -41.58 18.85 -15.39
C LEU B 35 -41.97 19.02 -13.92
N LEU B 36 -41.45 18.15 -13.05
CA LEU B 36 -41.71 18.30 -11.62
C LEU B 36 -41.05 19.55 -11.08
N SER B 37 -39.83 19.84 -11.52
CA SER B 37 -39.02 20.87 -10.87
C SER B 37 -39.69 22.24 -10.97
N LYS B 38 -40.23 22.57 -12.13
CA LYS B 38 -40.75 23.92 -12.34
C LYS B 38 -42.07 24.12 -11.62
N PRO B 39 -42.40 25.37 -11.27
CA PRO B 39 -43.60 25.59 -10.44
C PRO B 39 -44.91 25.32 -11.17
N ASP B 40 -44.92 25.44 -12.50
CA ASP B 40 -46.16 25.33 -13.26
C ASP B 40 -46.40 23.94 -13.81
N TYR B 41 -45.48 23.42 -14.61
CA TYR B 41 -45.74 22.17 -15.34
C TYR B 41 -45.89 20.97 -14.42
N ASN B 42 -45.46 21.08 -13.17
CA ASN B 42 -45.76 20.03 -12.21
C ASN B 42 -47.27 19.87 -12.10
N TRP B 43 -47.76 18.68 -12.44
CA TRP B 43 -49.18 18.51 -12.67
C TRP B 43 -49.92 18.21 -11.37
N LEU B 44 -49.19 17.83 -10.32
CA LEU B 44 -49.82 17.61 -9.03
C LEU B 44 -50.20 18.93 -8.38
N ASP B 45 -49.28 19.88 -8.36
CA ASP B 45 -49.61 21.22 -7.87
C ASP B 45 -50.74 21.83 -8.70
N VAL B 46 -50.71 21.60 -10.02
CA VAL B 46 -51.77 22.12 -10.87
C VAL B 46 -53.11 21.48 -10.52
N GLY B 47 -53.11 20.18 -10.23
CA GLY B 47 -54.35 19.52 -9.86
C GLY B 47 -54.89 20.00 -8.53
N THR B 48 -53.99 20.28 -7.58
CA THR B 48 -54.44 20.83 -6.30
C THR B 48 -55.01 22.23 -6.49
N ALA B 49 -54.37 23.03 -7.35
CA ALA B 49 -54.92 24.36 -7.64
C ALA B 49 -56.31 24.25 -8.26
N LYS B 50 -56.46 23.38 -9.27
CA LYS B 50 -57.75 23.26 -9.94
C LYS B 50 -58.82 22.77 -8.99
N TYR B 51 -58.59 21.65 -8.32
CA TYR B 51 -59.64 20.97 -7.57
C TYR B 51 -59.82 21.50 -6.15
N GLY B 52 -58.87 22.28 -5.64
CA GLY B 52 -59.00 22.83 -4.30
C GLY B 52 -57.73 23.44 -3.75
N THR C 10 -25.38 -11.73 -34.80
CA THR C 10 -24.28 -11.95 -35.77
C THR C 10 -24.31 -13.38 -36.30
N GLY C 11 -24.74 -14.30 -35.44
CA GLY C 11 -25.03 -15.66 -35.83
C GLY C 11 -26.34 -15.83 -36.59
N LEU C 12 -26.91 -14.73 -37.08
CA LEU C 12 -28.20 -14.74 -37.74
C LEU C 12 -28.04 -14.72 -39.25
N SER C 13 -29.16 -14.62 -39.95
CA SER C 13 -29.19 -14.50 -41.40
C SER C 13 -30.06 -13.31 -41.79
N ASP C 14 -30.06 -13.00 -43.09
CA ASP C 14 -30.92 -11.92 -43.60
C ASP C 14 -32.39 -12.32 -43.47
N GLU C 15 -32.72 -13.56 -43.82
CA GLU C 15 -34.07 -14.06 -43.58
C GLU C 15 -34.46 -13.87 -42.13
N GLN C 16 -33.56 -14.20 -41.20
CA GLN C 16 -33.83 -13.96 -39.79
C GLN C 16 -33.96 -12.46 -39.50
N ALA C 17 -33.05 -11.66 -40.06
CA ALA C 17 -33.07 -10.23 -39.82
C ALA C 17 -34.41 -9.61 -40.19
N GLN C 18 -35.03 -10.11 -41.26
CA GLN C 18 -36.31 -9.53 -41.68
C GLN C 18 -37.43 -9.91 -40.73
N GLU C 19 -37.51 -11.21 -40.38
CA GLU C 19 -38.49 -11.64 -39.40
C GLU C 19 -38.37 -10.84 -38.11
N LEU C 20 -37.14 -10.47 -37.75
CA LEU C 20 -36.95 -9.73 -36.50
C LEU C 20 -37.28 -8.24 -36.68
N HIS C 21 -36.92 -7.68 -37.83
CA HIS C 21 -37.18 -6.27 -38.07
C HIS C 21 -38.66 -5.97 -38.15
N SER C 22 -39.43 -6.88 -38.75
CA SER C 22 -40.88 -6.72 -38.76
C SER C 22 -41.39 -6.40 -37.36
N VAL C 23 -41.09 -7.28 -36.41
CA VAL C 23 -41.60 -7.14 -35.05
C VAL C 23 -41.02 -5.90 -34.39
N TYR C 24 -39.72 -5.66 -34.57
CA TYR C 24 -39.09 -4.50 -33.95
C TYR C 24 -39.76 -3.21 -34.39
N MET C 25 -39.98 -3.06 -35.70
CA MET C 25 -40.56 -1.83 -36.21
C MET C 25 -42.02 -1.70 -35.82
N SER C 26 -42.77 -2.81 -35.85
CA SER C 26 -44.16 -2.75 -35.40
C SER C 26 -44.24 -2.26 -33.96
N GLY C 27 -43.43 -2.84 -33.08
CA GLY C 27 -43.42 -2.40 -31.69
C GLY C 27 -43.04 -0.95 -31.54
N LEU C 28 -41.97 -0.52 -32.21
CA LEU C 28 -41.55 0.87 -32.09
C LEU C 28 -42.62 1.82 -32.61
N TRP C 29 -43.34 1.41 -33.67
CA TRP C 29 -44.39 2.26 -34.21
C TRP C 29 -45.54 2.40 -33.21
N LEU C 30 -45.93 1.30 -32.57
CA LEU C 30 -46.93 1.40 -31.51
C LEU C 30 -46.47 2.32 -30.39
N PHE C 31 -45.20 2.20 -29.99
CA PHE C 31 -44.67 3.05 -28.94
C PHE C 31 -44.78 4.52 -29.32
N VAL C 32 -44.30 4.88 -30.51
CA VAL C 32 -44.39 6.26 -30.97
C VAL C 32 -45.85 6.70 -31.04
N THR C 33 -46.74 5.80 -31.43
CA THR C 33 -48.15 6.14 -31.52
C THR C 33 -48.69 6.57 -30.16
N ILE C 34 -48.50 5.73 -29.13
CA ILE C 34 -49.04 6.07 -27.82
C ILE C 34 -48.36 7.33 -27.29
N ALA C 35 -47.05 7.48 -27.55
CA ALA C 35 -46.34 8.66 -27.08
C ALA C 35 -46.93 9.93 -27.67
N VAL C 36 -47.20 9.94 -28.97
CA VAL C 36 -47.70 11.16 -29.59
C VAL C 36 -49.17 11.39 -29.22
N ILE C 37 -49.90 10.31 -28.93
CA ILE C 37 -51.24 10.48 -28.38
C ILE C 37 -51.17 11.23 -27.06
N ALA C 38 -50.29 10.79 -26.16
CA ALA C 38 -50.15 11.47 -24.88
C ALA C 38 -49.63 12.89 -25.08
N HIS C 39 -48.81 13.11 -26.11
CA HIS C 39 -48.32 14.45 -26.37
C HIS C 39 -49.44 15.38 -26.81
N ILE C 40 -50.36 14.88 -27.64
CA ILE C 40 -51.53 15.67 -28.01
C ILE C 40 -52.36 15.99 -26.77
N ALA C 41 -52.56 14.98 -25.91
CA ALA C 41 -53.28 15.21 -24.66
C ALA C 41 -52.63 16.34 -23.85
N VAL C 42 -51.32 16.24 -23.60
CA VAL C 42 -50.66 17.21 -22.74
C VAL C 42 -50.64 18.57 -23.40
N TYR C 43 -50.59 18.62 -24.74
CA TYR C 43 -50.63 19.90 -25.42
C TYR C 43 -52.00 20.56 -25.23
N ILE C 44 -53.07 19.81 -25.40
CA ILE C 44 -54.40 20.33 -25.09
C ILE C 44 -54.44 20.80 -23.64
N TRP C 45 -53.71 20.12 -22.77
CA TRP C 45 -53.79 20.41 -21.34
C TRP C 45 -52.92 21.61 -20.96
N ARG C 46 -51.67 21.64 -21.44
CA ARG C 46 -50.71 22.68 -21.07
C ARG C 46 -49.79 22.92 -22.24
N PRO C 47 -50.20 23.78 -23.19
CA PRO C 47 -49.42 23.92 -24.42
C PRO C 47 -48.08 24.62 -24.18
N TRP C 48 -47.01 23.86 -24.36
CA TRP C 48 -45.67 24.42 -24.22
C TRP C 48 -45.21 25.06 -25.53
N SER D 2 -50.28 -8.97 -32.61
CA SER D 2 -49.21 -9.06 -33.64
C SER D 2 -48.47 -10.40 -33.54
N LYS D 3 -47.15 -10.36 -33.73
CA LYS D 3 -46.30 -11.55 -33.71
C LYS D 3 -45.17 -11.36 -32.71
N PHE D 4 -45.53 -10.87 -31.52
CA PHE D 4 -44.56 -10.60 -30.47
C PHE D 4 -44.17 -11.85 -29.69
N TYR D 5 -44.74 -13.01 -30.04
CA TYR D 5 -44.47 -14.24 -29.31
C TYR D 5 -43.03 -14.72 -29.47
N LYS D 6 -42.22 -14.05 -30.28
CA LYS D 6 -40.84 -14.46 -30.53
C LYS D 6 -39.85 -13.71 -29.65
N ILE D 7 -40.33 -12.90 -28.70
CA ILE D 7 -39.44 -12.18 -27.82
C ILE D 7 -38.68 -13.14 -26.91
N TRP D 8 -39.28 -14.29 -26.62
CA TRP D 8 -38.67 -15.20 -25.66
C TRP D 8 -37.69 -16.16 -26.33
N GLN D 9 -37.72 -16.25 -27.66
CA GLN D 9 -36.76 -17.08 -28.37
C GLN D 9 -35.35 -16.54 -28.19
N VAL D 10 -35.21 -15.22 -28.08
CA VAL D 10 -33.90 -14.62 -27.88
C VAL D 10 -33.62 -14.43 -26.39
N PHE D 11 -34.63 -14.02 -25.63
CA PHE D 11 -34.45 -13.64 -24.23
C PHE D 11 -34.65 -14.84 -23.32
N ASP D 12 -33.92 -14.86 -22.21
CA ASP D 12 -34.12 -15.87 -21.20
C ASP D 12 -35.34 -15.51 -20.34
N PRO D 13 -36.33 -16.40 -20.22
CA PRO D 13 -37.50 -16.04 -19.40
C PRO D 13 -37.16 -15.70 -17.96
N ARG D 14 -36.26 -16.45 -17.34
CA ARG D 14 -35.99 -16.24 -15.92
C ARG D 14 -35.42 -14.85 -15.67
N ARG D 15 -34.42 -14.43 -16.44
CA ARG D 15 -33.80 -13.13 -16.22
C ARG D 15 -34.78 -12.01 -16.51
N VAL D 16 -35.59 -12.16 -17.56
CA VAL D 16 -36.58 -11.15 -17.88
C VAL D 16 -37.57 -11.01 -16.73
N PHE D 17 -38.06 -12.15 -16.20
CA PHE D 17 -39.01 -12.10 -15.09
C PHE D 17 -38.39 -11.44 -13.87
N VAL D 18 -37.15 -11.78 -13.55
CA VAL D 18 -36.50 -11.23 -12.38
C VAL D 18 -36.35 -9.71 -12.50
N ALA D 19 -35.80 -9.25 -13.63
CA ALA D 19 -35.63 -7.82 -13.80
C ALA D 19 -36.97 -7.10 -13.84
N GLN D 20 -37.97 -7.72 -14.46
CA GLN D 20 -39.30 -7.13 -14.50
C GLN D 20 -39.86 -6.94 -13.09
N GLY D 21 -39.79 -7.99 -12.27
CA GLY D 21 -40.28 -7.87 -10.90
C GLY D 21 -39.58 -6.79 -10.13
N VAL D 22 -38.24 -6.79 -10.17
CA VAL D 22 -37.48 -5.79 -9.44
C VAL D 22 -37.86 -4.38 -9.89
N PHE D 23 -37.95 -4.18 -11.20
CA PHE D 23 -38.24 -2.86 -11.74
C PHE D 23 -39.64 -2.41 -11.39
N LEU D 24 -40.61 -3.31 -11.49
CA LEU D 24 -41.99 -2.95 -11.16
C LEU D 24 -42.12 -2.57 -9.70
N PHE D 25 -41.52 -3.37 -8.81
CA PHE D 25 -41.59 -3.04 -7.39
C PHE D 25 -40.94 -1.69 -7.11
N LEU D 26 -39.73 -1.46 -7.63
CA LEU D 26 -39.08 -0.18 -7.40
C LEU D 26 -39.92 0.98 -7.94
N LEU D 27 -40.55 0.78 -9.10
CA LEU D 27 -41.37 1.83 -9.68
C LEU D 27 -42.55 2.16 -8.78
N ALA D 28 -43.31 1.15 -8.37
CA ALA D 28 -44.45 1.40 -7.50
C ALA D 28 -44.01 2.04 -6.19
N VAL D 29 -42.86 1.63 -5.67
CA VAL D 29 -42.33 2.23 -4.46
C VAL D 29 -42.08 3.71 -4.67
N MET D 30 -41.43 4.07 -5.77
CA MET D 30 -41.12 5.48 -6.01
C MET D 30 -42.39 6.29 -6.20
N ILE D 31 -43.39 5.73 -6.90
CA ILE D 31 -44.66 6.44 -7.05
C ILE D 31 -45.27 6.72 -5.70
N HIS D 32 -45.46 5.68 -4.90
CA HIS D 32 -46.04 5.87 -3.57
C HIS D 32 -45.24 6.86 -2.75
N LEU D 33 -43.91 6.85 -2.90
CA LEU D 33 -43.08 7.70 -2.07
C LEU D 33 -43.20 9.17 -2.46
N ILE D 34 -43.22 9.45 -3.77
CA ILE D 34 -43.33 10.83 -4.22
C ILE D 34 -44.74 11.34 -3.99
N LEU D 35 -45.71 10.44 -3.86
CA LEU D 35 -47.02 10.85 -3.37
C LEU D 35 -46.95 11.20 -1.89
N LEU D 36 -46.33 10.33 -1.09
CA LEU D 36 -46.18 10.60 0.34
C LEU D 36 -45.50 11.94 0.59
N SER D 37 -44.58 12.34 -0.31
CA SER D 37 -43.95 13.64 -0.13
C SER D 37 -44.92 14.77 -0.43
N LYS D 38 -45.82 14.56 -1.39
CA LYS D 38 -46.86 15.55 -1.66
C LYS D 38 -47.75 15.70 -0.42
N PRO D 39 -47.88 16.90 0.15
CA PRO D 39 -48.76 17.05 1.32
C PRO D 39 -50.22 16.76 1.02
N ASP D 40 -50.67 17.03 -0.21
CA ASP D 40 -52.10 16.91 -0.51
C ASP D 40 -52.50 15.47 -0.80
N TYR D 41 -51.58 14.66 -1.31
CA TYR D 41 -51.89 13.31 -1.73
C TYR D 41 -51.55 12.25 -0.68
N ASN D 42 -50.94 12.65 0.43
CA ASN D 42 -50.59 11.71 1.48
C ASN D 42 -51.87 11.15 2.11
N TRP D 43 -52.22 9.92 1.73
CA TRP D 43 -53.47 9.34 2.21
C TRP D 43 -53.49 9.24 3.72
N LEU D 44 -52.31 9.18 4.35
CA LEU D 44 -52.25 9.13 5.80
C LEU D 44 -52.65 10.47 6.40
N ASP D 45 -51.97 11.55 6.00
CA ASP D 45 -52.34 12.87 6.48
C ASP D 45 -53.75 13.24 6.06
N VAL D 46 -54.21 12.72 4.91
CA VAL D 46 -55.56 13.02 4.45
C VAL D 46 -56.59 12.35 5.36
N GLY D 47 -56.36 11.09 5.72
CA GLY D 47 -57.24 10.43 6.67
C GLY D 47 -57.16 11.07 8.04
N THR D 48 -56.00 11.65 8.37
CA THR D 48 -55.85 12.37 9.63
C THR D 48 -56.73 13.62 9.64
N ALA D 49 -56.62 14.43 8.59
CA ALA D 49 -57.42 15.65 8.50
C ALA D 49 -58.91 15.33 8.44
N LYS D 50 -59.30 14.38 7.59
CA LYS D 50 -60.71 14.08 7.41
C LYS D 50 -61.40 13.84 8.75
N TYR D 51 -60.93 12.85 9.49
CA TYR D 51 -61.45 12.60 10.82
C TYR D 51 -60.82 13.57 11.82
N GLY D 52 -61.16 13.40 13.10
CA GLY D 52 -60.71 14.36 14.10
C GLY D 52 -59.23 14.26 14.38
N ARG D 53 -58.75 13.07 14.74
CA ARG D 53 -57.36 12.85 15.11
C ARG D 53 -56.38 13.59 14.21
N MET E 1 33.37 21.47 -44.51
CA MET E 1 32.17 22.28 -44.85
C MET E 1 31.56 21.78 -46.15
N SER E 2 32.43 21.36 -47.06
CA SER E 2 32.01 20.75 -48.31
C SER E 2 31.68 19.27 -48.16
N LYS E 3 32.04 18.66 -47.03
CA LYS E 3 31.81 17.24 -46.80
C LYS E 3 30.72 16.99 -45.78
N PHE E 4 29.78 17.92 -45.63
CA PHE E 4 28.68 17.76 -44.70
C PHE E 4 27.69 16.69 -45.13
N TYR E 5 27.76 16.24 -46.38
CA TYR E 5 26.84 15.22 -46.87
C TYR E 5 27.02 13.88 -46.18
N LYS E 6 28.10 13.71 -45.42
CA LYS E 6 28.33 12.46 -44.71
C LYS E 6 27.47 12.33 -43.46
N ILE E 7 26.68 13.35 -43.13
CA ILE E 7 25.76 13.23 -42.01
C ILE E 7 24.63 12.28 -42.37
N TRP E 8 24.40 12.06 -43.66
CA TRP E 8 23.43 11.07 -44.12
C TRP E 8 24.01 9.67 -44.15
N GLN E 9 25.33 9.55 -44.04
CA GLN E 9 25.98 8.27 -43.81
C GLN E 9 26.01 7.91 -42.34
N VAL E 10 25.55 8.80 -41.47
CA VAL E 10 25.47 8.57 -40.04
C VAL E 10 24.04 8.35 -39.59
N PHE E 11 23.12 9.17 -40.07
CA PHE E 11 21.72 9.12 -39.67
C PHE E 11 20.84 8.86 -40.89
N ASP E 12 19.84 8.00 -40.69
CA ASP E 12 18.91 7.68 -41.77
C ASP E 12 18.12 8.92 -42.15
N PRO E 13 18.11 9.31 -43.43
CA PRO E 13 17.49 10.60 -43.79
C PRO E 13 15.98 10.62 -43.67
N ARG E 14 15.31 9.47 -43.81
CA ARG E 14 13.85 9.44 -43.66
C ARG E 14 13.44 9.88 -42.26
N ARG E 15 13.97 9.21 -41.25
CA ARG E 15 13.65 9.55 -39.87
C ARG E 15 14.07 10.98 -39.57
N VAL E 16 15.18 11.44 -40.14
CA VAL E 16 15.66 12.78 -39.88
C VAL E 16 14.71 13.82 -40.47
N PHE E 17 14.22 13.58 -41.69
CA PHE E 17 13.25 14.49 -42.29
C PHE E 17 11.98 14.57 -41.46
N VAL E 18 11.44 13.42 -41.06
CA VAL E 18 10.21 13.43 -40.27
C VAL E 18 10.43 14.17 -38.95
N ALA E 19 11.52 13.85 -38.26
CA ALA E 19 11.80 14.49 -36.98
C ALA E 19 12.04 15.98 -37.14
N GLN E 20 12.62 16.39 -38.28
CA GLN E 20 12.87 17.80 -38.51
C GLN E 20 11.58 18.55 -38.76
N GLY E 21 10.67 17.97 -39.55
CA GLY E 21 9.35 18.55 -39.68
C GLY E 21 8.68 18.74 -38.34
N VAL E 22 8.70 17.70 -37.50
CA VAL E 22 8.10 17.81 -36.17
C VAL E 22 8.74 18.93 -35.37
N PHE E 23 10.07 18.91 -35.28
CA PHE E 23 10.81 19.92 -34.53
C PHE E 23 10.45 21.33 -34.98
N LEU E 24 10.52 21.57 -36.29
CA LEU E 24 10.30 22.92 -36.80
C LEU E 24 8.87 23.36 -36.57
N PHE E 25 7.90 22.47 -36.78
CA PHE E 25 6.51 22.83 -36.51
C PHE E 25 6.31 23.22 -35.06
N LEU E 26 6.84 22.42 -34.13
CA LEU E 26 6.64 22.70 -32.72
C LEU E 26 7.34 24.00 -32.32
N LEU E 27 8.53 24.25 -32.86
CA LEU E 27 9.23 25.49 -32.56
C LEU E 27 8.45 26.70 -33.05
N ALA E 28 7.97 26.64 -34.30
CA ALA E 28 7.18 27.74 -34.83
C ALA E 28 5.93 27.97 -34.01
N VAL E 29 5.25 26.89 -33.60
CA VAL E 29 4.04 27.03 -32.79
C VAL E 29 4.37 27.68 -31.46
N MET E 30 5.47 27.25 -30.84
CA MET E 30 5.88 27.84 -29.56
C MET E 30 6.14 29.34 -29.70
N ILE E 31 6.82 29.74 -30.77
CA ILE E 31 7.13 31.16 -30.95
C ILE E 31 5.86 31.96 -31.22
N HIS E 32 4.97 31.42 -32.06
CA HIS E 32 3.71 32.09 -32.30
C HIS E 32 2.92 32.25 -31.01
N LEU E 33 2.98 31.26 -30.13
CA LEU E 33 2.26 31.36 -28.87
C LEU E 33 2.90 32.38 -27.94
N ILE E 34 4.23 32.40 -27.89
CA ILE E 34 4.93 33.43 -27.12
C ILE E 34 4.49 34.82 -27.57
N LEU E 35 4.39 35.02 -28.88
CA LEU E 35 4.01 36.34 -29.39
C LEU E 35 2.55 36.63 -29.11
N LEU E 36 1.68 35.62 -29.22
CA LEU E 36 0.27 35.82 -28.91
C LEU E 36 0.07 36.14 -27.43
N SER E 37 0.98 35.66 -26.58
CA SER E 37 0.91 35.96 -25.16
C SER E 37 1.27 37.40 -24.84
N LYS E 38 1.55 38.23 -25.83
CA LYS E 38 1.87 39.62 -25.61
C LYS E 38 0.93 40.52 -26.42
N PRO E 39 0.31 41.52 -25.81
CA PRO E 39 -0.62 42.37 -26.57
C PRO E 39 0.01 43.11 -27.73
N ASP E 40 1.27 43.54 -27.61
CA ASP E 40 1.87 44.34 -28.66
C ASP E 40 2.17 43.50 -29.90
N TYR E 41 2.56 42.24 -29.69
CA TYR E 41 2.89 41.35 -30.79
C TYR E 41 1.74 40.46 -31.20
N ASN E 42 0.70 40.36 -30.38
CA ASN E 42 -0.51 39.67 -30.78
C ASN E 42 -1.13 40.42 -31.95
N TRP E 43 -1.44 39.69 -33.03
CA TRP E 43 -1.98 40.29 -34.24
C TRP E 43 -3.47 40.07 -34.40
N LEU E 44 -4.07 39.22 -33.56
CA LEU E 44 -5.52 39.06 -33.60
C LEU E 44 -6.20 40.06 -32.67
N ASP E 45 -5.91 39.96 -31.37
CA ASP E 45 -6.47 40.88 -30.37
C ASP E 45 -7.94 41.24 -30.56
N LEU F 7 32.27 3.94 -45.19
CA LEU F 7 31.83 3.73 -43.79
C LEU F 7 30.32 3.49 -43.76
N SER F 8 29.54 4.57 -43.87
CA SER F 8 28.12 4.52 -44.18
C SER F 8 27.35 3.59 -43.25
N PHE F 9 27.29 3.99 -41.98
CA PHE F 9 26.40 3.35 -41.03
C PHE F 9 25.00 3.13 -41.64
N THR F 10 24.52 4.11 -42.40
CA THR F 10 23.21 3.96 -43.03
C THR F 10 23.27 3.03 -44.23
N GLY F 11 24.39 3.02 -44.95
CA GLY F 11 24.52 2.27 -46.18
C GLY F 11 24.52 3.12 -47.43
N LEU F 12 24.31 4.42 -47.29
CA LEU F 12 24.33 5.31 -48.45
C LEU F 12 25.75 5.49 -48.96
N SER F 13 25.90 5.46 -50.27
CA SER F 13 27.17 5.77 -50.88
C SER F 13 27.39 7.28 -50.91
N ASP F 14 28.65 7.69 -51.05
CA ASP F 14 28.97 9.11 -51.05
C ASP F 14 28.10 9.88 -52.05
N GLU F 15 27.77 9.26 -53.18
CA GLU F 15 27.04 9.98 -54.22
C GLU F 15 25.55 10.09 -53.91
N GLN F 16 24.94 9.01 -53.41
CA GLN F 16 23.57 9.13 -52.91
C GLN F 16 23.47 10.25 -51.88
N ALA F 17 24.43 10.31 -50.96
CA ALA F 17 24.41 11.33 -49.93
C ALA F 17 24.62 12.71 -50.52
N GLN F 18 25.47 12.82 -51.53
CA GLN F 18 25.66 14.11 -52.20
C GLN F 18 24.36 14.60 -52.82
N GLU F 19 23.65 13.73 -53.53
CA GLU F 19 22.39 14.13 -54.15
C GLU F 19 21.36 14.53 -53.11
N LEU F 20 21.21 13.71 -52.07
CA LEU F 20 20.25 14.01 -51.03
C LEU F 20 20.59 15.32 -50.31
N HIS F 21 21.88 15.56 -50.07
CA HIS F 21 22.26 16.80 -49.43
C HIS F 21 22.04 17.99 -50.35
N SER F 22 22.22 17.80 -51.66
CA SER F 22 21.91 18.86 -52.60
C SER F 22 20.46 19.28 -52.48
N VAL F 23 19.53 18.31 -52.53
CA VAL F 23 18.12 18.67 -52.43
C VAL F 23 17.83 19.27 -51.07
N TYR F 24 18.50 18.76 -50.02
CA TYR F 24 18.28 19.26 -48.67
C TYR F 24 18.69 20.72 -48.55
N MET F 25 19.86 21.08 -49.07
CA MET F 25 20.30 22.47 -49.00
C MET F 25 19.41 23.35 -49.86
N SER F 26 18.93 22.85 -51.00
CA SER F 26 17.97 23.61 -51.78
C SER F 26 16.77 24.00 -50.92
N GLY F 27 16.12 23.00 -50.30
CA GLY F 27 14.99 23.28 -49.46
C GLY F 27 15.32 24.18 -48.29
N LEU F 28 16.51 24.00 -47.72
CA LEU F 28 16.93 24.83 -46.58
C LEU F 28 17.02 26.28 -46.97
N TRP F 29 17.70 26.57 -48.08
CA TRP F 29 17.85 27.96 -48.50
C TRP F 29 16.50 28.57 -48.86
N LEU F 30 15.61 27.77 -49.46
CA LEU F 30 14.26 28.29 -49.71
C LEU F 30 13.56 28.65 -48.42
N PHE F 31 13.58 27.74 -47.44
CA PHE F 31 12.97 28.01 -46.14
C PHE F 31 13.56 29.26 -45.50
N VAL F 32 14.88 29.40 -45.55
CA VAL F 32 15.54 30.54 -44.91
C VAL F 32 15.16 31.84 -45.61
N THR F 33 15.03 31.81 -46.94
CA THR F 33 14.61 33.02 -47.65
C THR F 33 13.20 33.42 -47.26
N ILE F 34 12.27 32.46 -47.25
CA ILE F 34 10.92 32.75 -46.83
C ILE F 34 10.91 33.32 -45.42
N ALA F 35 11.74 32.76 -44.54
CA ALA F 35 11.73 33.17 -43.15
C ALA F 35 12.27 34.57 -42.98
N VAL F 36 13.35 34.91 -43.69
CA VAL F 36 13.90 36.25 -43.59
C VAL F 36 12.93 37.27 -44.18
N ILE F 37 12.20 36.89 -45.22
CA ILE F 37 11.18 37.79 -45.76
C ILE F 37 10.10 38.05 -44.72
N ALA F 38 9.58 36.98 -44.12
CA ALA F 38 8.58 37.14 -43.06
C ALA F 38 9.13 38.00 -41.92
N HIS F 39 10.41 37.85 -41.60
CA HIS F 39 10.99 38.62 -40.51
C HIS F 39 11.09 40.09 -40.87
N ILE F 40 11.43 40.40 -42.12
CA ILE F 40 11.42 41.79 -42.56
C ILE F 40 10.02 42.37 -42.41
N ALA F 41 9.01 41.61 -42.84
CA ALA F 41 7.63 42.09 -42.73
C ALA F 41 7.26 42.36 -41.28
N VAL F 42 7.56 41.41 -40.38
CA VAL F 42 7.21 41.58 -38.98
C VAL F 42 7.99 42.73 -38.37
N TYR F 43 9.20 42.99 -38.85
CA TYR F 43 9.99 44.08 -38.30
C TYR F 43 9.44 45.43 -38.75
N ILE F 44 8.93 45.51 -39.97
CA ILE F 44 8.25 46.73 -40.40
C ILE F 44 6.97 46.91 -39.60
N TRP F 45 6.28 45.82 -39.30
CA TRP F 45 5.08 45.91 -38.48
C TRP F 45 5.44 46.17 -37.01
N ARG F 46 6.17 45.26 -36.39
CA ARG F 46 6.52 45.37 -34.96
C ARG F 46 8.01 45.15 -34.78
N PRO F 47 8.80 46.22 -34.77
CA PRO F 47 10.22 46.07 -34.48
C PRO F 47 10.43 45.55 -33.05
N TRP F 48 11.48 44.75 -32.89
CA TRP F 48 11.84 44.22 -31.58
C TRP F 48 13.28 44.53 -31.19
N LEU F 49 13.92 45.47 -31.88
CA LEU F 49 15.30 45.82 -31.57
C LEU F 49 15.52 47.33 -31.70
N MET G 1 46.89 17.86 -28.53
CA MET G 1 46.14 18.93 -29.26
C MET G 1 46.08 18.59 -30.73
N SER G 2 47.19 18.04 -31.22
CA SER G 2 47.30 17.53 -32.58
C SER G 2 46.64 16.18 -32.74
N LYS G 3 46.23 15.54 -31.65
CA LYS G 3 45.78 14.16 -31.65
C LYS G 3 44.38 14.00 -31.06
N PHE G 4 43.60 15.08 -31.03
CA PHE G 4 42.23 15.03 -30.52
C PHE G 4 41.31 14.18 -31.39
N TYR G 5 41.68 13.92 -32.64
CA TYR G 5 40.87 13.06 -33.49
C TYR G 5 40.66 11.68 -32.88
N LYS G 6 41.51 11.29 -31.94
CA LYS G 6 41.40 9.99 -31.28
C LYS G 6 40.17 9.88 -30.40
N ILE G 7 39.46 10.98 -30.15
CA ILE G 7 38.21 10.92 -29.41
C ILE G 7 37.16 10.15 -30.19
N TRP G 8 37.37 9.95 -31.48
CA TRP G 8 36.48 9.16 -32.32
C TRP G 8 36.88 7.70 -32.38
N GLN G 9 38.10 7.37 -31.98
CA GLN G 9 38.47 6.01 -31.66
C GLN G 9 38.01 5.61 -30.26
N VAL G 10 37.35 6.51 -29.55
CA VAL G 10 36.84 6.28 -28.21
C VAL G 10 35.32 6.31 -28.19
N PHE G 11 34.72 7.38 -28.71
CA PHE G 11 33.28 7.56 -28.73
C PHE G 11 32.73 7.28 -30.11
N ASP G 12 31.48 6.85 -30.15
CA ASP G 12 30.81 6.65 -31.42
C ASP G 12 30.22 7.98 -31.92
N PRO G 13 30.35 8.29 -33.21
CA PRO G 13 29.82 9.57 -33.69
C PRO G 13 28.34 9.76 -33.41
N ARG G 14 27.56 8.68 -33.46
CA ARG G 14 26.11 8.82 -33.40
C ARG G 14 25.65 9.29 -32.04
N ARG G 15 26.03 8.57 -30.99
CA ARG G 15 25.68 8.98 -29.63
C ARG G 15 26.21 10.37 -29.33
N VAL G 16 27.42 10.68 -29.79
CA VAL G 16 28.02 11.96 -29.51
C VAL G 16 27.22 13.09 -30.15
N PHE G 17 26.81 12.91 -31.40
CA PHE G 17 26.06 13.95 -32.08
C PHE G 17 24.68 14.12 -31.47
N VAL G 18 24.02 13.02 -31.10
CA VAL G 18 22.75 13.13 -30.40
C VAL G 18 22.92 13.93 -29.12
N ALA G 19 23.85 13.51 -28.27
CA ALA G 19 24.06 14.19 -26.99
C ALA G 19 24.38 15.66 -27.19
N GLN G 20 25.28 15.95 -28.13
CA GLN G 20 25.71 17.32 -28.36
C GLN G 20 24.56 18.18 -28.84
N GLY G 21 23.74 17.68 -29.76
CA GLY G 21 22.60 18.46 -30.21
C GLY G 21 21.63 18.75 -29.08
N VAL G 22 21.29 17.73 -28.30
CA VAL G 22 20.38 17.94 -27.18
C VAL G 22 20.96 18.96 -26.21
N PHE G 23 22.25 18.80 -25.87
CA PHE G 23 22.90 19.70 -24.94
C PHE G 23 22.88 21.14 -25.45
N LEU G 24 23.17 21.35 -26.73
CA LEU G 24 23.22 22.70 -27.26
C LEU G 24 21.84 23.34 -27.29
N PHE G 25 20.82 22.59 -27.73
CA PHE G 25 19.47 23.15 -27.74
C PHE G 25 19.01 23.48 -26.33
N LEU G 26 19.30 22.60 -25.38
CA LEU G 26 18.95 22.84 -23.99
C LEU G 26 19.61 24.10 -23.46
N LEU G 27 20.92 24.23 -23.70
CA LEU G 27 21.66 25.39 -23.20
C LEU G 27 21.15 26.68 -23.82
N ALA G 28 20.90 26.67 -25.13
CA ALA G 28 20.38 27.87 -25.79
C ALA G 28 19.02 28.27 -25.23
N VAL G 29 18.11 27.30 -25.08
CA VAL G 29 16.82 27.60 -24.49
C VAL G 29 17.00 28.16 -23.08
N MET G 30 17.92 27.58 -22.31
CA MET G 30 18.12 28.02 -20.94
C MET G 30 18.58 29.47 -20.89
N ILE G 31 19.52 29.84 -21.75
CA ILE G 31 20.03 31.21 -21.73
C ILE G 31 18.98 32.19 -22.24
N HIS G 32 18.28 31.83 -23.31
CA HIS G 32 17.21 32.70 -23.79
C HIS G 32 16.16 32.94 -22.71
N LEU G 33 15.86 31.90 -21.92
CA LEU G 33 14.88 32.07 -20.84
C LEU G 33 15.44 32.91 -19.71
N ILE G 34 16.71 32.69 -19.35
CA ILE G 34 17.35 33.53 -18.35
C ILE G 34 17.26 35.00 -18.75
N LEU G 35 17.41 35.27 -20.04
CA LEU G 35 17.30 36.65 -20.50
C LEU G 35 15.85 37.15 -20.42
N LEU G 36 14.91 36.41 -21.00
CA LEU G 36 13.51 36.78 -20.94
C LEU G 36 13.01 36.98 -19.51
N SER G 37 13.66 36.37 -18.53
CA SER G 37 13.25 36.48 -17.14
C SER G 37 13.71 37.78 -16.49
N LYS G 38 14.43 38.61 -17.23
CA LYS G 38 14.92 39.88 -16.74
C LYS G 38 14.16 41.00 -17.42
N PRO G 39 13.53 41.92 -16.67
CA PRO G 39 12.85 43.04 -17.35
C PRO G 39 13.74 43.75 -18.34
N ASP G 40 15.04 43.81 -18.04
CA ASP G 40 16.03 44.18 -19.04
C ASP G 40 16.52 42.93 -19.74
N TYR G 41 17.01 43.10 -20.96
CA TYR G 41 17.45 42.03 -21.84
C TYR G 41 16.28 41.26 -22.43
N ASN G 42 15.06 41.51 -21.99
CA ASN G 42 13.88 41.00 -22.66
C ASN G 42 13.65 41.89 -23.89
N TRP G 43 14.05 41.38 -25.06
CA TRP G 43 14.04 42.21 -26.25
C TRP G 43 12.63 42.57 -26.67
N LEU G 44 11.66 41.76 -26.27
CA LEU G 44 10.27 42.05 -26.63
C LEU G 44 9.76 43.25 -25.84
N ASP G 45 9.83 43.18 -24.52
CA ASP G 45 9.43 44.31 -23.69
C ASP G 45 10.28 45.54 -23.95
N VAL G 46 11.58 45.34 -24.15
CA VAL G 46 12.48 46.46 -24.39
C VAL G 46 12.14 47.13 -25.73
N GLY G 47 11.74 46.35 -26.73
CA GLY G 47 11.32 46.94 -27.98
C GLY G 47 9.98 47.64 -27.85
N THR G 48 9.03 47.01 -27.16
CA THR G 48 7.76 47.66 -26.86
C THR G 48 7.98 49.03 -26.22
N ALA G 49 8.97 49.12 -25.33
CA ALA G 49 9.26 50.39 -24.68
C ALA G 49 9.92 51.37 -25.65
N LYS G 50 10.99 50.94 -26.33
CA LYS G 50 11.79 51.85 -27.14
C LYS G 50 10.96 52.57 -28.18
N TYR G 51 9.93 51.91 -28.72
CA TYR G 51 9.16 52.44 -29.83
C TYR G 51 7.84 53.03 -29.39
N GLY G 52 7.60 53.16 -28.10
CA GLY G 52 6.35 53.72 -27.61
C GLY G 52 5.15 52.93 -28.07
N ARG G 53 5.02 51.69 -27.61
CA ARG G 53 3.88 50.85 -27.98
C ARG G 53 3.20 50.30 -26.72
N MET H 1 54.02 9.93 -10.06
CA MET H 1 53.94 11.24 -10.76
C MET H 1 54.11 11.04 -12.25
N SER H 2 55.22 10.40 -12.62
CA SER H 2 55.49 10.04 -13.99
C SER H 2 54.81 8.74 -14.39
N LYS H 3 53.87 8.24 -13.58
CA LYS H 3 53.17 7.00 -13.86
C LYS H 3 51.67 7.13 -13.63
N PHE H 4 51.12 8.33 -13.76
CA PHE H 4 49.67 8.51 -13.63
C PHE H 4 48.93 7.93 -14.83
N TYR H 5 49.61 7.72 -15.95
CA TYR H 5 48.97 7.07 -17.09
C TYR H 5 48.43 5.69 -16.73
N LYS H 6 48.88 5.11 -15.61
CA LYS H 6 48.36 3.85 -15.15
C LYS H 6 46.88 3.94 -14.77
N ILE H 7 46.34 5.14 -14.58
CA ILE H 7 44.94 5.29 -14.22
C ILE H 7 44.03 4.84 -15.36
N TRP H 8 44.60 4.57 -16.53
CA TRP H 8 43.85 4.03 -17.65
C TRP H 8 44.00 2.53 -17.77
N GLN H 9 44.90 1.94 -17.00
CA GLN H 9 44.90 0.51 -16.76
C GLN H 9 43.94 0.13 -15.63
N VAL H 10 43.22 1.10 -15.08
CA VAL H 10 42.31 0.89 -13.98
C VAL H 10 40.87 1.26 -14.35
N PHE H 11 40.68 2.43 -14.96
CA PHE H 11 39.37 2.91 -15.36
C PHE H 11 39.30 2.96 -16.87
N ASP H 12 38.09 2.80 -17.39
CA ASP H 12 37.89 2.85 -18.83
C ASP H 12 37.72 4.30 -19.28
N PRO H 13 38.37 4.72 -20.37
CA PRO H 13 38.30 6.14 -20.75
C PRO H 13 36.91 6.63 -21.09
N ARG H 14 36.03 5.79 -21.62
CA ARG H 14 34.69 6.25 -21.94
C ARG H 14 33.94 6.69 -20.69
N ARG H 15 33.92 5.84 -19.67
CA ARG H 15 33.21 6.16 -18.45
C ARG H 15 33.80 7.37 -17.77
N VAL H 16 35.13 7.45 -17.73
CA VAL H 16 35.80 8.58 -17.10
C VAL H 16 35.49 9.87 -17.84
N PHE H 17 35.47 9.82 -19.17
CA PHE H 17 35.20 11.01 -19.96
C PHE H 17 33.76 11.48 -19.74
N VAL H 18 32.80 10.56 -19.80
CA VAL H 18 31.41 10.91 -19.55
C VAL H 18 31.25 11.49 -18.15
N ALA H 19 31.86 10.86 -17.16
CA ALA H 19 31.72 11.32 -15.78
C ALA H 19 32.32 12.71 -15.61
N GLN H 20 33.53 12.95 -16.13
CA GLN H 20 34.15 14.25 -15.97
C GLN H 20 33.38 15.33 -16.73
N GLY H 21 32.81 14.99 -17.89
CA GLY H 21 32.02 15.98 -18.61
C GLY H 21 30.79 16.39 -17.85
N VAL H 22 30.01 15.41 -17.37
CA VAL H 22 28.85 15.74 -16.55
C VAL H 22 29.27 16.55 -15.32
N PHE H 23 30.33 16.11 -14.65
CA PHE H 23 30.78 16.79 -13.44
C PHE H 23 31.13 18.24 -13.73
N LEU H 24 31.88 18.48 -14.81
CA LEU H 24 32.32 19.83 -15.12
C LEU H 24 31.16 20.72 -15.53
N PHE H 25 30.26 20.22 -16.37
CA PHE H 25 29.10 21.03 -16.75
C PHE H 25 28.27 21.40 -15.52
N LEU H 26 27.98 20.42 -14.66
CA LEU H 26 27.16 20.71 -13.49
C LEU H 26 27.87 21.69 -12.56
N LEU H 27 29.17 21.51 -12.34
CA LEU H 27 29.92 22.42 -11.49
C LEU H 27 29.89 23.84 -12.04
N ALA H 28 30.13 23.99 -13.34
CA ALA H 28 30.08 25.31 -13.95
C ALA H 28 28.71 25.93 -13.81
N VAL H 29 27.66 25.17 -14.08
CA VAL H 29 26.30 25.69 -13.94
C VAL H 29 26.06 26.16 -12.50
N MET H 30 26.48 25.36 -11.53
CA MET H 30 26.21 25.71 -10.14
C MET H 30 26.97 26.96 -9.73
N ILE H 31 28.21 27.11 -10.18
CA ILE H 31 28.97 28.30 -9.81
C ILE H 31 28.40 29.52 -10.50
N HIS H 32 28.03 29.41 -11.78
CA HIS H 32 27.39 30.52 -12.47
C HIS H 32 26.13 30.96 -11.75
N LEU H 33 25.29 30.00 -11.34
CA LEU H 33 24.06 30.35 -10.65
C LEU H 33 24.34 30.90 -9.25
N ILE H 34 25.39 30.43 -8.59
CA ILE H 34 25.78 30.99 -7.30
C ILE H 34 26.11 32.46 -7.46
N LEU H 35 26.84 32.80 -8.51
CA LEU H 35 27.19 34.20 -8.74
C LEU H 35 25.97 35.00 -9.19
N LEU H 36 25.07 34.37 -9.92
CA LEU H 36 23.86 35.04 -10.39
C LEU H 36 22.92 35.33 -9.24
N SER H 37 22.98 34.51 -8.19
CA SER H 37 22.16 34.70 -7.01
C SER H 37 22.64 35.85 -6.14
N LYS H 38 23.92 36.19 -6.23
CA LYS H 38 24.46 37.35 -5.52
C LYS H 38 24.31 38.58 -6.40
N PRO H 39 23.49 39.56 -6.04
CA PRO H 39 23.31 40.73 -6.91
C PRO H 39 24.59 41.51 -7.14
N ASP H 40 25.64 41.22 -6.36
CA ASP H 40 26.91 41.90 -6.54
C ASP H 40 27.74 41.25 -7.64
N TYR H 41 27.50 39.97 -7.91
CA TYR H 41 28.20 39.24 -8.95
C TYR H 41 27.29 38.83 -10.09
N ASN H 42 26.02 39.26 -10.06
CA ASN H 42 25.14 39.12 -11.21
C ASN H 42 25.54 40.14 -12.26
N TRP H 43 26.29 39.68 -13.27
CA TRP H 43 26.86 40.60 -14.24
C TRP H 43 25.77 41.28 -15.06
N LEU H 44 24.60 40.67 -15.13
CA LEU H 44 23.50 41.25 -15.90
C LEU H 44 22.97 42.51 -15.22
N ASP H 45 22.60 42.39 -13.94
CA ASP H 45 22.20 43.56 -13.18
C ASP H 45 23.30 44.62 -13.14
N VAL H 46 24.56 44.18 -13.10
CA VAL H 46 25.67 45.13 -13.18
C VAL H 46 25.60 45.93 -14.47
N GLY H 47 25.63 45.25 -15.62
CA GLY H 47 25.54 45.95 -16.89
C GLY H 47 24.30 46.82 -16.99
N THR H 48 23.23 46.42 -16.30
CA THR H 48 22.05 47.26 -16.22
C THR H 48 22.34 48.54 -15.44
N ALA H 49 23.21 48.44 -14.43
CA ALA H 49 23.49 49.58 -13.56
C ALA H 49 24.47 50.55 -14.20
N LYS H 50 25.63 50.05 -14.64
CA LYS H 50 26.68 50.96 -15.10
C LYS H 50 26.30 51.69 -16.37
N TYR H 51 25.30 51.19 -17.09
CA TYR H 51 24.85 51.82 -18.32
C TYR H 51 23.52 52.55 -18.16
N GLY H 52 22.99 52.61 -16.93
CA GLY H 52 21.73 53.29 -16.69
C GLY H 52 20.56 52.74 -17.48
N ARG H 53 20.16 51.52 -17.19
CA ARG H 53 19.01 50.92 -17.85
C ARG H 53 18.05 50.30 -16.84
N LEU I 7 50.02 -5.33 -14.84
CA LEU I 7 48.62 -5.46 -14.35
C LEU I 7 47.73 -4.40 -15.00
N SER I 8 46.61 -4.85 -15.56
CA SER I 8 45.65 -3.96 -16.19
C SER I 8 44.25 -4.54 -16.05
N PHE I 9 43.32 -3.72 -15.58
CA PHE I 9 41.92 -4.10 -15.50
C PHE I 9 41.15 -3.73 -16.76
N THR I 10 41.74 -2.96 -17.66
CA THR I 10 41.08 -2.53 -18.89
C THR I 10 41.64 -3.22 -20.13
N GLY I 11 42.78 -3.90 -20.02
CA GLY I 11 43.40 -4.52 -21.16
C GLY I 11 44.31 -3.62 -21.96
N LEU I 12 44.65 -2.46 -21.42
CA LEU I 12 45.49 -1.50 -22.12
C LEU I 12 46.95 -1.67 -21.72
N SER I 13 47.82 -1.62 -22.72
CA SER I 13 49.25 -1.70 -22.46
C SER I 13 49.79 -0.34 -22.02
N ASP I 14 51.03 -0.35 -21.53
CA ASP I 14 51.63 0.88 -21.03
C ASP I 14 51.73 1.94 -22.12
N GLU I 15 52.05 1.52 -23.35
CA GLU I 15 52.18 2.48 -24.44
C GLU I 15 50.84 3.13 -24.77
N GLN I 16 49.79 2.31 -24.88
CA GLN I 16 48.46 2.84 -25.14
C GLN I 16 48.06 3.85 -24.08
N ALA I 17 48.18 3.47 -22.81
CA ALA I 17 47.76 4.36 -21.74
C ALA I 17 48.63 5.61 -21.66
N GLN I 18 49.91 5.49 -21.99
CA GLN I 18 50.79 6.65 -21.98
C GLN I 18 50.39 7.64 -23.06
N GLU I 19 50.06 7.15 -24.25
CA GLU I 19 49.58 8.02 -25.32
C GLU I 19 48.25 8.67 -24.93
N LEU I 20 47.30 7.86 -24.46
CA LEU I 20 46.03 8.38 -23.98
C LEU I 20 46.25 9.48 -22.95
N HIS I 21 47.18 9.28 -22.03
CA HIS I 21 47.42 10.26 -20.99
C HIS I 21 48.04 11.53 -21.55
N SER I 22 48.92 11.38 -22.55
CA SER I 22 49.47 12.56 -23.19
C SER I 22 48.38 13.43 -23.78
N VAL I 23 47.41 12.80 -24.44
CA VAL I 23 46.35 13.59 -25.08
C VAL I 23 45.41 14.16 -24.02
N TYR I 24 45.07 13.37 -22.99
CA TYR I 24 44.25 13.86 -21.90
C TYR I 24 44.92 15.05 -21.21
N MET I 25 46.24 15.00 -21.06
CA MET I 25 46.97 16.10 -20.45
C MET I 25 46.91 17.35 -21.32
N SER I 26 47.12 17.20 -22.63
CA SER I 26 46.95 18.33 -23.53
C SER I 26 45.58 18.98 -23.33
N GLY I 27 44.53 18.17 -23.32
CA GLY I 27 43.19 18.71 -23.16
C GLY I 27 43.00 19.39 -21.81
N LEU I 28 43.50 18.77 -20.74
CA LEU I 28 43.37 19.33 -19.41
C LEU I 28 44.07 20.67 -19.31
N TRP I 29 45.28 20.77 -19.87
CA TRP I 29 46.03 22.01 -19.79
C TRP I 29 45.38 23.10 -20.63
N LEU I 30 44.77 22.74 -21.75
CA LEU I 30 44.04 23.74 -22.52
C LEU I 30 42.83 24.26 -21.75
N PHE I 31 42.04 23.34 -21.21
CA PHE I 31 40.92 23.72 -20.35
C PHE I 31 41.37 24.66 -19.24
N VAL I 32 42.45 24.30 -18.54
CA VAL I 32 42.92 25.10 -17.42
C VAL I 32 43.43 26.46 -17.89
N THR I 33 44.03 26.51 -19.08
CA THR I 33 44.51 27.78 -19.60
C THR I 33 43.35 28.73 -19.88
N ILE I 34 42.32 28.23 -20.55
CA ILE I 34 41.15 29.08 -20.81
C ILE I 34 40.52 29.52 -19.50
N ALA I 35 40.41 28.61 -18.54
CA ALA I 35 39.82 28.97 -17.25
C ALA I 35 40.65 30.03 -16.54
N VAL I 36 41.98 29.93 -16.61
CA VAL I 36 42.84 30.91 -15.98
C VAL I 36 42.65 32.28 -16.61
N ILE I 37 42.62 32.33 -17.94
CA ILE I 37 42.43 33.62 -18.62
C ILE I 37 41.10 34.22 -18.22
N ALA I 38 40.06 33.39 -18.15
CA ALA I 38 38.75 33.88 -17.77
C ALA I 38 38.74 34.41 -16.34
N HIS I 39 39.42 33.70 -15.44
CA HIS I 39 39.50 34.14 -14.05
C HIS I 39 40.24 35.46 -13.93
N ILE I 40 41.33 35.63 -14.68
CA ILE I 40 42.05 36.89 -14.66
C ILE I 40 41.16 38.03 -15.13
N ALA I 41 40.45 37.81 -16.24
CA ALA I 41 39.49 38.81 -16.72
C ALA I 41 38.50 39.17 -15.62
N VAL I 42 37.83 38.18 -15.04
CA VAL I 42 36.79 38.45 -14.06
C VAL I 42 37.38 39.13 -12.83
N TYR I 43 38.64 38.86 -12.52
CA TYR I 43 39.26 39.52 -11.39
C TYR I 43 39.51 40.99 -11.67
N ILE I 44 40.03 41.29 -12.86
CA ILE I 44 40.20 42.69 -13.24
C ILE I 44 38.85 43.39 -13.26
N TRP I 45 37.80 42.66 -13.60
CA TRP I 45 36.48 43.27 -13.77
C TRP I 45 35.75 43.39 -12.44
N ARG I 46 35.79 42.34 -11.62
CA ARG I 46 35.13 42.37 -10.31
C ARG I 46 35.82 41.41 -9.37
N PRO I 47 36.81 41.91 -8.61
CA PRO I 47 37.57 41.01 -7.72
C PRO I 47 36.71 40.44 -6.61
N TRP I 48 37.11 39.27 -6.10
CA TRP I 48 36.46 38.64 -4.98
C TRP I 48 37.37 38.45 -3.78
N LEU I 49 38.68 38.56 -3.95
CA LEU I 49 39.61 38.42 -2.85
C LEU I 49 40.33 39.75 -2.57
N LEU J 7 -39.15 -26.10 -18.45
CA LEU J 7 -38.75 -27.52 -18.30
C LEU J 7 -37.24 -27.63 -18.15
N SER J 8 -36.52 -27.49 -19.27
CA SER J 8 -35.07 -27.59 -19.24
C SER J 8 -34.43 -26.53 -18.35
N PHE J 9 -35.22 -25.58 -17.83
CA PHE J 9 -34.67 -24.59 -16.91
C PHE J 9 -34.67 -25.12 -15.47
N THR J 10 -35.66 -25.94 -15.12
CA THR J 10 -35.68 -26.60 -13.82
C THR J 10 -36.03 -28.08 -13.88
N GLY J 11 -36.66 -28.55 -14.95
CA GLY J 11 -36.88 -29.97 -15.15
C GLY J 11 -38.18 -30.53 -14.61
N LEU J 12 -39.00 -29.73 -13.95
CA LEU J 12 -40.23 -30.23 -13.37
C LEU J 12 -41.19 -30.68 -14.47
N SER J 13 -42.32 -31.24 -14.04
CA SER J 13 -43.39 -31.69 -14.93
C SER J 13 -44.69 -31.05 -14.48
N ASP J 14 -45.75 -31.24 -15.28
CA ASP J 14 -46.99 -30.54 -15.00
C ASP J 14 -47.62 -31.00 -13.70
N GLU J 15 -47.49 -32.29 -13.38
CA GLU J 15 -48.02 -32.78 -12.12
C GLU J 15 -47.29 -32.18 -10.94
N GLN J 16 -45.96 -32.21 -10.99
CA GLN J 16 -45.16 -31.62 -9.93
C GLN J 16 -45.47 -30.15 -9.76
N ALA J 17 -45.51 -29.42 -10.88
CA ALA J 17 -45.76 -27.99 -10.83
C ALA J 17 -47.17 -27.68 -10.35
N GLN J 18 -48.14 -28.52 -10.67
CA GLN J 18 -49.50 -28.30 -10.16
C GLN J 18 -49.57 -28.54 -8.66
N GLU J 19 -48.91 -29.59 -8.17
CA GLU J 19 -48.85 -29.79 -6.72
C GLU J 19 -48.20 -28.60 -6.03
N LEU J 20 -47.09 -28.12 -6.58
CA LEU J 20 -46.38 -27.00 -5.97
C LEU J 20 -47.22 -25.73 -6.00
N HIS J 21 -47.94 -25.50 -7.10
CA HIS J 21 -48.79 -24.32 -7.16
C HIS J 21 -49.98 -24.44 -6.21
N SER J 22 -50.49 -25.65 -6.03
CA SER J 22 -51.57 -25.85 -5.07
C SER J 22 -51.13 -25.48 -3.66
N VAL J 23 -50.01 -26.05 -3.23
CA VAL J 23 -49.51 -25.74 -1.88
C VAL J 23 -49.18 -24.25 -1.76
N TYR J 24 -48.56 -23.68 -2.80
CA TYR J 24 -48.18 -22.28 -2.76
C TYR J 24 -49.39 -21.37 -2.65
N MET J 25 -50.44 -21.66 -3.41
CA MET J 25 -51.62 -20.81 -3.39
C MET J 25 -52.41 -21.02 -2.11
N SER J 26 -52.36 -22.22 -1.54
CA SER J 26 -52.95 -22.40 -0.21
C SER J 26 -52.27 -21.49 0.81
N GLY J 27 -50.93 -21.55 0.86
CA GLY J 27 -50.20 -20.69 1.76
C GLY J 27 -50.48 -19.21 1.51
N LEU J 28 -50.54 -18.82 0.25
CA LEU J 28 -50.74 -17.42 -0.09
C LEU J 28 -52.13 -16.95 0.29
N TRP J 29 -53.14 -17.78 0.06
CA TRP J 29 -54.50 -17.41 0.44
C TRP J 29 -54.62 -17.30 1.95
N LEU J 30 -53.97 -18.19 2.68
CA LEU J 30 -53.98 -18.08 4.15
C LEU J 30 -53.30 -16.78 4.59
N PHE J 31 -52.12 -16.49 4.05
CA PHE J 31 -51.41 -15.27 4.37
C PHE J 31 -52.28 -14.04 4.10
N VAL J 32 -52.92 -13.99 2.94
CA VAL J 32 -53.66 -12.79 2.57
C VAL J 32 -54.96 -12.70 3.36
N THR J 33 -55.54 -13.83 3.76
CA THR J 33 -56.69 -13.79 4.66
C THR J 33 -56.31 -13.20 6.01
N ILE J 34 -55.18 -13.64 6.57
CA ILE J 34 -54.69 -13.04 7.81
C ILE J 34 -54.49 -11.54 7.62
N ALA J 35 -53.89 -11.16 6.48
CA ALA J 35 -53.59 -9.75 6.25
C ALA J 35 -54.87 -8.92 6.14
N VAL J 36 -55.91 -9.45 5.49
CA VAL J 36 -57.14 -8.68 5.34
C VAL J 36 -57.86 -8.58 6.69
N ILE J 37 -57.84 -9.65 7.47
CA ILE J 37 -58.41 -9.57 8.82
C ILE J 37 -57.72 -8.47 9.61
N ALA J 38 -56.39 -8.42 9.52
CA ALA J 38 -55.65 -7.38 10.23
C ALA J 38 -56.00 -6.00 9.73
N HIS J 39 -56.07 -5.83 8.41
CA HIS J 39 -56.41 -4.53 7.84
C HIS J 39 -57.81 -4.10 8.26
N ILE J 40 -58.73 -5.04 8.38
CA ILE J 40 -60.08 -4.71 8.82
C ILE J 40 -60.07 -4.24 10.26
N ALA J 41 -59.40 -5.00 11.13
CA ALA J 41 -59.26 -4.57 12.52
C ALA J 41 -58.67 -3.16 12.60
N VAL J 42 -57.65 -2.88 11.79
CA VAL J 42 -57.01 -1.57 11.83
C VAL J 42 -57.96 -0.49 11.32
N TYR J 43 -58.69 -0.78 10.25
CA TYR J 43 -59.66 0.18 9.72
C TYR J 43 -60.68 0.55 10.78
N ILE J 44 -61.14 -0.44 11.55
CA ILE J 44 -62.03 -0.14 12.65
C ILE J 44 -61.32 0.72 13.69
N TRP J 45 -60.12 0.32 14.11
CA TRP J 45 -59.39 1.07 15.12
C TRP J 45 -59.07 2.48 14.63
N ARG J 46 -58.48 2.58 13.44
CA ARG J 46 -58.10 3.88 12.88
C ARG J 46 -58.32 3.87 11.37
N PRO J 47 -59.47 4.34 10.89
CA PRO J 47 -59.72 4.33 9.45
C PRO J 47 -58.77 5.24 8.67
N TRP J 48 -58.42 4.82 7.46
CA TRP J 48 -57.61 5.60 6.55
C TRP J 48 -58.19 5.64 5.14
N LEU J 49 -59.33 5.00 4.91
CA LEU J 49 -59.96 4.89 3.60
C LEU J 49 -58.94 4.81 2.46
N MET K 1 54.06 0.67 8.56
CA MET K 1 54.34 1.90 7.79
C MET K 1 55.06 1.52 6.51
N SER K 2 55.90 0.50 6.63
CA SER K 2 56.63 -0.04 5.50
C SER K 2 55.77 -1.02 4.70
N LYS K 3 54.63 -1.43 5.26
CA LYS K 3 53.83 -2.50 4.70
C LYS K 3 52.39 -2.07 4.41
N PHE K 4 52.16 -0.76 4.26
CA PHE K 4 50.81 -0.29 3.96
C PHE K 4 50.37 -0.64 2.54
N TYR K 5 51.30 -1.04 1.68
CA TYR K 5 50.96 -1.37 0.30
C TYR K 5 50.11 -2.63 0.18
N LYS K 6 49.93 -3.37 1.28
CA LYS K 6 49.09 -4.56 1.24
C LYS K 6 47.60 -4.23 1.34
N ILE K 7 47.26 -2.98 1.66
CA ILE K 7 45.89 -2.53 1.51
C ILE K 7 45.41 -2.74 0.08
N TRP K 8 46.35 -2.88 -0.85
CA TRP K 8 45.98 -3.15 -2.23
C TRP K 8 45.83 -4.64 -2.49
N GLN K 9 46.43 -5.46 -1.65
CA GLN K 9 46.15 -6.89 -1.69
C GLN K 9 44.81 -7.20 -1.02
N VAL K 10 44.33 -6.31 -0.16
CA VAL K 10 43.05 -6.55 0.48
C VAL K 10 41.91 -5.81 -0.24
N PHE K 11 42.16 -4.58 -0.68
CA PHE K 11 41.14 -3.76 -1.30
C PHE K 11 41.30 -3.70 -2.81
N ASP K 12 40.18 -3.54 -3.50
CA ASP K 12 40.21 -3.32 -4.94
C ASP K 12 40.53 -1.85 -5.23
N PRO K 13 41.42 -1.55 -6.17
CA PRO K 13 41.78 -0.14 -6.42
C PRO K 13 40.65 0.67 -7.03
N ARG K 14 39.85 0.07 -7.90
CA ARG K 14 38.82 0.84 -8.61
C ARG K 14 37.76 1.36 -7.67
N ARG K 15 37.20 0.48 -6.84
CA ARG K 15 36.16 0.89 -5.91
C ARG K 15 36.65 1.97 -4.96
N VAL K 16 37.85 1.79 -4.40
CA VAL K 16 38.35 2.76 -3.43
C VAL K 16 38.70 4.07 -4.11
N PHE K 17 39.17 4.01 -5.35
CA PHE K 17 39.42 5.25 -6.08
C PHE K 17 38.14 6.04 -6.26
N VAL K 18 37.09 5.40 -6.77
CA VAL K 18 35.82 6.11 -6.95
C VAL K 18 35.27 6.58 -5.61
N ALA K 19 35.35 5.73 -4.58
CA ALA K 19 34.84 6.09 -3.27
C ALA K 19 35.54 7.32 -2.72
N GLN K 20 36.87 7.34 -2.75
CA GLN K 20 37.59 8.46 -2.17
C GLN K 20 37.45 9.71 -3.02
N GLY K 21 37.28 9.54 -4.35
CA GLY K 21 36.97 10.70 -5.16
C GLY K 21 35.65 11.35 -4.76
N VAL K 22 34.60 10.55 -4.66
CA VAL K 22 33.31 11.06 -4.21
C VAL K 22 33.45 11.68 -2.83
N PHE K 23 34.14 10.99 -1.92
CA PHE K 23 34.30 11.47 -0.55
C PHE K 23 35.02 12.81 -0.51
N LEU K 24 36.06 12.97 -1.32
CA LEU K 24 36.84 14.20 -1.29
C LEU K 24 36.07 15.35 -1.92
N PHE K 25 35.37 15.10 -3.02
CA PHE K 25 34.56 16.17 -3.60
C PHE K 25 33.47 16.61 -2.63
N LEU K 26 32.81 15.65 -1.97
CA LEU K 26 31.72 16.02 -1.06
C LEU K 26 32.26 16.72 0.18
N LEU K 27 33.44 16.33 0.65
CA LEU K 27 34.04 17.00 1.80
C LEU K 27 34.46 18.42 1.45
N ALA K 28 35.02 18.61 0.26
CA ALA K 28 35.35 19.95 -0.20
C ALA K 28 34.11 20.83 -0.27
N VAL K 29 33.05 20.31 -0.89
CA VAL K 29 31.80 21.06 -0.97
C VAL K 29 31.28 21.37 0.43
N MET K 30 31.34 20.39 1.33
CA MET K 30 30.85 20.57 2.68
C MET K 30 31.57 21.72 3.38
N ILE K 31 32.90 21.75 3.27
CA ILE K 31 33.65 22.78 3.99
C ILE K 31 33.45 24.14 3.32
N HIS K 32 33.42 24.17 1.99
CA HIS K 32 33.16 25.43 1.29
C HIS K 32 31.82 26.01 1.71
N LEU K 33 30.80 25.16 1.84
CA LEU K 33 29.48 25.65 2.22
C LEU K 33 29.44 26.06 3.69
N ILE K 34 30.13 25.32 4.56
CA ILE K 34 30.27 25.75 5.94
C ILE K 34 30.81 27.16 6.00
N LEU K 35 31.89 27.43 5.27
CA LEU K 35 32.45 28.78 5.26
C LEU K 35 31.46 29.78 4.69
N LEU K 36 30.88 29.48 3.53
CA LEU K 36 29.95 30.40 2.90
C LEU K 36 28.81 30.76 3.84
N SER K 37 28.45 29.86 4.74
CA SER K 37 27.37 30.13 5.67
C SER K 37 27.77 31.17 6.72
N LYS K 38 29.06 31.29 6.98
CA LYS K 38 29.54 32.23 7.98
C LYS K 38 29.89 33.55 7.30
N PRO K 39 29.17 34.64 7.59
CA PRO K 39 29.47 35.92 6.91
C PRO K 39 30.92 36.36 7.02
N ASP K 40 31.68 35.82 7.97
CA ASP K 40 33.06 36.24 8.15
C ASP K 40 34.02 35.49 7.24
N TYR K 41 33.59 34.38 6.64
CA TYR K 41 34.43 33.61 5.74
C TYR K 41 33.84 33.47 4.34
N ASN K 42 32.76 34.20 4.05
CA ASN K 42 32.20 34.25 2.71
C ASN K 42 33.04 35.19 1.86
N TRP K 43 33.89 34.62 1.00
CA TRP K 43 34.84 35.45 0.26
C TRP K 43 34.13 36.41 -0.68
N LEU K 44 32.91 36.07 -1.10
CA LEU K 44 32.18 36.91 -2.04
C LEU K 44 31.68 38.18 -1.35
N ASP K 45 30.95 38.03 -0.25
CA ASP K 45 30.49 39.19 0.49
C ASP K 45 31.65 39.96 1.11
N VAL K 46 32.69 39.25 1.52
CA VAL K 46 33.87 39.90 2.08
C VAL K 46 34.52 40.79 1.02
N GLY K 47 34.64 40.29 -0.21
CA GLY K 47 35.18 41.12 -1.27
C GLY K 47 34.27 42.28 -1.61
N THR K 48 32.96 42.03 -1.63
CA THR K 48 32.01 43.11 -1.84
C THR K 48 32.24 44.24 -0.85
N ALA K 49 32.32 43.91 0.44
CA ALA K 49 32.54 44.93 1.46
C ALA K 49 33.90 45.57 1.32
N LYS K 50 34.91 44.80 0.90
CA LYS K 50 36.28 45.32 0.86
C LYS K 50 36.45 46.38 -0.22
N TYR K 51 35.60 46.38 -1.24
CA TYR K 51 35.75 47.26 -2.39
C TYR K 51 34.63 48.28 -2.51
N GLY K 52 33.66 48.25 -1.60
CA GLY K 52 32.57 49.22 -1.67
C GLY K 52 31.68 49.02 -2.86
N ARG K 53 30.95 47.91 -2.90
CA ARG K 53 30.07 47.61 -4.02
C ARG K 53 28.75 47.03 -3.52
N LEU L 7 49.33 -13.62 1.17
CA LEU L 7 47.85 -13.57 1.15
C LEU L 7 47.36 -12.43 0.27
N SER L 8 46.25 -12.66 -0.43
CA SER L 8 45.63 -11.65 -1.27
C SER L 8 44.16 -11.99 -1.47
N PHE L 9 43.32 -10.96 -1.43
CA PHE L 9 41.90 -11.09 -1.70
C PHE L 9 41.50 -10.58 -3.08
N THR L 10 42.39 -9.86 -3.76
CA THR L 10 42.07 -9.23 -5.02
C THR L 10 43.00 -9.63 -6.16
N GLY L 11 44.00 -10.47 -5.89
CA GLY L 11 44.85 -10.97 -6.96
C GLY L 11 45.97 -10.04 -7.35
N LEU L 12 46.57 -9.35 -6.39
CA LEU L 12 47.72 -8.51 -6.62
C LEU L 12 48.92 -9.07 -5.89
N SER L 13 50.02 -9.23 -6.60
CA SER L 13 51.27 -9.67 -5.99
C SER L 13 51.86 -8.55 -5.15
N ASP L 14 53.00 -8.85 -4.52
CA ASP L 14 53.68 -7.86 -3.70
C ASP L 14 54.19 -6.70 -4.55
N GLU L 15 54.75 -7.01 -5.71
CA GLU L 15 55.38 -5.98 -6.54
C GLU L 15 54.34 -5.08 -7.19
N GLN L 16 53.29 -5.68 -7.76
CA GLN L 16 52.20 -4.90 -8.33
C GLN L 16 51.67 -3.90 -7.32
N ALA L 17 51.42 -4.35 -6.09
CA ALA L 17 50.84 -3.49 -5.09
C ALA L 17 51.84 -2.45 -4.60
N GLN L 18 53.11 -2.80 -4.53
CA GLN L 18 54.13 -1.83 -4.16
C GLN L 18 54.20 -0.71 -5.19
N GLU L 19 54.13 -1.05 -6.48
CA GLU L 19 54.09 -0.04 -7.53
C GLU L 19 52.85 0.83 -7.42
N LEU L 20 51.69 0.18 -7.32
CA LEU L 20 50.44 0.90 -7.14
C LEU L 20 50.54 1.88 -5.98
N HIS L 21 51.13 1.45 -4.87
CA HIS L 21 51.25 2.31 -3.70
C HIS L 21 52.19 3.45 -3.96
N SER L 22 53.32 3.20 -4.62
CA SER L 22 54.21 4.29 -4.99
C SER L 22 53.44 5.39 -5.73
N VAL L 23 52.67 5.01 -6.74
CA VAL L 23 51.96 6.00 -7.53
C VAL L 23 50.87 6.68 -6.70
N TYR L 24 50.19 5.91 -5.86
CA TYR L 24 49.12 6.47 -5.04
C TYR L 24 49.67 7.48 -4.05
N MET L 25 50.83 7.20 -3.45
CA MET L 25 51.42 8.13 -2.52
C MET L 25 51.95 9.36 -3.23
N SER L 26 52.46 9.21 -4.44
CA SER L 26 52.83 10.39 -5.21
C SER L 26 51.63 11.31 -5.40
N GLY L 27 50.50 10.75 -5.86
CA GLY L 27 49.31 11.55 -6.02
C GLY L 27 48.83 12.17 -4.72
N LEU L 28 48.90 11.40 -3.64
CA LEU L 28 48.43 11.89 -2.35
C LEU L 28 49.27 13.06 -1.86
N TRP L 29 50.59 12.97 -2.01
CA TRP L 29 51.45 14.04 -1.56
C TRP L 29 51.31 15.27 -2.45
N LEU L 30 51.04 15.08 -3.74
CA LEU L 30 50.73 16.23 -4.59
C LEU L 30 49.47 16.94 -4.13
N PHE L 31 48.38 16.17 -3.95
CA PHE L 31 47.14 16.70 -3.39
C PHE L 31 47.41 17.48 -2.11
N VAL L 32 48.20 16.90 -1.21
CA VAL L 32 48.42 17.50 0.09
C VAL L 32 49.25 18.77 -0.02
N THR L 33 50.24 18.77 -0.91
CA THR L 33 51.04 19.97 -1.11
C THR L 33 50.16 21.12 -1.61
N ILE L 34 49.29 20.84 -2.57
CA ILE L 34 48.39 21.87 -3.05
C ILE L 34 47.50 22.38 -1.92
N ALA L 35 46.89 21.45 -1.17
CA ALA L 35 46.04 21.84 -0.05
C ALA L 35 46.80 22.69 0.96
N VAL L 36 48.07 22.37 1.19
CA VAL L 36 48.86 23.09 2.18
C VAL L 36 49.13 24.51 1.69
N ILE L 37 49.51 24.65 0.42
CA ILE L 37 49.72 25.98 -0.14
C ILE L 37 48.45 26.81 -0.01
N ALA L 38 47.31 26.20 -0.33
CA ALA L 38 46.05 26.93 -0.27
C ALA L 38 45.71 27.31 1.16
N HIS L 39 45.99 26.43 2.11
CA HIS L 39 45.71 26.72 3.51
C HIS L 39 46.58 27.87 4.01
N ILE L 40 47.87 27.86 3.67
CA ILE L 40 48.74 28.97 4.03
C ILE L 40 48.20 30.27 3.46
N ALA L 41 47.83 30.27 2.18
CA ALA L 41 47.27 31.47 1.57
C ALA L 41 46.04 31.95 2.32
N VAL L 42 45.08 31.06 2.58
CA VAL L 42 43.85 31.47 3.25
C VAL L 42 44.14 31.97 4.66
N TYR L 43 45.15 31.39 5.32
CA TYR L 43 45.53 31.88 6.63
C TYR L 43 46.04 33.31 6.56
N ILE L 44 46.97 33.57 5.65
CA ILE L 44 47.49 34.93 5.51
C ILE L 44 46.36 35.88 5.17
N TRP L 45 45.42 35.45 4.33
CA TRP L 45 44.30 36.28 3.94
C TRP L 45 43.34 36.49 5.12
N ARG L 46 42.99 35.41 5.81
CA ARG L 46 41.98 35.48 6.88
C ARG L 46 42.18 34.30 7.81
N PRO L 47 42.98 34.47 8.87
CA PRO L 47 43.29 33.34 9.75
C PRO L 47 42.11 32.96 10.62
N TRP L 48 42.15 31.71 11.09
CA TRP L 48 41.07 31.14 11.88
C TRP L 48 41.49 30.70 13.27
N LEU L 49 42.79 30.61 13.54
CA LEU L 49 43.25 30.24 14.88
C LEU L 49 44.07 31.35 15.51
N MET M 1 45.87 -11.04 24.60
CA MET M 1 46.59 -9.75 24.35
C MET M 1 47.63 -9.94 23.25
N SER M 2 48.51 -10.93 23.44
CA SER M 2 49.40 -11.38 22.38
C SER M 2 48.68 -12.24 21.36
N LYS M 3 47.41 -12.56 21.59
CA LYS M 3 46.61 -13.34 20.68
C LYS M 3 45.51 -12.52 20.02
N PHE M 4 45.57 -11.19 20.14
CA PHE M 4 44.56 -10.35 19.53
C PHE M 4 44.63 -10.35 18.01
N TYR M 5 45.65 -10.99 17.43
CA TYR M 5 45.69 -11.15 15.99
C TYR M 5 44.67 -12.15 15.48
N LYS M 6 43.98 -12.85 16.39
CA LYS M 6 43.04 -13.88 16.00
C LYS M 6 41.66 -13.33 15.66
N ILE M 7 41.44 -12.03 15.81
CA ILE M 7 40.20 -11.43 15.36
C ILE M 7 40.11 -11.48 13.84
N TRP M 8 41.25 -11.54 13.17
CA TRP M 8 41.30 -11.70 11.72
C TRP M 8 41.05 -13.13 11.30
N GLN M 9 40.92 -14.05 12.25
CA GLN M 9 40.40 -15.39 12.02
C GLN M 9 38.91 -15.48 12.32
N VAL M 10 38.29 -14.38 12.70
CA VAL M 10 36.87 -14.34 13.03
C VAL M 10 36.16 -13.35 12.11
N PHE M 11 36.89 -12.33 11.66
CA PHE M 11 36.33 -11.23 10.89
C PHE M 11 37.05 -11.11 9.56
N ASP M 12 36.30 -10.75 8.53
CA ASP M 12 36.89 -10.47 7.23
C ASP M 12 37.54 -9.10 7.25
N PRO M 13 38.86 -9.00 6.99
CA PRO M 13 39.50 -7.68 7.07
C PRO M 13 38.84 -6.62 6.21
N ARG M 14 38.17 -7.01 5.14
CA ARG M 14 37.56 -6.03 4.24
C ARG M 14 36.34 -5.38 4.89
N ARG M 15 35.42 -6.20 5.38
CA ARG M 15 34.29 -5.67 6.15
C ARG M 15 34.78 -4.78 7.29
N VAL M 16 35.77 -5.25 8.04
CA VAL M 16 36.24 -4.51 9.20
C VAL M 16 36.81 -3.17 8.78
N PHE M 17 37.61 -3.15 7.71
CA PHE M 17 38.21 -1.89 7.26
C PHE M 17 37.13 -0.90 6.83
N VAL M 18 36.18 -1.35 6.02
CA VAL M 18 35.13 -0.44 5.56
C VAL M 18 34.34 0.10 6.74
N ALA M 19 33.90 -0.78 7.64
CA ALA M 19 33.11 -0.36 8.78
C ALA M 19 33.89 0.58 9.68
N GLN M 20 35.18 0.30 9.88
CA GLN M 20 36.02 1.15 10.71
C GLN M 20 36.18 2.53 10.11
N GLY M 21 36.42 2.61 8.80
CA GLY M 21 36.53 3.90 8.16
C GLY M 21 35.26 4.71 8.28
N VAL M 22 34.12 4.11 7.97
CA VAL M 22 32.85 4.80 8.11
C VAL M 22 32.67 5.28 9.55
N PHE M 23 32.86 4.40 10.52
CA PHE M 23 32.66 4.73 11.92
C PHE M 23 33.54 5.91 12.33
N LEU M 24 34.82 5.86 11.95
CA LEU M 24 35.75 6.90 12.38
C LEU M 24 35.41 8.23 11.73
N PHE M 25 35.13 8.24 10.43
CA PHE M 25 34.77 9.50 9.78
C PHE M 25 33.53 10.10 10.40
N LEU M 26 32.50 9.28 10.65
CA LEU M 26 31.26 9.81 11.20
C LEU M 26 31.45 10.31 12.62
N LEU M 27 32.24 9.60 13.42
CA LEU M 27 32.50 10.07 14.77
C LEU M 27 33.26 11.39 14.77
N ALA M 28 34.26 11.51 13.89
CA ALA M 28 34.99 12.76 13.78
C ALA M 28 34.05 13.90 13.40
N VAL M 29 33.27 13.72 12.34
CA VAL M 29 32.32 14.75 11.93
C VAL M 29 31.39 15.12 13.09
N MET M 30 30.88 14.11 13.80
CA MET M 30 29.99 14.37 14.92
C MET M 30 30.66 15.26 15.96
N ILE M 31 31.89 14.93 16.34
CA ILE M 31 32.59 15.72 17.36
C ILE M 31 32.84 17.13 16.86
N HIS M 32 33.26 17.27 15.60
CA HIS M 32 33.51 18.59 15.06
C HIS M 32 32.25 19.44 15.07
N LEU M 33 31.11 18.84 14.76
CA LEU M 33 29.87 19.60 14.78
C LEU M 33 29.44 19.94 16.21
N ILE M 34 29.71 19.05 17.16
CA ILE M 34 29.48 19.39 18.57
C ILE M 34 30.28 20.62 18.94
N LEU M 35 31.56 20.66 18.56
CA LEU M 35 32.38 21.82 18.89
C LEU M 35 31.89 23.07 18.16
N LEU M 36 31.47 22.92 16.92
CA LEU M 36 30.96 24.07 16.18
C LEU M 36 29.69 24.62 16.80
N SER M 37 28.87 23.75 17.38
CA SER M 37 27.68 24.21 18.08
C SER M 37 28.04 25.15 19.23
N LYS M 38 28.90 24.70 20.13
CA LYS M 38 29.28 25.51 21.26
C LYS M 38 29.96 26.79 20.77
N PRO M 39 29.54 27.96 21.25
CA PRO M 39 30.21 29.19 20.81
C PRO M 39 31.65 29.31 21.28
N ASP M 40 32.01 28.68 22.39
CA ASP M 40 33.35 28.85 22.95
C ASP M 40 34.36 27.87 22.38
N TYR M 41 33.93 26.94 21.53
CA TYR M 41 34.83 26.01 20.88
C TYR M 41 34.71 26.07 19.36
N ASN M 42 33.88 26.97 18.83
CA ASN M 42 33.84 27.23 17.40
C ASN M 42 35.06 28.05 17.03
N TRP M 43 36.08 27.37 16.49
CA TRP M 43 37.31 28.05 16.11
C TRP M 43 37.05 29.18 15.13
N LEU M 44 36.03 29.04 14.28
CA LEU M 44 35.76 30.05 13.27
C LEU M 44 35.30 31.36 13.90
N ASP M 45 34.48 31.29 14.94
CA ASP M 45 34.05 32.50 15.64
C ASP M 45 35.13 32.99 16.60
N VAL M 46 35.87 32.07 17.20
CA VAL M 46 36.95 32.47 18.12
C VAL M 46 37.99 33.31 17.38
N GLY M 47 38.40 32.86 16.20
CA GLY M 47 39.35 33.64 15.43
C GLY M 47 38.79 34.98 14.98
N THR M 48 37.53 34.99 14.57
CA THR M 48 36.85 36.24 14.23
C THR M 48 36.92 37.24 15.38
N ALA M 49 36.55 36.81 16.58
CA ALA M 49 36.56 37.71 17.73
C ALA M 49 37.98 38.07 18.14
N LYS M 50 38.94 37.20 17.84
CA LYS M 50 40.33 37.47 18.18
C LYS M 50 40.92 38.55 17.29
N TYR M 51 40.69 38.45 15.98
CA TYR M 51 41.31 39.36 15.02
C TYR M 51 40.45 40.57 14.71
N GLY M 52 39.31 40.72 15.38
CA GLY M 52 38.49 41.91 15.22
C GLY M 52 37.80 42.03 13.88
N ARG M 53 36.88 41.12 13.59
CA ARG M 53 36.16 41.16 12.32
C ARG M 53 34.69 40.82 12.52
N LEU N 7 41.46 -23.07 14.21
CA LEU N 7 40.09 -22.55 13.94
C LEU N 7 40.13 -21.22 13.23
N SER N 8 39.35 -21.09 12.16
CA SER N 8 39.26 -19.86 11.39
C SER N 8 38.00 -19.87 10.55
N PHE N 9 37.18 -18.84 10.70
CA PHE N 9 36.03 -18.64 9.84
C PHE N 9 36.37 -17.88 8.57
N THR N 10 37.61 -17.41 8.43
CA THR N 10 38.03 -16.60 7.29
C THR N 10 39.02 -17.32 6.39
N GLY N 11 39.49 -18.50 6.78
CA GLY N 11 40.50 -19.19 5.98
C GLY N 11 41.84 -18.50 6.03
N LEU N 12 42.23 -18.00 7.21
CA LEU N 12 43.51 -17.35 7.40
C LEU N 12 44.31 -18.10 8.46
N SER N 13 45.57 -18.37 8.15
CA SER N 13 46.45 -19.02 9.09
C SER N 13 46.93 -18.03 10.15
N ASP N 14 47.56 -18.56 11.19
CA ASP N 14 48.03 -17.71 12.28
C ASP N 14 49.10 -16.75 11.81
N GLU N 15 49.95 -17.18 10.87
CA GLU N 15 51.01 -16.30 10.37
C GLU N 15 50.44 -15.11 9.61
N GLN N 16 49.50 -15.37 8.70
CA GLN N 16 48.93 -14.29 7.91
C GLN N 16 48.16 -13.31 8.79
N ALA N 17 47.39 -13.83 9.75
CA ALA N 17 46.68 -12.97 10.69
C ALA N 17 47.65 -12.16 11.53
N GLN N 18 48.75 -12.78 11.96
CA GLN N 18 49.73 -12.08 12.77
C GLN N 18 50.38 -10.94 11.99
N GLU N 19 50.69 -11.18 10.72
CA GLU N 19 51.25 -10.12 9.88
C GLU N 19 50.24 -8.99 9.67
N LEU N 20 49.00 -9.34 9.33
CA LEU N 20 47.96 -8.34 9.16
C LEU N 20 47.81 -7.51 10.42
N HIS N 21 47.90 -8.15 11.58
CA HIS N 21 47.76 -7.43 12.84
C HIS N 21 48.95 -6.49 13.06
N SER N 22 50.15 -6.95 12.75
CA SER N 22 51.30 -6.06 12.81
C SER N 22 51.04 -4.78 12.05
N VAL N 23 50.60 -4.91 10.79
CA VAL N 23 50.40 -3.73 9.96
C VAL N 23 49.24 -2.88 10.48
N TYR N 24 48.13 -3.53 10.82
CA TYR N 24 46.97 -2.82 11.35
C TYR N 24 47.34 -2.02 12.59
N MET N 25 48.19 -2.58 13.45
CA MET N 25 48.53 -1.89 14.68
C MET N 25 49.51 -0.76 14.43
N SER N 26 50.41 -0.94 13.46
CA SER N 26 51.23 0.19 13.03
C SER N 26 50.35 1.36 12.61
N GLY N 27 49.36 1.08 11.76
CA GLY N 27 48.47 2.14 11.29
C GLY N 27 47.65 2.76 12.41
N LEU N 28 47.14 1.92 13.32
CA LEU N 28 46.38 2.41 14.45
C LEU N 28 47.22 3.33 15.33
N TRP N 29 48.47 2.95 15.58
CA TRP N 29 49.32 3.77 16.44
C TRP N 29 49.70 5.07 15.75
N LEU N 30 49.85 5.06 14.43
CA LEU N 30 50.05 6.31 13.72
C LEU N 30 48.84 7.22 13.85
N PHE N 31 47.65 6.69 13.60
CA PHE N 31 46.41 7.43 13.81
C PHE N 31 46.37 8.03 15.21
N VAL N 32 46.71 7.23 16.22
CA VAL N 32 46.58 7.68 17.60
C VAL N 32 47.63 8.72 17.92
N THR N 33 48.83 8.61 17.36
CA THR N 33 49.85 9.61 17.59
C THR N 33 49.44 10.95 17.01
N ILE N 34 48.90 10.94 15.79
CA ILE N 34 48.41 12.19 15.21
C ILE N 34 47.30 12.78 16.06
N ALA N 35 46.36 11.94 16.51
CA ALA N 35 45.26 12.43 17.33
C ALA N 35 45.76 12.99 18.65
N VAL N 36 46.80 12.38 19.23
CA VAL N 36 47.33 12.85 20.49
C VAL N 36 48.00 14.21 20.31
N ILE N 37 48.73 14.38 19.22
CA ILE N 37 49.33 15.69 18.95
C ILE N 37 48.24 16.74 18.80
N ALA N 38 47.18 16.41 18.07
CA ALA N 38 46.08 17.36 17.89
C ALA N 38 45.42 17.70 19.21
N HIS N 39 45.23 16.72 20.08
CA HIS N 39 44.58 16.97 21.36
C HIS N 39 45.47 17.81 22.27
N ILE N 40 46.77 17.52 22.29
CA ILE N 40 47.70 18.33 23.07
C ILE N 40 47.64 19.78 22.60
N ALA N 41 47.68 19.99 21.29
CA ALA N 41 47.53 21.34 20.77
C ALA N 41 46.24 21.98 21.26
N VAL N 42 45.09 21.40 20.92
CA VAL N 42 43.80 21.99 21.28
C VAL N 42 43.77 22.32 22.77
N TYR N 43 44.33 21.45 23.61
CA TYR N 43 44.34 21.72 25.04
C TYR N 43 45.18 22.94 25.36
N ILE N 44 46.36 23.06 24.74
CA ILE N 44 47.19 24.23 24.96
C ILE N 44 46.47 25.48 24.46
N TRP N 45 45.54 25.32 23.53
CA TRP N 45 44.90 26.46 22.89
C TRP N 45 43.59 26.82 23.58
N ARG N 46 42.77 25.82 23.88
CA ARG N 46 41.49 26.05 24.56
C ARG N 46 41.21 24.83 25.43
N PRO N 47 41.77 24.79 26.64
CA PRO N 47 41.57 23.61 27.49
C PRO N 47 40.12 23.41 27.85
N TRP N 48 39.73 22.14 27.94
CA TRP N 48 38.36 21.76 28.22
C TRP N 48 38.18 21.11 29.59
N LEU N 49 39.27 20.86 30.31
CA LEU N 49 39.17 20.24 31.63
C LEU N 49 39.80 21.10 32.71
N MET O 1 11.43 15.80 28.41
CA MET O 1 12.61 15.99 27.51
C MET O 1 12.28 16.96 26.38
N VAL O 2 11.43 17.95 26.69
CA VAL O 2 11.07 18.99 25.74
C VAL O 2 12.08 20.13 25.90
N GLY O 3 12.65 20.57 24.78
CA GLY O 3 13.64 21.63 24.84
C GLY O 3 14.86 21.24 25.62
N VAL O 4 15.22 19.96 25.56
CA VAL O 4 16.37 19.42 26.28
C VAL O 4 17.39 19.04 25.23
N ASN O 5 18.29 19.95 24.93
CA ASN O 5 19.27 19.80 23.87
C ASN O 5 20.58 19.30 24.46
N PHE O 6 21.08 18.19 23.93
CA PHE O 6 22.39 17.71 24.32
C PHE O 6 23.47 18.72 23.97
N PHE O 7 23.41 19.25 22.77
CA PHE O 7 24.30 20.32 22.33
C PHE O 7 23.60 21.10 21.23
N GLY O 8 23.77 22.41 21.25
CA GLY O 8 23.10 23.24 20.28
C GLY O 8 21.61 23.02 20.28
N ASP O 9 21.04 22.90 19.09
CA ASP O 9 19.63 22.58 18.90
C ASP O 9 19.38 21.08 18.75
N PHE O 10 20.31 20.26 19.22
CA PHE O 10 20.29 18.82 18.96
C PHE O 10 19.60 18.11 20.12
N ASP O 11 18.37 17.66 19.89
CA ASP O 11 17.61 16.92 20.88
C ASP O 11 17.31 15.52 20.38
N LEU O 12 16.48 14.77 21.12
CA LEU O 12 16.25 13.38 20.78
C LEU O 12 15.69 13.21 19.38
N ALA O 13 14.98 14.21 18.86
CA ALA O 13 14.39 14.08 17.53
C ALA O 13 15.45 14.18 16.45
N SER O 14 16.43 15.08 16.63
CA SER O 14 17.53 15.18 15.69
C SER O 14 18.41 13.94 15.75
N LEU O 15 18.71 13.48 16.96
CA LEU O 15 19.41 12.21 17.11
C LEU O 15 18.69 11.10 16.37
N ALA O 16 17.37 11.05 16.50
CA ALA O 16 16.60 9.99 15.88
C ALA O 16 16.64 10.08 14.36
N ILE O 17 16.50 11.29 13.81
CA ILE O 17 16.45 11.41 12.36
C ILE O 17 17.82 11.13 11.75
N TRP O 18 18.90 11.53 12.42
CA TRP O 18 20.23 11.20 11.93
C TRP O 18 20.51 9.70 12.04
N SER O 19 20.14 9.10 13.16
CA SER O 19 20.24 7.64 13.29
C SER O 19 19.47 6.94 12.19
N PHE O 20 18.30 7.46 11.82
CA PHE O 20 17.55 6.85 10.74
C PHE O 20 18.25 7.00 9.40
N TRP O 21 18.85 8.17 9.15
CA TRP O 21 19.62 8.33 7.92
C TRP O 21 20.72 7.27 7.85
N GLY O 22 21.41 7.03 8.96
CA GLY O 22 22.43 5.99 8.98
C GLY O 22 21.88 4.60 8.73
N PHE O 23 20.83 4.23 9.47
CA PHE O 23 20.21 2.93 9.27
C PHE O 23 19.74 2.77 7.83
N LEU O 24 19.21 3.83 7.24
CA LEU O 24 18.70 3.75 5.87
C LEU O 24 19.85 3.58 4.88
N ALA O 25 20.95 4.29 5.08
CA ALA O 25 22.11 4.05 4.24
C ALA O 25 22.54 2.59 4.29
N PHE O 26 22.69 2.05 5.51
CA PHE O 26 23.04 0.65 5.64
C PHE O 26 22.03 -0.25 4.95
N LEU O 27 20.75 0.10 5.03
CA LEU O 27 19.70 -0.74 4.47
C LEU O 27 19.72 -0.73 2.95
N ILE O 28 19.91 0.45 2.35
CA ILE O 28 20.08 0.52 0.90
C ILE O 28 21.26 -0.33 0.49
N TYR O 29 22.36 -0.24 1.22
CA TYR O 29 23.52 -1.09 0.91
C TYR O 29 23.14 -2.56 0.94
N TYR O 30 22.48 -2.99 2.02
CA TYR O 30 22.10 -4.39 2.17
C TYR O 30 21.19 -4.85 1.03
N LEU O 31 20.19 -4.04 0.68
CA LEU O 31 19.23 -4.43 -0.34
C LEU O 31 19.89 -4.50 -1.71
N GLN O 32 20.69 -3.49 -2.05
CA GLN O 32 21.37 -3.50 -3.35
C GLN O 32 22.36 -4.65 -3.45
N THR O 33 22.98 -5.02 -2.33
CA THR O 33 23.87 -6.18 -2.34
C THR O 33 23.08 -7.47 -2.53
N GLU O 34 21.99 -7.65 -1.79
CA GLU O 34 21.16 -8.83 -1.95
C GLU O 34 20.50 -8.91 -3.31
N ASN O 35 20.47 -7.80 -4.07
CA ASN O 35 19.98 -7.82 -5.43
C ASN O 35 21.05 -8.25 -6.44
N MET O 36 22.19 -8.75 -5.97
CA MET O 36 23.31 -9.10 -6.83
C MET O 36 23.61 -10.59 -6.82
N ARG O 37 22.65 -11.42 -6.42
CA ARG O 37 22.83 -12.85 -6.42
C ARG O 37 22.49 -13.47 -7.77
N GLU O 38 22.17 -12.66 -8.76
CA GLU O 38 22.00 -13.10 -10.14
C GLU O 38 22.54 -12.02 -11.06
N GLY O 39 23.10 -12.44 -12.19
CA GLY O 39 23.51 -11.51 -13.22
C GLY O 39 24.94 -11.04 -13.14
N TYR O 40 25.64 -11.31 -12.05
CA TYR O 40 27.00 -10.85 -11.87
C TYR O 40 27.96 -12.04 -11.90
N PRO O 41 29.22 -11.83 -12.32
CA PRO O 41 29.85 -10.55 -12.62
C PRO O 41 29.47 -9.97 -13.97
N LEU O 42 29.65 -8.66 -14.12
CA LEU O 42 29.24 -7.99 -15.35
C LEU O 42 30.14 -8.39 -16.51
N GLU O 43 29.60 -8.27 -17.71
CA GLU O 43 30.25 -8.76 -18.91
C GLU O 43 30.31 -7.66 -19.96
N MET O 44 31.15 -7.89 -20.95
CA MET O 44 31.18 -7.09 -22.16
C MET O 44 30.28 -7.73 -23.21
N GLU O 45 30.13 -7.03 -24.34
CA GLU O 45 29.44 -7.62 -25.47
C GLU O 45 30.25 -8.74 -26.10
N ASP O 46 31.56 -8.76 -25.85
CA ASP O 46 32.41 -9.86 -26.28
C ASP O 46 32.30 -11.08 -25.39
N GLY O 47 31.65 -10.95 -24.24
CA GLY O 47 31.52 -12.02 -23.28
C GLY O 47 32.51 -11.96 -22.13
N SER O 48 33.43 -11.00 -22.15
CA SER O 48 34.48 -10.94 -21.16
C SER O 48 34.03 -10.16 -19.93
N VAL O 49 34.75 -10.38 -18.83
CA VAL O 49 34.47 -9.66 -17.60
C VAL O 49 34.90 -8.20 -17.75
N ALA O 50 34.01 -7.30 -17.37
CA ALA O 50 34.20 -5.88 -17.62
C ALA O 50 35.13 -5.26 -16.59
N PRO O 51 35.78 -4.16 -16.95
CA PRO O 51 36.61 -3.46 -15.96
C PRO O 51 35.81 -2.92 -14.80
N ASN O 52 34.55 -2.57 -15.02
CA ASN O 52 33.68 -2.04 -13.98
C ASN O 52 32.68 -3.10 -13.55
N GLN O 53 32.68 -3.43 -12.27
CA GLN O 53 31.81 -4.46 -11.72
C GLN O 53 30.75 -3.88 -10.79
N GLY O 54 30.75 -2.58 -10.56
CA GLY O 54 29.79 -1.93 -9.70
C GLY O 54 30.44 -1.20 -8.56
N LEU O 55 29.60 -0.48 -7.81
CA LEU O 55 30.03 0.26 -6.64
C LEU O 55 29.68 -0.44 -5.34
N PHE O 56 28.69 -1.33 -5.37
CA PHE O 56 28.42 -2.22 -4.25
C PHE O 56 29.01 -3.59 -4.55
N PRO O 57 29.71 -4.23 -3.62
CA PRO O 57 30.30 -5.53 -3.93
C PRO O 57 29.25 -6.63 -4.00
N VAL O 58 29.53 -7.62 -4.83
CA VAL O 58 28.68 -8.82 -4.87
C VAL O 58 28.76 -9.51 -3.52
N PRO O 59 27.66 -9.98 -2.95
CA PRO O 59 27.70 -10.49 -1.57
C PRO O 59 28.23 -11.91 -1.51
N LYS O 60 28.31 -12.41 -0.27
CA LYS O 60 28.80 -13.75 -0.04
C LYS O 60 27.74 -14.78 -0.46
N PRO O 61 28.16 -15.97 -0.87
CA PRO O 61 27.20 -16.97 -1.32
C PRO O 61 26.33 -17.48 -0.18
N LYS O 62 25.03 -17.61 -0.47
CA LYS O 62 24.10 -18.31 0.38
C LYS O 62 23.72 -19.61 -0.32
N THR O 63 23.08 -20.50 0.43
CA THR O 63 22.74 -21.83 -0.08
C THR O 63 21.25 -22.06 0.07
N PHE O 64 20.62 -22.50 -1.02
CA PHE O 64 19.23 -22.91 -1.03
C PHE O 64 19.17 -24.43 -1.05
N LYS O 65 18.56 -25.01 -0.02
CA LYS O 65 18.37 -26.44 0.05
C LYS O 65 17.06 -26.79 -0.63
N LEU O 66 17.12 -27.61 -1.65
CA LEU O 66 15.94 -27.87 -2.45
C LEU O 66 15.23 -29.13 -1.99
N PRO O 67 13.90 -29.15 -2.08
CA PRO O 67 13.16 -30.38 -1.75
C PRO O 67 13.21 -31.38 -2.88
N ASN O 68 12.69 -32.57 -2.60
CA ASN O 68 12.58 -33.66 -3.55
C ASN O 68 13.94 -34.19 -4.01
N GLY O 69 14.97 -34.01 -3.20
CA GLY O 69 16.30 -34.47 -3.55
C GLY O 69 16.98 -33.67 -4.64
N ARG O 70 16.44 -32.52 -5.01
CA ARG O 70 16.95 -31.80 -6.17
C ARG O 70 18.31 -31.20 -5.89
N GLY O 71 18.70 -31.09 -4.62
CA GLY O 71 20.06 -30.72 -4.28
C GLY O 71 20.21 -29.42 -3.52
N GLU O 72 21.28 -28.69 -3.84
CA GLU O 72 21.60 -27.44 -3.18
C GLU O 72 22.03 -26.42 -4.22
N ILE O 73 21.44 -25.23 -4.17
CA ILE O 73 21.72 -24.16 -5.11
C ILE O 73 22.39 -23.02 -4.35
N VAL O 74 23.57 -22.62 -4.80
CA VAL O 74 24.35 -21.57 -4.17
C VAL O 74 24.24 -20.30 -5.03
N MET O 75 23.90 -19.19 -4.39
CA MET O 75 23.70 -17.91 -5.06
C MET O 75 24.45 -16.83 -4.29
N PRO O 76 25.44 -16.15 -4.90
CA PRO O 76 25.93 -16.30 -6.27
C PRO O 76 26.88 -17.48 -6.42
N SER O 77 26.91 -18.07 -7.62
CA SER O 77 27.78 -19.20 -7.90
C SER O 77 28.08 -19.24 -9.39
N ALA O 78 29.33 -19.57 -9.71
CA ALA O 78 29.70 -19.73 -11.11
C ALA O 78 28.97 -20.90 -11.74
N GLU O 79 28.60 -21.90 -10.95
CA GLU O 79 27.85 -23.03 -11.46
C GLU O 79 26.46 -22.61 -11.92
N ASN O 80 25.82 -21.71 -11.16
CA ASN O 80 24.48 -21.26 -11.51
C ASN O 80 24.51 -20.36 -12.74
N GLU O 81 25.55 -19.55 -12.87
CA GLU O 81 25.69 -18.70 -14.05
C GLU O 81 26.05 -19.51 -15.28
N ALA O 82 26.78 -20.61 -15.09
CA ALA O 82 27.15 -21.45 -16.23
C ALA O 82 25.99 -22.31 -16.69
N ALA O 83 25.18 -22.80 -15.74
CA ALA O 83 24.03 -23.62 -16.11
C ALA O 83 22.98 -22.79 -16.87
N HIS O 84 22.80 -21.53 -16.46
CA HIS O 84 21.83 -20.65 -17.09
C HIS O 84 22.44 -19.82 -18.22
N ARG O 85 23.54 -20.29 -18.81
CA ARG O 85 24.24 -19.57 -19.84
C ARG O 85 23.89 -20.11 -21.21
N ARG O 86 23.53 -19.21 -22.12
CA ARG O 86 23.28 -19.57 -23.51
C ARG O 86 24.59 -19.53 -24.28
N ASN O 87 24.79 -20.54 -25.11
CA ASN O 87 26.01 -20.66 -25.90
C ASN O 87 25.65 -20.76 -27.37
N ASP O 88 26.56 -20.24 -28.21
CA ASP O 88 26.39 -20.30 -29.66
C ASP O 88 25.15 -19.52 -30.11
N LEU O 89 25.04 -18.28 -29.64
CA LEU O 89 23.92 -17.44 -30.00
C LEU O 89 24.03 -16.97 -31.44
N ALA O 90 22.88 -16.83 -32.09
CA ALA O 90 22.81 -16.43 -33.50
C ALA O 90 22.55 -14.93 -33.58
N LEU O 91 23.59 -14.18 -33.24
CA LEU O 91 23.53 -12.72 -33.23
C LEU O 91 24.80 -12.16 -33.85
N ALA O 92 24.65 -11.05 -34.57
CA ALA O 92 25.76 -10.35 -35.18
C ALA O 92 25.82 -8.94 -34.62
N ARG O 93 27.03 -8.47 -34.32
CA ARG O 93 27.22 -7.12 -33.84
C ARG O 93 26.76 -6.10 -34.89
N THR O 94 26.00 -5.11 -34.43
CA THR O 94 25.58 -4.02 -35.32
C THR O 94 26.68 -2.98 -35.43
N SER O 95 27.57 -2.92 -34.44
CA SER O 95 28.63 -1.92 -34.41
C SER O 95 29.80 -2.48 -33.62
N VAL O 96 30.98 -1.91 -33.91
CA VAL O 96 32.18 -2.26 -33.16
C VAL O 96 32.13 -1.65 -31.77
N SER O 97 31.49 -0.48 -31.65
CA SER O 97 31.39 0.17 -30.35
C SER O 97 30.29 -0.47 -29.51
N GLU O 98 30.36 -0.21 -28.20
CA GLU O 98 29.44 -0.81 -27.26
C GLU O 98 28.13 -0.03 -27.22
N GLY O 99 27.13 -0.64 -26.60
CA GLY O 99 25.85 0.00 -26.43
C GLY O 99 24.97 0.03 -27.64
N PHE O 100 25.24 -0.80 -28.64
CA PHE O 100 24.41 -0.86 -29.83
C PHE O 100 23.80 -2.25 -29.98
N PRO O 101 22.67 -2.36 -30.68
CA PRO O 101 21.95 -3.64 -30.71
C PRO O 101 22.72 -4.74 -31.41
N HIS O 102 22.32 -5.98 -31.13
CA HIS O 102 22.82 -7.16 -31.80
C HIS O 102 21.72 -7.74 -32.67
N ALA O 103 22.00 -7.93 -33.96
CA ALA O 103 20.97 -8.35 -34.89
C ALA O 103 20.94 -9.87 -35.02
N PRO O 104 19.77 -10.50 -35.04
CA PRO O 104 19.72 -11.93 -35.33
C PRO O 104 20.18 -12.23 -36.75
N THR O 105 20.73 -13.42 -36.93
CA THR O 105 21.24 -13.81 -38.24
C THR O 105 20.22 -14.63 -39.02
N GLY O 106 19.36 -15.37 -38.31
CA GLY O 106 18.34 -16.18 -38.96
C GLY O 106 16.94 -15.85 -38.52
N ASN O 107 16.18 -16.88 -38.14
CA ASN O 107 14.84 -16.72 -37.59
C ASN O 107 14.96 -16.64 -36.09
N ALA O 108 14.76 -15.43 -35.55
CA ALA O 108 15.00 -15.21 -34.12
C ALA O 108 14.05 -16.02 -33.26
N LEU O 109 12.89 -16.39 -33.81
CA LEU O 109 11.97 -17.27 -33.08
C LEU O 109 12.58 -18.64 -32.89
N VAL O 110 13.07 -19.24 -33.97
CA VAL O 110 13.66 -20.57 -33.90
C VAL O 110 15.01 -20.53 -33.20
N ASP O 111 15.78 -19.46 -33.43
CA ASP O 111 17.11 -19.34 -32.85
C ASP O 111 17.09 -18.86 -31.41
N GLY O 112 15.92 -18.52 -30.87
CA GLY O 112 15.80 -18.14 -29.49
C GLY O 112 16.64 -16.97 -29.06
N VAL O 113 16.52 -15.85 -29.76
CA VAL O 113 17.18 -14.61 -29.40
C VAL O 113 16.14 -13.49 -29.33
N GLY O 114 16.50 -12.44 -28.61
CA GLY O 114 15.62 -11.32 -28.44
C GLY O 114 14.44 -11.65 -27.56
N PRO O 115 13.26 -11.09 -27.87
CA PRO O 115 12.06 -11.44 -27.10
C PRO O 115 11.66 -12.89 -27.23
N ALA O 116 12.23 -13.62 -28.18
CA ALA O 116 12.03 -15.05 -28.30
C ALA O 116 13.07 -15.84 -27.54
N SER O 117 13.80 -15.19 -26.64
CA SER O 117 14.88 -15.83 -25.92
C SER O 117 14.34 -16.80 -24.88
N TRP O 118 15.17 -17.79 -24.55
CA TRP O 118 14.87 -18.72 -23.49
C TRP O 118 16.14 -18.96 -22.67
N VAL O 119 15.94 -19.26 -21.39
CA VAL O 119 17.04 -19.53 -20.48
C VAL O 119 17.19 -21.03 -20.34
N PRO O 120 18.41 -21.55 -20.27
CA PRO O 120 18.57 -23.00 -20.07
C PRO O 120 18.27 -23.43 -18.62
N ARG O 121 16.98 -23.51 -18.32
CA ARG O 121 16.59 -24.05 -17.03
C ARG O 121 16.81 -25.56 -17.02
N ARG O 122 16.64 -26.15 -15.85
CA ARG O 122 16.85 -27.57 -15.69
C ARG O 122 15.77 -28.35 -16.42
N ASP O 123 16.18 -29.39 -17.15
CA ASP O 123 15.25 -30.22 -17.91
C ASP O 123 14.60 -31.23 -16.96
N GLU O 124 13.81 -30.67 -16.06
CA GLU O 124 13.11 -31.42 -15.04
C GLU O 124 11.85 -30.65 -14.68
N PRO O 125 10.74 -31.33 -14.43
CA PRO O 125 9.49 -30.60 -14.19
C PRO O 125 9.47 -29.92 -12.84
N GLU O 126 8.65 -28.87 -12.76
CA GLU O 126 8.40 -28.20 -11.50
C GLU O 126 7.47 -29.07 -10.66
N LEU O 127 7.87 -29.32 -9.42
CA LEU O 127 7.19 -30.26 -8.54
C LEU O 127 6.44 -29.53 -7.44
N ASP O 128 5.43 -30.20 -6.89
CA ASP O 128 4.75 -29.72 -5.72
C ASP O 128 5.44 -30.26 -4.46
N ALA O 129 4.88 -29.93 -3.30
CA ALA O 129 5.53 -30.33 -2.05
C ALA O 129 5.51 -31.84 -1.87
N HIS O 130 4.49 -32.51 -2.39
CA HIS O 130 4.40 -33.96 -2.26
C HIS O 130 5.35 -34.70 -3.20
N GLY O 131 5.91 -34.01 -4.19
CA GLY O 131 6.81 -34.62 -5.14
C GLY O 131 6.20 -34.94 -6.48
N HIS O 132 4.93 -34.64 -6.69
CA HIS O 132 4.30 -34.85 -7.98
C HIS O 132 4.61 -33.68 -8.91
N ASN O 133 4.26 -33.84 -10.17
CA ASN O 133 4.49 -32.78 -11.15
C ASN O 133 3.44 -31.69 -11.01
N LYS O 134 3.89 -30.44 -11.08
CA LYS O 134 3.01 -29.31 -10.80
C LYS O 134 2.01 -29.10 -11.93
N ILE O 135 2.45 -29.19 -13.17
CA ILE O 135 1.59 -29.03 -14.34
C ILE O 135 1.28 -30.40 -14.92
N MET O 136 0.00 -30.69 -15.08
CA MET O 136 -0.49 -31.93 -15.65
C MET O 136 -1.52 -31.60 -16.71
N PRO O 137 -1.74 -32.50 -17.66
CA PRO O 137 -2.97 -32.42 -18.45
C PRO O 137 -4.17 -32.76 -17.58
N MET O 138 -5.27 -32.05 -17.81
CA MET O 138 -6.42 -32.19 -16.92
C MET O 138 -6.97 -33.61 -16.90
N ALA O 139 -6.69 -34.40 -17.94
CA ALA O 139 -7.10 -35.80 -17.92
C ALA O 139 -6.37 -36.56 -16.82
N LEU O 140 -5.13 -36.19 -16.53
CA LEU O 140 -4.33 -36.84 -15.50
C LEU O 140 -4.53 -36.21 -14.12
N ALA O 141 -5.24 -35.09 -14.05
CA ALA O 141 -5.57 -34.45 -12.78
C ALA O 141 -6.90 -35.01 -12.31
N LYS O 142 -6.87 -35.84 -11.27
CA LYS O 142 -8.02 -36.58 -10.81
C LYS O 142 -8.94 -35.66 -10.01
N GLY O 143 -10.13 -35.43 -10.53
CA GLY O 143 -11.11 -34.55 -9.91
C GLY O 143 -11.27 -33.22 -10.59
N PHE O 144 -10.37 -32.87 -11.51
CA PHE O 144 -10.38 -31.54 -12.11
C PHE O 144 -11.38 -31.45 -13.26
N ASN O 145 -12.18 -30.39 -13.22
CA ASN O 145 -13.12 -30.07 -14.29
C ASN O 145 -13.21 -28.55 -14.38
N VAL O 146 -13.92 -28.08 -15.40
CA VAL O 146 -14.10 -26.65 -15.62
C VAL O 146 -15.26 -26.19 -14.73
N THR O 147 -14.93 -25.56 -13.60
CA THR O 147 -15.96 -25.16 -12.64
C THR O 147 -16.71 -23.93 -13.12
N ALA O 148 -16.08 -23.10 -13.95
CA ALA O 148 -16.71 -21.88 -14.42
C ALA O 148 -16.00 -21.41 -15.68
N GLY O 149 -16.61 -20.45 -16.35
CA GLY O 149 -16.04 -19.87 -17.55
C GLY O 149 -16.22 -20.76 -18.76
N ARG O 150 -15.71 -20.26 -19.88
CA ARG O 150 -15.82 -20.98 -21.14
C ARG O 150 -14.78 -22.10 -21.22
N ASP O 151 -15.22 -23.26 -21.70
CA ASP O 151 -14.31 -24.35 -22.00
C ASP O 151 -13.72 -24.14 -23.39
N PRO O 152 -12.41 -23.93 -23.52
CA PRO O 152 -11.84 -23.75 -24.87
C PRO O 152 -11.78 -25.03 -25.67
N ARG O 153 -11.74 -26.18 -25.00
CA ARG O 153 -11.58 -27.46 -25.68
C ARG O 153 -12.53 -27.60 -26.85
N GLY O 154 -11.97 -27.89 -28.02
CA GLY O 154 -12.73 -28.03 -29.23
C GLY O 154 -12.88 -26.76 -30.04
N LEU O 155 -12.39 -25.66 -29.56
CA LEU O 155 -12.54 -24.42 -30.29
C LEU O 155 -11.42 -24.25 -31.31
N PRO O 156 -11.69 -23.65 -32.46
CA PRO O 156 -10.63 -23.39 -33.42
C PRO O 156 -9.72 -22.28 -32.95
N VAL O 157 -8.46 -22.33 -33.40
CA VAL O 157 -7.44 -21.38 -32.97
C VAL O 157 -7.13 -20.47 -34.15
N GLN O 158 -7.46 -19.19 -34.00
CA GLN O 158 -7.15 -18.17 -34.99
C GLN O 158 -5.79 -17.55 -34.67
N ALA O 159 -4.99 -17.32 -35.71
CA ALA O 159 -3.66 -16.79 -35.56
C ALA O 159 -3.63 -15.31 -35.95
N ALA O 160 -2.45 -14.71 -35.83
CA ALA O 160 -2.27 -13.31 -36.20
C ALA O 160 -2.65 -13.05 -37.65
N ASP O 161 -2.36 -14.01 -38.54
CA ASP O 161 -2.72 -13.87 -39.95
C ASP O 161 -4.21 -14.00 -40.20
N LEU O 162 -5.02 -14.10 -39.15
CA LEU O 162 -6.46 -14.29 -39.23
C LEU O 162 -6.81 -15.64 -39.86
N GLU O 163 -5.82 -16.50 -40.04
CA GLU O 163 -6.03 -17.86 -40.51
C GLU O 163 -6.12 -18.81 -39.34
N VAL O 164 -6.79 -19.93 -39.56
CA VAL O 164 -6.98 -20.94 -38.53
C VAL O 164 -5.91 -22.01 -38.68
N VAL O 165 -5.38 -22.47 -37.54
CA VAL O 165 -4.30 -23.44 -37.54
C VAL O 165 -4.68 -24.75 -36.87
N GLY O 166 -5.81 -24.81 -36.17
CA GLY O 166 -6.20 -26.05 -35.52
C GLY O 166 -7.27 -25.80 -34.48
N ARG O 167 -7.43 -26.80 -33.62
CA ARG O 167 -8.44 -26.79 -32.58
C ARG O 167 -7.83 -27.18 -31.25
N VAL O 168 -8.33 -26.55 -30.18
CA VAL O 168 -7.86 -26.86 -28.84
C VAL O 168 -8.31 -28.26 -28.45
N SER O 169 -7.45 -28.98 -27.75
CA SER O 169 -7.68 -30.38 -27.42
C SER O 169 -7.69 -30.64 -25.92
N GLU O 170 -6.70 -30.12 -25.20
CA GLU O 170 -6.51 -30.45 -23.80
C GLU O 170 -6.06 -29.21 -23.05
N LEU O 171 -6.21 -29.27 -21.73
CA LEU O 171 -5.85 -28.18 -20.83
C LEU O 171 -4.81 -28.67 -19.85
N TRP O 172 -3.69 -27.96 -19.77
CA TRP O 172 -2.63 -28.25 -18.82
C TRP O 172 -2.78 -27.32 -17.64
N VAL O 173 -2.94 -27.90 -16.45
CA VAL O 173 -3.40 -27.17 -15.28
C VAL O 173 -2.39 -27.30 -14.16
N ASP O 174 -2.18 -26.19 -13.47
CA ASP O 174 -1.44 -26.17 -12.21
C ASP O 174 -2.36 -26.73 -11.13
N VAL O 175 -1.98 -27.86 -10.54
CA VAL O 175 -2.85 -28.61 -9.65
C VAL O 175 -2.90 -27.95 -8.27
N PRO O 176 -1.76 -27.59 -7.68
CA PRO O 176 -1.82 -26.95 -6.35
C PRO O 176 -2.48 -25.58 -6.37
N GLU O 177 -2.34 -24.84 -7.47
CA GLU O 177 -2.91 -23.51 -7.58
C GLU O 177 -4.26 -23.50 -8.31
N GLN O 178 -4.65 -24.62 -8.91
CA GLN O 178 -5.97 -24.77 -9.52
C GLN O 178 -6.23 -23.67 -10.54
N MET O 179 -5.41 -23.68 -11.59
CA MET O 179 -5.53 -22.70 -12.67
C MET O 179 -4.96 -23.31 -13.94
N VAL O 180 -5.39 -22.76 -15.06
CA VAL O 180 -4.92 -23.20 -16.37
C VAL O 180 -3.64 -22.46 -16.71
N ARG O 181 -2.63 -23.20 -17.17
CA ARG O 181 -1.34 -22.66 -17.54
C ARG O 181 -1.08 -22.71 -19.03
N TYR O 182 -1.29 -23.86 -19.66
CA TYR O 182 -1.13 -24.03 -21.09
C TYR O 182 -2.35 -24.76 -21.62
N LEU O 183 -2.76 -24.40 -22.84
CA LEU O 183 -3.76 -25.15 -23.57
C LEU O 183 -3.10 -25.79 -24.78
N GLU O 184 -3.34 -27.08 -24.97
CA GLU O 184 -2.76 -27.82 -26.08
C GLU O 184 -3.63 -27.66 -27.32
N ILE O 185 -2.98 -27.64 -28.49
CA ILE O 185 -3.66 -27.41 -29.75
C ILE O 185 -3.40 -28.59 -30.68
N ASP O 186 -4.47 -29.08 -31.32
CA ASP O 186 -4.36 -30.07 -32.38
C ASP O 186 -4.18 -29.33 -33.69
N LEU O 187 -2.94 -29.29 -34.19
CA LEU O 187 -2.66 -28.58 -35.42
C LEU O 187 -3.17 -29.36 -36.62
N ASN O 188 -3.62 -28.62 -37.62
CA ASN O 188 -4.12 -29.22 -38.85
C ASN O 188 -3.04 -30.00 -39.60
N SER O 189 -1.79 -29.93 -39.16
CA SER O 189 -0.69 -30.67 -39.77
C SER O 189 -0.46 -32.02 -39.10
N GLY O 190 -1.25 -32.37 -38.08
CA GLY O 190 -1.10 -33.63 -37.39
C GLY O 190 -0.21 -33.61 -36.17
N LYS O 191 0.12 -32.43 -35.65
CA LYS O 191 1.02 -32.28 -34.53
C LYS O 191 0.30 -31.61 -33.36
N LYS O 192 0.81 -31.88 -32.16
CA LYS O 192 0.32 -31.27 -30.94
C LYS O 192 1.36 -30.27 -30.45
N ARG O 193 0.91 -29.07 -30.11
CA ARG O 193 1.78 -28.01 -29.63
C ARG O 193 1.11 -27.27 -28.49
N LEU O 194 1.91 -26.91 -27.49
CA LEU O 194 1.42 -26.16 -26.34
C LEU O 194 1.49 -24.66 -26.59
N VAL O 195 0.61 -23.93 -25.94
CA VAL O 195 0.59 -22.48 -26.02
C VAL O 195 0.16 -21.93 -24.66
N PRO O 196 0.84 -20.92 -24.12
CA PRO O 196 0.44 -20.40 -22.80
C PRO O 196 -0.95 -19.78 -22.85
N MET O 197 -1.68 -19.95 -21.75
CA MET O 197 -3.00 -19.35 -21.64
C MET O 197 -2.92 -17.83 -21.60
N THR O 198 -1.85 -17.29 -21.02
CA THR O 198 -1.67 -15.85 -20.94
C THR O 198 -1.50 -15.19 -22.31
N LEU O 199 -1.26 -15.97 -23.35
CA LEU O 199 -1.13 -15.46 -24.71
C LEU O 199 -2.26 -15.94 -25.60
N ALA O 200 -3.39 -16.33 -25.00
CA ALA O 200 -4.54 -16.83 -25.71
C ALA O 200 -5.80 -16.22 -25.11
N LYS O 201 -6.63 -15.64 -25.96
CA LYS O 201 -7.87 -14.99 -25.54
C LYS O 201 -9.03 -15.81 -26.07
N ILE O 202 -9.86 -16.32 -25.16
CA ILE O 202 -11.00 -17.15 -25.53
C ILE O 202 -12.14 -16.22 -25.94
N TRP O 203 -12.54 -16.32 -27.20
CA TRP O 203 -13.81 -15.77 -27.65
C TRP O 203 -14.87 -16.87 -27.57
N ALA O 204 -16.11 -16.48 -27.89
CA ALA O 204 -17.19 -17.46 -27.87
C ALA O 204 -16.97 -18.56 -28.91
N ASP O 205 -16.47 -18.18 -30.08
CA ASP O 205 -16.38 -19.10 -31.21
C ASP O 205 -14.95 -19.51 -31.55
N ARG O 206 -13.95 -18.91 -30.92
CA ARG O 206 -12.57 -19.14 -31.32
C ARG O 206 -11.63 -18.78 -30.19
N VAL O 207 -10.40 -19.27 -30.30
CA VAL O 207 -9.28 -18.87 -29.46
C VAL O 207 -8.31 -18.09 -30.34
N ARG O 208 -8.10 -16.82 -30.00
CA ARG O 208 -7.26 -15.93 -30.80
C ARG O 208 -5.87 -15.86 -30.21
N VAL O 209 -4.88 -16.16 -31.03
CA VAL O 209 -3.47 -16.09 -30.66
C VAL O 209 -2.82 -15.09 -31.61
N ASN O 210 -2.77 -13.83 -31.19
CA ASN O 210 -2.26 -12.76 -32.05
C ASN O 210 -0.74 -12.64 -32.03
N ALA O 211 -0.07 -13.34 -31.12
CA ALA O 211 1.39 -13.24 -31.04
C ALA O 211 2.04 -13.77 -32.31
N ILE O 212 1.72 -15.00 -32.71
CA ILE O 212 2.39 -15.68 -33.81
C ILE O 212 1.39 -15.92 -34.93
N ALA O 213 1.90 -15.98 -36.15
CA ALA O 213 1.08 -16.24 -37.32
C ALA O 213 0.95 -17.74 -37.56
N SER O 214 0.32 -18.07 -38.69
CA SER O 214 0.08 -19.47 -39.02
C SER O 214 1.37 -20.19 -39.41
N ASP O 215 2.37 -19.44 -39.89
CA ASP O 215 3.62 -20.05 -40.30
C ASP O 215 4.40 -20.56 -39.10
N SER O 216 4.26 -19.91 -37.95
CA SER O 216 5.12 -20.21 -36.80
C SER O 216 4.57 -21.31 -35.92
N PHE O 217 3.28 -21.61 -36.01
CA PHE O 217 2.68 -22.59 -35.11
C PHE O 217 3.31 -23.97 -35.27
N GLU O 218 3.93 -24.21 -36.43
CA GLU O 218 4.45 -25.55 -36.69
C GLU O 218 5.82 -25.77 -36.07
N ASN O 219 6.65 -24.73 -36.05
CA ASN O 219 8.00 -24.82 -35.52
C ASN O 219 8.07 -24.58 -34.02
N ILE O 220 6.93 -24.62 -33.33
CA ILE O 220 6.96 -24.44 -31.88
C ILE O 220 7.69 -25.61 -31.23
N PRO O 221 8.49 -25.40 -30.20
CA PRO O 221 9.18 -26.53 -29.56
C PRO O 221 8.18 -27.52 -28.98
N ALA O 222 8.46 -28.81 -29.19
CA ALA O 222 7.60 -29.87 -28.70
C ALA O 222 8.12 -30.41 -27.37
N THR O 223 7.22 -31.07 -26.65
CA THR O 223 7.55 -31.76 -25.42
C THR O 223 8.01 -33.18 -25.75
N ARG O 224 9.09 -33.60 -25.08
CA ARG O 224 9.57 -34.97 -25.26
C ARG O 224 8.54 -35.96 -24.74
N SER O 225 7.76 -35.56 -23.74
CA SER O 225 6.70 -36.38 -23.17
C SER O 225 5.35 -35.72 -23.44
N ALA O 226 4.31 -36.53 -23.45
CA ALA O 226 2.95 -36.05 -23.65
C ALA O 226 2.20 -35.85 -22.35
N SER O 227 2.75 -36.28 -21.21
CA SER O 227 2.11 -36.13 -19.91
C SER O 227 2.77 -35.09 -19.03
N GLU O 228 4.02 -34.73 -19.31
CA GLU O 228 4.75 -33.76 -18.49
C GLU O 228 5.46 -32.76 -19.38
N VAL O 229 5.72 -31.58 -18.82
CA VAL O 229 6.44 -30.52 -19.49
C VAL O 229 7.50 -30.00 -18.53
N THR O 230 8.73 -29.86 -19.01
CA THR O 230 9.82 -29.41 -18.18
C THR O 230 9.92 -27.90 -18.18
N LYS O 231 10.60 -27.38 -17.16
CA LYS O 231 10.84 -25.93 -17.07
C LYS O 231 11.49 -25.42 -18.34
N LEU O 232 12.47 -26.16 -18.86
CA LEU O 232 13.15 -25.77 -20.09
C LEU O 232 12.18 -25.66 -21.25
N GLU O 233 11.38 -26.70 -21.47
CA GLU O 233 10.39 -26.68 -22.54
C GLU O 233 9.40 -25.53 -22.36
N GLU O 234 8.96 -25.31 -21.11
CA GLU O 234 8.06 -24.20 -20.85
C GLU O 234 8.68 -22.88 -21.29
N ASP O 235 9.94 -22.67 -20.94
CA ASP O 235 10.60 -21.41 -21.26
C ASP O 235 10.75 -21.25 -22.76
N LYS O 236 11.17 -22.31 -23.45
CA LYS O 236 11.29 -22.27 -24.90
C LYS O 236 9.95 -21.93 -25.55
N ILE O 237 8.89 -22.63 -25.15
CA ILE O 237 7.58 -22.41 -25.77
C ILE O 237 7.12 -20.98 -25.56
N SER O 238 7.15 -20.50 -24.32
CA SER O 238 6.64 -19.18 -24.03
C SER O 238 7.47 -18.10 -24.74
N GLY O 239 8.80 -18.27 -24.78
CA GLY O 239 9.62 -17.36 -25.54
C GLY O 239 9.26 -17.34 -27.01
N TYR O 240 9.16 -18.51 -27.62
CA TYR O 240 8.78 -18.59 -29.03
C TYR O 240 7.50 -17.83 -29.29
N VAL O 241 6.47 -18.08 -28.48
CA VAL O 241 5.19 -17.43 -28.73
C VAL O 241 5.29 -15.93 -28.56
N ALA O 242 5.90 -15.48 -27.46
CA ALA O 242 6.01 -14.05 -27.20
C ALA O 242 6.80 -13.33 -28.30
N GLY O 243 7.85 -13.96 -28.83
CA GLY O 243 8.66 -13.31 -29.85
C GLY O 243 7.87 -12.88 -31.06
N GLY O 244 6.69 -13.46 -31.26
CA GLY O 244 5.89 -13.12 -32.43
C GLY O 244 5.32 -11.73 -32.39
N TRP O 245 5.19 -11.14 -31.20
CA TRP O 245 4.68 -9.78 -31.12
C TRP O 245 5.60 -8.80 -31.83
N LEU O 246 6.85 -9.21 -32.07
CA LEU O 246 7.82 -8.41 -32.79
C LEU O 246 8.14 -9.01 -34.15
N TYR O 247 8.44 -10.31 -34.19
CA TYR O 247 8.94 -10.93 -35.41
C TYR O 247 7.83 -11.45 -36.32
N ASP O 248 6.58 -11.36 -35.90
CA ASP O 248 5.44 -11.70 -36.74
C ASP O 248 4.48 -10.52 -36.91
N ALA O 249 5.00 -9.30 -36.83
CA ALA O 249 4.14 -8.12 -36.90
C ALA O 249 3.81 -7.76 -38.34
N ASP O 250 4.73 -8.00 -39.26
CA ASP O 250 4.46 -7.71 -40.67
C ASP O 250 3.33 -8.58 -41.20
N LYS O 251 3.17 -9.78 -40.63
CA LYS O 251 2.09 -10.66 -41.07
C LYS O 251 0.79 -10.37 -40.34
N ARG O 252 0.88 -9.85 -39.12
CA ARG O 252 -0.31 -9.59 -38.32
C ARG O 252 -1.25 -8.61 -39.02
N LYS O 253 -2.54 -8.90 -38.96
CA LYS O 253 -3.56 -8.10 -39.62
C LYS O 253 -4.61 -7.63 -38.63
N ARG O 254 -5.42 -6.68 -39.08
CA ARG O 254 -6.53 -6.17 -38.29
C ARG O 254 -6.03 -5.44 -37.04
N MET P 1 31.89 -20.64 37.31
CA MET P 1 32.61 -19.67 36.42
C MET P 1 33.82 -20.32 35.77
N SER P 2 34.21 -21.48 36.30
CA SER P 2 35.29 -22.25 35.69
C SER P 2 34.97 -22.57 34.24
N LYS P 3 33.70 -22.80 33.92
CA LYS P 3 33.29 -23.29 32.61
C LYS P 3 32.39 -22.30 31.88
N PHE P 4 32.62 -21.00 32.09
CA PHE P 4 31.92 -19.99 31.30
C PHE P 4 32.34 -20.01 29.84
N TYR P 5 33.46 -20.66 29.51
CA TYR P 5 33.95 -20.70 28.15
C TYR P 5 33.02 -21.45 27.21
N LYS P 6 32.03 -22.17 27.73
CA LYS P 6 31.15 -22.95 26.88
C LYS P 6 30.11 -22.10 26.15
N ILE P 7 30.00 -20.82 26.50
CA ILE P 7 29.09 -19.93 25.78
C ILE P 7 29.52 -19.78 24.33
N TRP P 8 30.73 -20.24 24.01
CA TRP P 8 31.19 -20.21 22.63
C TRP P 8 30.83 -21.49 21.90
N GLN P 9 30.70 -22.59 22.63
CA GLN P 9 30.04 -23.77 22.07
C GLN P 9 28.57 -23.46 21.81
N VAL P 10 27.94 -22.71 22.72
CA VAL P 10 26.55 -22.32 22.52
C VAL P 10 26.44 -21.26 21.43
N PHE P 11 27.06 -20.11 21.63
CA PHE P 11 26.86 -18.94 20.78
C PHE P 11 27.99 -18.81 19.76
N ASP P 12 27.69 -18.14 18.65
CA ASP P 12 28.69 -17.93 17.61
C ASP P 12 29.48 -16.66 17.91
N PRO P 13 30.81 -16.70 17.82
CA PRO P 13 31.58 -15.51 18.23
C PRO P 13 31.41 -14.30 17.33
N ARG P 14 31.17 -14.50 16.03
CA ARG P 14 31.08 -13.38 15.11
C ARG P 14 29.85 -12.52 15.39
N ARG P 15 28.68 -13.15 15.47
CA ARG P 15 27.46 -12.41 15.82
C ARG P 15 27.61 -11.74 17.17
N VAL P 16 28.13 -12.47 18.15
CA VAL P 16 28.31 -11.92 19.49
C VAL P 16 29.16 -10.67 19.44
N PHE P 17 30.29 -10.73 18.73
CA PHE P 17 31.20 -9.60 18.70
C PHE P 17 30.57 -8.39 18.02
N VAL P 18 29.94 -8.60 16.87
CA VAL P 18 29.29 -7.49 16.18
C VAL P 18 28.25 -6.84 17.07
N ALA P 19 27.36 -7.64 17.66
CA ALA P 19 26.29 -7.10 18.47
C ALA P 19 26.84 -6.41 19.71
N GLN P 20 27.86 -6.98 20.33
CA GLN P 20 28.46 -6.39 21.52
C GLN P 20 29.10 -5.04 21.20
N GLY P 21 29.76 -4.94 20.04
CA GLY P 21 30.34 -3.67 19.67
C GLY P 21 29.29 -2.60 19.44
N VAL P 22 28.28 -2.92 18.63
CA VAL P 22 27.20 -1.96 18.39
C VAL P 22 26.56 -1.54 19.72
N PHE P 23 26.33 -2.51 20.61
CA PHE P 23 25.64 -2.23 21.86
C PHE P 23 26.48 -1.33 22.77
N LEU P 24 27.77 -1.64 22.90
CA LEU P 24 28.64 -0.82 23.74
C LEU P 24 28.78 0.59 23.18
N PHE P 25 28.91 0.72 21.87
CA PHE P 25 29.02 2.05 21.28
C PHE P 25 27.76 2.87 21.55
N LEU P 26 26.58 2.28 21.33
CA LEU P 26 25.35 3.03 21.54
C LEU P 26 25.18 3.40 23.01
N LEU P 27 25.52 2.47 23.92
CA LEU P 27 25.48 2.77 25.33
C LEU P 27 26.36 3.96 25.68
N ALA P 28 27.61 3.93 25.23
CA ALA P 28 28.53 5.03 25.53
C ALA P 28 28.03 6.35 24.98
N VAL P 29 27.55 6.34 23.73
CA VAL P 29 27.02 7.57 23.15
C VAL P 29 25.86 8.09 23.98
N MET P 30 24.96 7.22 24.40
CA MET P 30 23.79 7.65 25.16
C MET P 30 24.20 8.25 26.50
N ILE P 31 25.18 7.64 27.17
CA ILE P 31 25.62 8.16 28.45
C ILE P 31 26.29 9.52 28.28
N HIS P 32 27.19 9.64 27.30
CA HIS P 32 27.82 10.93 27.05
C HIS P 32 26.78 12.00 26.75
N LEU P 33 25.74 11.66 26.00
CA LEU P 33 24.72 12.65 25.65
C LEU P 33 23.90 13.04 26.87
N ILE P 34 23.57 12.06 27.71
CA ILE P 34 22.88 12.36 28.97
C ILE P 34 23.71 13.35 29.78
N LEU P 35 25.02 13.16 29.81
CA LEU P 35 25.88 14.06 30.56
C LEU P 35 25.90 15.44 29.93
N LEU P 36 25.97 15.50 28.59
CA LEU P 36 26.00 16.79 27.91
C LEU P 36 24.70 17.56 28.14
N SER P 37 23.58 16.85 28.31
CA SER P 37 22.31 17.53 28.55
C SER P 37 22.32 18.27 29.86
N LYS P 38 23.14 17.82 30.81
CA LYS P 38 23.13 18.37 32.16
C LYS P 38 24.20 19.44 32.27
N PRO P 39 23.85 20.69 32.62
CA PRO P 39 24.88 21.75 32.64
C PRO P 39 26.01 21.49 33.62
N ASP P 40 25.84 20.53 34.54
CA ASP P 40 26.86 20.33 35.56
C ASP P 40 27.88 19.29 35.13
N TYR P 41 27.48 18.33 34.29
CA TYR P 41 28.39 17.33 33.76
C TYR P 41 28.75 17.58 32.32
N ASN P 42 28.36 18.72 31.77
CA ASN P 42 28.89 19.20 30.51
C ASN P 42 30.32 19.68 30.74
N TRP P 43 31.29 18.89 30.28
CA TRP P 43 32.69 19.21 30.54
C TRP P 43 33.12 20.44 29.75
N LEU P 44 32.45 20.72 28.65
CA LEU P 44 32.81 21.87 27.83
C LEU P 44 32.38 23.17 28.50
N ASP P 45 31.13 23.26 28.91
CA ASP P 45 30.65 24.43 29.63
C ASP P 45 31.39 24.59 30.96
N VAL P 46 31.74 23.49 31.60
CA VAL P 46 32.49 23.55 32.85
C VAL P 46 33.88 24.11 32.59
N GLY P 47 34.51 23.72 31.49
CA GLY P 47 35.80 24.31 31.14
C GLY P 47 35.69 25.78 30.84
N THR P 48 34.64 26.18 30.14
CA THR P 48 34.40 27.61 29.91
C THR P 48 34.30 28.36 31.23
N ALA P 49 33.47 27.86 32.15
CA ALA P 49 33.32 28.52 33.45
C ALA P 49 34.63 28.54 34.23
N LYS P 50 35.47 27.52 34.04
CA LYS P 50 36.67 27.39 34.85
C LYS P 50 37.78 28.34 34.39
N TYR P 51 37.95 28.47 33.08
CA TYR P 51 39.08 29.21 32.52
C TYR P 51 38.68 30.62 32.09
N GLY P 52 37.49 31.07 32.45
CA GLY P 52 37.09 32.44 32.22
C GLY P 52 36.98 32.82 30.76
N ARG P 53 36.01 32.24 30.05
CA ARG P 53 35.81 32.54 28.65
C ARG P 53 34.34 32.55 28.26
N LEU Q 7 28.17 -31.97 22.55
CA LEU Q 7 27.79 -30.98 23.59
C LEU Q 7 27.99 -29.55 23.08
N SER Q 8 27.90 -29.37 21.76
CA SER Q 8 28.21 -28.10 21.11
C SER Q 8 27.17 -27.81 20.04
N PHE Q 9 26.46 -26.70 20.21
CA PHE Q 9 25.54 -26.20 19.19
C PHE Q 9 26.25 -25.37 18.13
N THR Q 10 27.57 -25.20 18.27
CA THR Q 10 28.42 -24.67 17.22
C THR Q 10 29.47 -25.72 16.89
N GLY Q 11 30.23 -25.48 15.84
CA GLY Q 11 31.32 -26.37 15.50
C GLY Q 11 32.59 -26.02 16.24
N LEU Q 12 32.53 -26.00 17.57
CA LEU Q 12 33.68 -25.65 18.38
C LEU Q 12 33.89 -26.69 19.48
N SER Q 13 35.16 -26.97 19.75
CA SER Q 13 35.55 -27.89 20.81
C SER Q 13 35.68 -27.15 22.14
N ASP Q 14 36.25 -27.85 23.12
CA ASP Q 14 36.53 -27.22 24.41
C ASP Q 14 37.85 -26.47 24.38
N GLU Q 15 38.82 -26.96 23.61
CA GLU Q 15 40.10 -26.27 23.50
C GLU Q 15 39.94 -24.92 22.80
N GLN Q 16 39.27 -24.92 21.64
CA GLN Q 16 39.02 -23.68 20.93
C GLN Q 16 38.24 -22.70 21.78
N ALA Q 17 37.22 -23.18 22.49
CA ALA Q 17 36.42 -22.31 23.33
C ALA Q 17 37.24 -21.74 24.48
N GLN Q 18 38.13 -22.56 25.05
CA GLN Q 18 38.94 -22.10 26.17
C GLN Q 18 39.91 -21.01 25.73
N GLU Q 19 40.53 -21.17 24.56
CA GLU Q 19 41.45 -20.15 24.06
C GLU Q 19 40.69 -18.88 23.68
N LEU Q 20 39.62 -19.04 22.91
CA LEU Q 20 38.72 -17.94 22.60
C LEU Q 20 38.36 -17.16 23.87
N HIS Q 21 38.02 -17.86 24.94
CA HIS Q 21 37.57 -17.18 26.15
C HIS Q 21 38.74 -16.53 26.88
N SER Q 22 39.91 -17.18 26.88
CA SER Q 22 41.06 -16.57 27.53
C SER Q 22 41.35 -15.21 26.93
N VAL Q 23 41.42 -15.14 25.60
CA VAL Q 23 41.75 -13.86 24.98
C VAL Q 23 40.56 -12.90 25.08
N TYR Q 24 39.33 -13.42 25.04
CA TYR Q 24 38.16 -12.58 25.22
C TYR Q 24 38.20 -11.89 26.57
N MET Q 25 38.53 -12.62 27.63
CA MET Q 25 38.59 -12.03 28.94
C MET Q 25 39.77 -11.09 29.07
N SER Q 26 40.88 -11.39 28.39
CA SER Q 26 41.97 -10.41 28.34
C SER Q 26 41.46 -9.07 27.83
N GLY Q 27 40.75 -9.08 26.70
CA GLY Q 27 40.25 -7.83 26.14
C GLY Q 27 39.21 -7.18 27.02
N LEU Q 28 38.32 -7.98 27.60
CA LEU Q 28 37.30 -7.46 28.50
C LEU Q 28 37.94 -6.76 29.70
N TRP Q 29 38.96 -7.37 30.29
CA TRP Q 29 39.58 -6.78 31.47
C TRP Q 29 40.38 -5.55 31.11
N LEU Q 30 40.95 -5.50 29.90
CA LEU Q 30 41.58 -4.26 29.45
C LEU Q 30 40.57 -3.13 29.36
N PHE Q 31 39.46 -3.38 28.65
CA PHE Q 31 38.38 -2.41 28.56
C PHE Q 31 37.93 -1.95 29.94
N VAL Q 32 37.71 -2.90 30.85
CA VAL Q 32 37.21 -2.58 32.18
C VAL Q 32 38.22 -1.76 32.96
N THR Q 33 39.51 -2.08 32.84
CA THR Q 33 40.52 -1.29 33.54
C THR Q 33 40.55 0.14 33.05
N ILE Q 34 40.50 0.32 31.73
CA ILE Q 34 40.44 1.67 31.17
C ILE Q 34 39.23 2.41 31.72
N ALA Q 35 38.09 1.73 31.77
CA ALA Q 35 36.86 2.37 32.24
C ALA Q 35 36.96 2.74 33.70
N VAL Q 36 37.60 1.89 34.50
CA VAL Q 36 37.74 2.17 35.93
C VAL Q 36 38.65 3.36 36.16
N ILE Q 37 39.74 3.45 35.40
CA ILE Q 37 40.62 4.61 35.53
C ILE Q 37 39.88 5.88 35.14
N ALA Q 38 39.14 5.84 34.03
CA ALA Q 38 38.36 7.00 33.63
C ALA Q 38 37.32 7.39 34.68
N HIS Q 39 36.68 6.40 35.29
CA HIS Q 39 35.67 6.68 36.30
C HIS Q 39 36.29 7.30 37.54
N ILE Q 40 37.48 6.82 37.95
CA ILE Q 40 38.15 7.44 39.08
C ILE Q 40 38.51 8.88 38.76
N ALA Q 41 39.01 9.12 37.54
CA ALA Q 41 39.30 10.48 37.13
C ALA Q 41 38.07 11.37 37.22
N VAL Q 42 36.94 10.89 36.72
CA VAL Q 42 35.74 11.72 36.71
C VAL Q 42 35.20 11.93 38.12
N TYR Q 43 35.38 10.94 39.00
CA TYR Q 43 34.90 11.10 40.37
C TYR Q 43 35.76 12.10 41.13
N ILE Q 44 37.07 12.07 40.92
CA ILE Q 44 37.93 13.08 41.51
C ILE Q 44 37.66 14.44 40.88
N TRP Q 45 37.17 14.44 39.64
CA TRP Q 45 36.95 15.70 38.92
C TRP Q 45 35.60 16.30 39.26
N ARG Q 46 34.54 15.48 39.24
CA ARG Q 46 33.19 15.96 39.42
C ARG Q 46 32.33 14.81 39.95
N PRO Q 47 32.34 14.60 41.26
CA PRO Q 47 31.63 13.44 41.82
C PRO Q 47 30.14 13.45 41.52
N TRP Q 48 29.55 12.26 41.54
CA TRP Q 48 28.12 12.08 41.34
C TRP Q 48 27.47 11.28 42.46
N LEU Q 49 28.26 10.80 43.42
CA LEU Q 49 27.71 10.04 44.54
C LEU Q 49 28.11 10.69 45.85
N SER R 2 15.62 -28.65 42.39
CA SER R 2 16.70 -29.68 42.37
C SER R 2 16.86 -30.26 40.98
N LYS R 3 15.76 -30.80 40.45
CA LYS R 3 15.74 -31.36 39.09
C LYS R 3 15.34 -30.32 38.06
N PHE R 4 15.54 -29.04 38.35
CA PHE R 4 15.21 -27.98 37.41
C PHE R 4 16.03 -28.06 36.13
N TYR R 5 17.13 -28.82 36.13
CA TYR R 5 18.01 -28.83 34.97
C TYR R 5 17.31 -29.31 33.70
N LYS R 6 16.13 -29.91 33.80
CA LYS R 6 15.43 -30.39 32.63
C LYS R 6 14.83 -29.26 31.79
N ILE R 7 14.88 -28.02 32.27
CA ILE R 7 14.38 -26.90 31.49
C ILE R 7 15.01 -26.89 30.12
N TRP R 8 16.27 -27.34 30.02
CA TRP R 8 16.94 -27.37 28.74
C TRP R 8 16.74 -28.70 28.04
N GLN R 9 16.20 -29.70 28.74
CA GLN R 9 15.61 -30.83 28.05
C GLN R 9 14.31 -30.43 27.35
N VAL R 10 13.71 -29.33 27.80
CA VAL R 10 12.52 -28.82 27.10
C VAL R 10 12.81 -27.54 26.30
N PHE R 11 13.71 -26.68 26.78
CA PHE R 11 13.99 -25.40 26.14
C PHE R 11 15.36 -25.42 25.46
N ASP R 12 15.47 -24.67 24.37
CA ASP R 12 16.75 -24.53 23.68
C ASP R 12 17.58 -23.44 24.34
N PRO R 13 18.82 -23.72 24.76
CA PRO R 13 19.57 -22.72 25.52
C PRO R 13 19.90 -21.44 24.74
N ARG R 14 20.12 -21.54 23.44
CA ARG R 14 20.55 -20.39 22.66
C ARG R 14 19.50 -19.29 22.68
N ARG R 15 18.29 -19.61 22.23
CA ARG R 15 17.25 -18.60 22.11
C ARG R 15 16.80 -18.11 23.47
N VAL R 16 16.71 -19.01 24.46
CA VAL R 16 16.33 -18.58 25.79
C VAL R 16 17.36 -17.62 26.37
N PHE R 17 18.65 -17.88 26.10
CA PHE R 17 19.68 -16.97 26.58
C PHE R 17 19.56 -15.61 25.91
N VAL R 18 19.38 -15.58 24.59
CA VAL R 18 19.21 -14.30 23.91
C VAL R 18 18.03 -13.54 24.51
N ALA R 19 16.91 -14.22 24.71
CA ALA R 19 15.72 -13.58 25.24
C ALA R 19 15.96 -13.06 26.65
N GLN R 20 16.55 -13.89 27.52
CA GLN R 20 16.83 -13.46 28.88
C GLN R 20 17.73 -12.23 28.90
N GLY R 21 18.76 -12.20 28.06
CA GLY R 21 19.63 -11.04 28.02
C GLY R 21 18.90 -9.79 27.58
N VAL R 22 18.13 -9.89 26.50
CA VAL R 22 17.40 -8.73 26.02
C VAL R 22 16.42 -8.24 27.08
N PHE R 23 15.72 -9.17 27.73
CA PHE R 23 14.75 -8.81 28.75
C PHE R 23 15.41 -8.11 29.92
N LEU R 24 16.51 -8.66 30.42
CA LEU R 24 17.21 -8.04 31.53
C LEU R 24 17.72 -6.65 31.16
N PHE R 25 18.25 -6.50 29.95
CA PHE R 25 18.75 -5.19 29.54
C PHE R 25 17.63 -4.17 29.48
N LEU R 26 16.53 -4.50 28.80
CA LEU R 26 15.41 -3.58 28.69
C LEU R 26 14.84 -3.24 30.06
N LEU R 27 14.79 -4.22 30.96
CA LEU R 27 14.28 -3.97 32.30
C LEU R 27 15.18 -3.02 33.08
N ALA R 28 16.49 -3.26 33.03
CA ALA R 28 17.41 -2.37 33.74
C ALA R 28 17.36 -0.96 33.19
N VAL R 29 17.30 -0.83 31.86
CA VAL R 29 17.19 0.50 31.26
C VAL R 29 15.90 1.19 31.70
N MET R 30 14.78 0.45 31.66
CA MET R 30 13.52 1.02 32.09
C MET R 30 13.59 1.53 33.53
N ILE R 31 14.20 0.75 34.42
CA ILE R 31 14.23 1.16 35.82
C ILE R 31 15.15 2.35 36.02
N HIS R 32 16.32 2.34 35.38
CA HIS R 32 17.21 3.48 35.47
C HIS R 32 16.53 4.74 34.97
N LEU R 33 15.78 4.65 33.88
CA LEU R 33 15.06 5.81 33.37
C LEU R 33 13.99 6.27 34.35
N ILE R 34 13.19 5.33 34.87
CA ILE R 34 12.15 5.69 35.84
C ILE R 34 12.75 6.46 37.00
N LEU R 35 13.94 6.03 37.45
CA LEU R 35 14.59 6.77 38.53
C LEU R 35 15.12 8.11 38.05
N LEU R 36 15.56 8.20 36.80
CA LEU R 36 15.99 9.48 36.25
C LEU R 36 14.82 10.45 36.13
N SER R 37 13.62 9.94 35.88
CA SER R 37 12.46 10.79 35.71
C SER R 37 11.94 11.37 37.02
N LYS R 38 12.57 11.04 38.14
CA LYS R 38 12.13 11.53 39.44
C LYS R 38 13.24 12.35 40.07
N PRO R 39 13.02 13.63 40.36
CA PRO R 39 14.12 14.46 40.89
C PRO R 39 14.76 13.92 42.15
N ASP R 40 14.04 13.10 42.92
CA ASP R 40 14.57 12.68 44.21
C ASP R 40 15.45 11.44 44.09
N TYR R 41 15.33 10.71 42.98
CA TYR R 41 16.14 9.52 42.76
C TYR R 41 17.12 9.70 41.60
N ASN R 42 17.16 10.87 40.99
CA ASN R 42 18.15 11.18 39.96
C ASN R 42 19.49 11.42 40.66
N TRP R 43 20.46 10.54 40.39
CA TRP R 43 21.71 10.58 41.13
C TRP R 43 22.58 11.75 40.69
N LEU R 44 22.41 12.22 39.47
CA LEU R 44 23.22 13.32 38.97
C LEU R 44 22.82 14.64 39.63
N ASP R 45 21.53 14.95 39.61
CA ASP R 45 21.05 16.15 40.28
C ASP R 45 21.31 16.08 41.78
N VAL R 46 21.18 14.90 42.37
CA VAL R 46 21.47 14.72 43.78
C VAL R 46 22.92 15.05 44.08
N GLY R 47 23.84 14.48 43.29
CA GLY R 47 25.25 14.78 43.50
C GLY R 47 25.56 16.26 43.31
N THR R 48 24.96 16.86 42.29
CA THR R 48 25.10 18.30 42.09
C THR R 48 24.70 19.06 43.35
N ALA R 49 23.50 18.79 43.87
CA ALA R 49 23.01 19.52 45.02
C ALA R 49 23.84 19.26 46.26
N LYS R 50 24.45 18.07 46.34
CA LYS R 50 25.15 17.69 47.57
C LYS R 50 26.50 18.38 47.67
N TYR R 51 27.13 18.66 46.54
CA TYR R 51 28.46 19.26 46.51
C TYR R 51 28.43 20.75 46.22
N GLY R 52 27.26 21.35 46.08
CA GLY R 52 27.15 22.78 45.86
C GLY R 52 27.63 23.23 44.51
N ARG R 53 26.93 22.84 43.45
CA ARG R 53 27.31 23.20 42.09
C ARG R 53 26.10 23.39 41.20
N ALA S 2 29.29 -3.54 -18.51
CA ALA S 2 27.96 -2.90 -18.37
C ALA S 2 26.85 -3.93 -18.41
N LEU S 3 27.08 -5.00 -19.18
CA LEU S 3 26.03 -5.98 -19.41
C LEU S 3 26.00 -7.03 -18.32
N LEU S 4 24.79 -7.36 -17.89
CA LEU S 4 24.60 -8.54 -17.07
C LEU S 4 24.96 -9.79 -17.86
N SER S 5 25.17 -10.89 -17.13
CA SER S 5 25.64 -12.12 -17.76
C SER S 5 24.67 -12.60 -18.83
N PHE S 6 23.41 -12.16 -18.76
CA PHE S 6 22.35 -12.65 -19.65
C PHE S 6 21.74 -11.56 -20.51
N GLU S 7 22.34 -10.36 -20.55
CA GLU S 7 21.70 -9.23 -21.19
C GLU S 7 21.93 -9.20 -22.69
N ARG S 8 22.94 -9.92 -23.17
CA ARG S 8 23.34 -9.79 -24.57
C ARG S 8 22.26 -10.28 -25.52
N LYS S 9 21.68 -11.45 -25.24
CA LYS S 9 20.74 -12.04 -26.20
C LYS S 9 19.48 -11.21 -26.34
N TYR S 10 19.24 -10.30 -25.40
CA TYR S 10 18.05 -9.47 -25.42
C TYR S 10 18.25 -8.13 -26.11
N ARG S 11 19.51 -7.74 -26.36
CA ARG S 11 19.81 -6.45 -26.98
C ARG S 11 19.73 -6.60 -28.48
N VAL S 12 18.51 -6.50 -28.99
CA VAL S 12 18.24 -6.65 -30.42
C VAL S 12 17.59 -5.36 -30.91
N PRO S 13 17.49 -5.19 -32.22
CA PRO S 13 16.74 -4.04 -32.75
C PRO S 13 15.25 -4.31 -32.74
N GLY S 14 14.48 -3.23 -32.65
CA GLY S 14 13.04 -3.28 -32.69
C GLY S 14 12.42 -2.79 -31.40
N GLY S 15 11.10 -2.60 -31.48
CA GLY S 15 10.35 -2.09 -30.35
C GLY S 15 10.31 -0.58 -30.26
N THR S 16 10.34 0.11 -31.40
CA THR S 16 10.34 1.56 -31.45
C THR S 16 9.01 2.05 -31.99
N LEU S 17 8.45 3.07 -31.35
CA LEU S 17 7.23 3.70 -31.86
C LEU S 17 7.57 4.79 -32.86
N VAL S 18 8.59 5.60 -32.55
CA VAL S 18 9.07 6.64 -33.45
C VAL S 18 10.58 6.45 -33.60
N GLY S 19 11.07 6.68 -34.80
CA GLY S 19 12.45 6.36 -35.11
C GLY S 19 12.67 4.86 -35.24
N GLY S 20 13.60 4.50 -36.11
CA GLY S 20 13.97 3.12 -36.31
C GLY S 20 15.40 2.88 -35.87
N ASN S 21 16.29 2.65 -36.84
CA ASN S 21 17.72 2.63 -36.54
C ASN S 21 18.11 3.84 -35.72
N LEU S 22 17.39 4.94 -35.88
CA LEU S 22 17.69 6.18 -35.18
C LEU S 22 17.33 6.06 -33.71
N PHE S 23 18.29 6.43 -32.86
CA PHE S 23 18.15 6.43 -31.40
C PHE S 23 17.95 5.04 -30.81
N ASP S 24 18.31 3.98 -31.53
CA ASP S 24 18.18 2.63 -31.00
C ASP S 24 19.53 2.17 -30.48
N PHE S 25 19.88 2.64 -29.29
CA PHE S 25 21.15 2.28 -28.66
C PHE S 25 21.03 2.47 -27.16
N TRP S 26 22.10 2.13 -26.46
CA TRP S 26 22.15 2.17 -25.01
C TRP S 26 23.27 3.10 -24.56
N VAL S 27 23.03 3.79 -23.45
CA VAL S 27 24.05 4.57 -22.76
C VAL S 27 24.27 3.91 -21.42
N GLY S 28 25.23 3.00 -21.35
CA GLY S 28 25.40 2.16 -20.19
C GLY S 28 24.28 1.16 -20.09
N PRO S 29 23.54 1.18 -18.98
CA PRO S 29 22.35 0.34 -18.91
C PRO S 29 21.14 0.97 -19.55
N PHE S 30 21.06 2.29 -19.56
CA PHE S 30 19.87 2.98 -20.01
C PHE S 30 19.65 2.78 -21.51
N TYR S 31 18.40 2.49 -21.85
CA TYR S 31 17.94 2.54 -23.23
C TYR S 31 17.46 3.95 -23.54
N VAL S 32 17.98 4.52 -24.61
CA VAL S 32 17.66 5.86 -25.03
C VAL S 32 17.08 5.81 -26.44
N GLY S 33 15.80 6.15 -26.56
CA GLY S 33 15.18 6.33 -27.86
C GLY S 33 14.74 7.76 -28.09
N PHE S 34 13.81 7.95 -29.03
CA PHE S 34 13.20 9.26 -29.21
C PHE S 34 12.72 9.83 -27.89
N PHE S 35 12.03 9.01 -27.10
CA PHE S 35 11.42 9.50 -25.87
C PHE S 35 12.41 9.54 -24.72
N GLY S 36 13.46 8.72 -24.76
CA GLY S 36 14.57 8.92 -23.84
C GLY S 36 15.25 10.25 -24.05
N VAL S 37 15.55 10.59 -25.31
CA VAL S 37 16.09 11.90 -25.64
C VAL S 37 15.16 13.00 -25.14
N THR S 38 13.87 12.88 -25.44
CA THR S 38 12.92 13.93 -25.09
C THR S 38 12.80 14.10 -23.58
N THR S 39 12.76 12.99 -22.84
CA THR S 39 12.59 13.10 -21.39
C THR S 39 13.87 13.58 -20.73
N PHE S 40 15.04 13.20 -21.25
CA PHE S 40 16.27 13.79 -20.75
C PHE S 40 16.27 15.30 -20.94
N PHE S 41 15.91 15.76 -22.14
CA PHE S 41 15.86 17.19 -22.40
C PHE S 41 14.92 17.88 -21.41
N PHE S 42 13.69 17.37 -21.28
CA PHE S 42 12.71 18.02 -20.43
C PHE S 42 13.13 18.00 -18.96
N ALA S 43 13.67 16.87 -18.49
CA ALA S 43 14.09 16.77 -17.10
C ALA S 43 15.23 17.73 -16.80
N ALA S 44 16.24 17.77 -17.68
CA ALA S 44 17.35 18.68 -17.46
C ALA S 44 16.89 20.13 -17.50
N LEU S 45 16.02 20.48 -18.45
CA LEU S 45 15.52 21.84 -18.51
C LEU S 45 14.74 22.21 -17.26
N GLY S 46 13.88 21.31 -16.78
CA GLY S 46 13.11 21.61 -15.58
C GLY S 46 13.98 21.75 -14.35
N THR S 47 14.96 20.85 -14.20
CA THR S 47 15.91 20.97 -13.09
C THR S 47 16.63 22.30 -13.13
N LEU S 48 17.12 22.70 -14.32
CA LEU S 48 17.86 23.94 -14.43
C LEU S 48 16.96 25.15 -14.19
N LEU S 49 15.70 25.04 -14.58
CA LEU S 49 14.75 26.12 -14.32
C LEU S 49 14.50 26.27 -12.82
N ILE S 50 14.35 25.16 -12.11
CA ILE S 50 14.19 25.22 -10.66
C ILE S 50 15.42 25.84 -10.02
N LEU S 51 16.62 25.42 -10.45
CA LEU S 51 17.84 25.98 -9.89
C LEU S 51 17.95 27.47 -10.14
N TYR S 52 17.62 27.91 -11.35
CA TYR S 52 17.68 29.35 -11.65
C TYR S 52 16.63 30.12 -10.87
N GLY S 53 15.45 29.53 -10.68
CA GLY S 53 14.42 30.20 -9.91
C GLY S 53 14.82 30.40 -8.47
N THR S 54 15.40 29.38 -7.84
CA THR S 54 15.83 29.55 -6.47
C THR S 54 17.07 30.42 -6.38
N ALA S 55 17.86 30.49 -7.45
CA ALA S 55 18.94 31.46 -7.50
C ALA S 55 18.40 32.89 -7.49
N MET S 56 17.48 33.19 -8.40
CA MET S 56 16.79 34.47 -8.39
C MET S 56 16.24 34.80 -7.00
N GLU S 57 15.49 33.87 -6.41
CA GLU S 57 14.98 34.11 -5.06
C GLU S 57 16.12 34.33 -4.07
N GLY S 58 17.25 33.67 -4.28
CA GLY S 58 18.38 33.76 -3.39
C GLY S 58 18.49 32.64 -2.39
N VAL S 59 17.95 31.47 -2.70
CA VAL S 59 17.78 30.39 -1.75
C VAL S 59 18.46 29.15 -2.32
N TRP S 60 19.39 28.58 -1.56
CA TRP S 60 20.12 27.40 -1.99
C TRP S 60 19.96 26.22 -1.05
N ASN S 61 19.28 26.40 0.07
CA ASN S 61 18.93 25.28 0.92
C ASN S 61 17.85 24.45 0.23
N PRO S 62 18.14 23.21 -0.16
CA PRO S 62 17.16 22.46 -0.96
C PRO S 62 15.86 22.18 -0.23
N GLN S 63 15.82 22.43 1.08
CA GLN S 63 14.61 22.26 1.86
C GLN S 63 13.79 23.52 1.99
N LEU S 64 14.26 24.64 1.44
CA LEU S 64 13.52 25.88 1.40
C LEU S 64 13.23 26.35 -0.03
N ILE S 65 13.89 25.74 -1.02
CA ILE S 65 13.57 26.02 -2.41
C ILE S 65 12.08 25.83 -2.63
N SER S 66 11.44 26.83 -3.24
CA SER S 66 10.05 26.72 -3.63
C SER S 66 9.79 27.59 -4.84
N ILE S 67 9.36 26.95 -5.92
CA ILE S 67 8.93 27.64 -7.14
C ILE S 67 7.40 27.66 -7.12
N GLU S 68 6.84 28.79 -6.80
CA GLU S 68 5.41 28.95 -6.61
C GLU S 68 4.73 29.28 -7.92
N PRO S 69 3.46 28.92 -8.06
CA PRO S 69 2.73 29.23 -9.29
C PRO S 69 2.41 30.71 -9.38
N PRO S 70 1.68 31.11 -10.41
CA PRO S 70 1.18 32.48 -10.47
C PRO S 70 0.11 32.72 -9.42
N SER S 71 -0.39 33.95 -9.41
CA SER S 71 -1.44 34.31 -8.48
C SER S 71 -2.79 33.81 -8.98
N VAL S 72 -3.77 33.89 -8.09
CA VAL S 72 -5.13 33.52 -8.46
C VAL S 72 -5.74 34.60 -9.34
N GLU S 73 -5.27 35.84 -9.20
CA GLU S 73 -5.75 36.94 -10.01
C GLU S 73 -5.23 36.86 -11.44
N ASN S 74 -4.01 36.34 -11.64
CA ASN S 74 -3.47 36.20 -12.99
C ASN S 74 -4.39 35.36 -13.86
N GLY S 75 -5.16 34.46 -13.25
CA GLY S 75 -6.05 33.61 -14.02
C GLY S 75 -5.30 32.48 -14.72
N LEU S 76 -5.73 32.20 -15.95
CA LEU S 76 -5.14 31.15 -16.77
C LEU S 76 -4.06 31.66 -17.69
N ALA S 77 -3.73 32.94 -17.62
CA ALA S 77 -2.76 33.54 -18.52
C ALA S 77 -1.34 33.19 -18.10
N PHE S 78 -0.43 33.22 -19.08
CA PHE S 78 0.98 33.06 -18.80
C PHE S 78 1.51 34.30 -18.09
N ALA S 79 2.18 34.08 -16.98
CA ALA S 79 2.63 35.12 -16.08
C ALA S 79 4.10 35.44 -16.30
N PRO S 80 4.56 36.56 -15.74
CA PRO S 80 5.99 36.85 -15.79
C PRO S 80 6.80 35.72 -15.18
N LEU S 81 7.92 35.39 -15.82
CA LEU S 81 8.70 34.24 -15.42
C LEU S 81 9.16 34.37 -13.97
N ALA S 82 9.32 35.59 -13.49
CA ALA S 82 9.63 35.80 -12.09
C ALA S 82 8.40 35.74 -11.19
N GLU S 83 7.20 35.61 -11.77
CA GLU S 83 5.96 35.60 -11.02
C GLU S 83 5.13 34.35 -11.24
N GLY S 84 5.67 33.34 -11.93
CA GLY S 84 4.96 32.09 -12.11
C GLY S 84 5.18 31.45 -13.46
N GLY S 85 5.73 32.21 -14.41
CA GLY S 85 6.08 31.63 -15.69
C GLY S 85 7.07 30.49 -15.57
N LEU S 86 7.96 30.57 -14.58
CA LEU S 86 8.92 29.48 -14.38
C LEU S 86 8.20 28.22 -13.90
N TRP S 87 7.27 28.38 -12.96
CA TRP S 87 6.44 27.25 -12.56
C TRP S 87 5.72 26.66 -13.77
N GLN S 88 5.19 27.51 -14.63
CA GLN S 88 4.46 27.03 -15.80
C GLN S 88 5.36 26.24 -16.74
N LEU S 89 6.52 26.79 -17.08
CA LEU S 89 7.47 26.06 -17.91
C LEU S 89 7.88 24.75 -17.27
N ILE S 90 8.14 24.75 -15.96
CA ILE S 90 8.54 23.53 -15.27
C ILE S 90 7.42 22.50 -15.32
N THR S 91 6.17 22.94 -15.28
CA THR S 91 5.05 22.02 -15.34
C THR S 91 4.91 21.42 -16.72
N ILE S 92 5.07 22.25 -17.76
CA ILE S 92 5.10 21.74 -19.13
C ILE S 92 6.20 20.70 -19.26
N CYS S 93 7.40 21.01 -18.78
CA CYS S 93 8.53 20.10 -18.90
C CYS S 93 8.29 18.81 -18.12
N ALA S 94 7.66 18.91 -16.94
CA ALA S 94 7.38 17.73 -16.15
C ALA S 94 6.38 16.83 -16.84
N LEU S 95 5.31 17.41 -17.39
CA LEU S 95 4.37 16.61 -18.17
C LEU S 95 5.06 15.91 -19.33
N GLY S 96 5.85 16.65 -20.09
CA GLY S 96 6.53 16.06 -21.22
C GLY S 96 7.47 14.94 -20.79
N ALA S 97 8.19 15.15 -19.69
CA ALA S 97 9.15 14.16 -19.22
C ALA S 97 8.44 12.90 -18.73
N PHE S 98 7.35 13.06 -17.99
CA PHE S 98 6.60 11.90 -17.53
C PHE S 98 6.02 11.11 -18.70
N ILE S 99 5.42 11.80 -19.66
CA ILE S 99 4.82 11.11 -20.80
C ILE S 99 5.89 10.42 -21.63
N SER S 100 7.05 11.06 -21.81
CA SER S 100 8.13 10.45 -22.56
C SER S 100 8.73 9.27 -21.81
N TRP S 101 8.77 9.34 -20.48
CA TRP S 101 9.20 8.21 -19.68
C TRP S 101 8.28 7.02 -19.88
N ALA S 102 6.97 7.26 -19.85
CA ALA S 102 6.02 6.19 -20.05
C ALA S 102 6.14 5.58 -21.45
N LEU S 103 6.30 6.41 -22.47
CA LEU S 103 6.41 5.87 -23.83
C LEU S 103 7.75 5.17 -24.05
N ARG S 104 8.80 5.62 -23.38
CA ARG S 104 10.05 4.89 -23.36
C ARG S 104 9.87 3.51 -22.73
N GLU S 105 9.12 3.44 -21.64
CA GLU S 105 8.81 2.15 -21.04
C GLU S 105 8.05 1.27 -22.03
N VAL S 106 7.13 1.85 -22.78
CA VAL S 106 6.43 1.11 -23.84
C VAL S 106 7.43 0.50 -24.82
N GLU S 107 8.34 1.34 -25.35
CA GLU S 107 9.35 0.84 -26.27
C GLU S 107 10.15 -0.29 -25.67
N ILE S 108 10.60 -0.13 -24.43
CA ILE S 108 11.41 -1.16 -23.78
C ILE S 108 10.61 -2.45 -23.64
N CYS S 109 9.36 -2.35 -23.22
CA CYS S 109 8.51 -3.53 -23.10
C CYS S 109 8.37 -4.26 -24.43
N ARG S 110 8.09 -3.54 -25.51
CA ARG S 110 7.88 -4.21 -26.79
C ARG S 110 9.20 -4.65 -27.41
N LYS S 111 10.33 -4.18 -26.87
CA LYS S 111 11.61 -4.76 -27.26
C LYS S 111 11.88 -6.06 -26.50
N LEU S 112 11.45 -6.13 -25.25
CA LEU S 112 11.66 -7.31 -24.43
C LEU S 112 10.58 -8.37 -24.60
N GLY S 113 9.43 -8.02 -25.15
CA GLY S 113 8.36 -8.98 -25.34
C GLY S 113 7.47 -9.16 -24.15
N ILE S 114 7.36 -8.16 -23.29
CA ILE S 114 6.55 -8.24 -22.09
C ILE S 114 5.37 -7.28 -22.22
N GLY S 115 4.39 -7.46 -21.35
CA GLY S 115 3.18 -6.67 -21.43
C GLY S 115 3.39 -5.24 -20.98
N LEU S 116 2.42 -4.39 -21.37
CA LEU S 116 2.49 -2.95 -21.15
C LEU S 116 1.82 -2.53 -19.85
N HIS S 117 1.83 -3.40 -18.84
CA HIS S 117 1.15 -3.07 -17.58
C HIS S 117 1.83 -1.91 -16.88
N ILE S 118 3.16 -1.81 -16.99
CA ILE S 118 3.91 -0.83 -16.20
C ILE S 118 3.63 0.59 -16.65
N PRO S 119 3.70 0.93 -17.94
CA PRO S 119 3.35 2.30 -18.33
C PRO S 119 1.89 2.63 -18.08
N PHE S 120 1.02 1.64 -18.20
CA PHE S 120 -0.38 1.84 -17.83
C PHE S 120 -0.49 2.27 -16.37
N ALA S 121 0.23 1.59 -15.48
CA ALA S 121 0.17 1.92 -14.06
C ALA S 121 0.79 3.29 -13.78
N PHE S 122 1.84 3.64 -14.51
CA PHE S 122 2.45 4.96 -14.34
C PHE S 122 1.51 6.07 -14.81
N SER S 123 0.74 5.80 -15.87
CA SER S 123 -0.19 6.79 -16.39
C SER S 123 -1.18 7.26 -15.33
N PHE S 124 -1.51 6.41 -14.35
CA PHE S 124 -2.41 6.84 -13.29
C PHE S 124 -1.80 7.95 -12.45
N ALA S 125 -0.54 7.79 -12.05
CA ALA S 125 0.15 8.83 -11.30
C ALA S 125 0.33 10.08 -12.14
N ILE S 126 0.65 9.91 -13.42
CA ILE S 126 0.72 11.07 -14.31
C ILE S 126 -0.60 11.82 -14.33
N LEU S 127 -1.71 11.08 -14.41
CA LEU S 127 -3.02 11.71 -14.50
C LEU S 127 -3.40 12.38 -13.20
N ALA S 128 -2.96 11.83 -12.06
CA ALA S 128 -3.23 12.51 -10.80
C ALA S 128 -2.44 13.81 -10.69
N TYR S 129 -1.15 13.77 -11.03
CA TYR S 129 -0.37 15.00 -11.10
C TYR S 129 -1.05 16.03 -12.01
N ALA S 130 -1.60 15.57 -13.13
CA ALA S 130 -2.29 16.46 -14.04
C ALA S 130 -3.56 17.01 -13.40
N VAL S 131 -4.39 16.15 -12.83
CA VAL S 131 -5.55 16.62 -12.09
C VAL S 131 -5.16 17.75 -11.15
N LEU S 132 -3.98 17.65 -10.55
CA LEU S 132 -3.59 18.65 -9.57
C LEU S 132 -3.12 19.95 -10.21
N VAL S 133 -2.37 19.90 -11.31
CA VAL S 133 -1.71 21.09 -11.82
C VAL S 133 -2.31 21.64 -13.12
N VAL S 134 -3.20 20.91 -13.79
CA VAL S 134 -3.73 21.32 -15.08
C VAL S 134 -5.25 21.41 -15.01
N PHE S 135 -5.90 20.30 -14.70
CA PHE S 135 -7.33 20.20 -14.90
C PHE S 135 -8.10 20.92 -13.81
N ARG S 136 -7.74 20.70 -12.56
CA ARG S 136 -8.46 21.32 -11.45
C ARG S 136 -8.24 22.83 -11.46
N PRO S 137 -7.03 23.30 -11.75
CA PRO S 137 -6.86 24.74 -11.99
C PRO S 137 -7.71 25.29 -13.11
N LEU S 138 -7.86 24.54 -14.22
CA LEU S 138 -8.66 25.03 -15.33
C LEU S 138 -10.13 25.16 -14.95
N LEU S 139 -10.67 24.17 -14.24
CA LEU S 139 -12.07 24.23 -13.84
C LEU S 139 -12.28 25.28 -12.75
N MET S 140 -11.25 25.56 -11.96
CA MET S 140 -11.30 26.60 -10.96
C MET S 140 -10.97 27.97 -11.51
N GLY S 141 -10.37 28.04 -12.70
CA GLY S 141 -10.17 29.30 -13.39
C GLY S 141 -8.81 29.94 -13.23
N SER S 142 -7.85 29.26 -12.60
CA SER S 142 -6.55 29.85 -12.35
C SER S 142 -5.54 28.77 -12.01
N TRP S 143 -4.29 29.01 -12.41
CA TRP S 143 -3.17 28.16 -12.04
C TRP S 143 -2.70 28.37 -10.62
N GLY S 144 -3.17 29.43 -9.95
CA GLY S 144 -2.79 29.68 -8.58
C GLY S 144 -3.30 28.66 -7.59
N TYR S 145 -4.17 27.76 -8.03
CA TYR S 145 -4.66 26.68 -7.20
C TYR S 145 -3.82 25.41 -7.31
N ALA S 146 -2.79 25.42 -8.15
CA ALA S 146 -1.88 24.31 -8.27
C ALA S 146 -0.82 24.35 -7.18
N PHE S 147 -0.23 23.19 -6.90
CA PHE S 147 0.72 23.13 -5.81
C PHE S 147 2.10 23.58 -6.26
N PRO S 148 2.89 24.13 -5.34
CA PRO S 148 4.21 24.64 -5.71
C PRO S 148 5.25 23.54 -5.70
N TYR S 149 6.38 23.83 -6.35
CA TYR S 149 7.46 22.87 -6.49
C TYR S 149 8.50 23.12 -5.39
N GLY S 150 8.14 22.69 -4.19
CA GLY S 150 9.00 22.82 -3.04
C GLY S 150 8.78 21.67 -2.09
N ILE S 151 9.84 21.26 -1.41
CA ILE S 151 9.80 20.04 -0.62
C ILE S 151 8.82 20.18 0.54
N TRP S 152 8.84 21.33 1.22
CA TRP S 152 7.97 21.55 2.37
C TRP S 152 6.90 22.59 2.14
N THR S 153 6.85 23.21 0.96
CA THR S 153 5.82 24.21 0.70
C THR S 153 4.59 23.59 0.05
N HIS S 154 4.77 22.51 -0.71
CA HIS S 154 3.60 21.84 -1.25
C HIS S 154 2.84 21.13 -0.16
N LEU S 155 3.46 20.93 1.00
CA LEU S 155 2.73 20.48 2.18
C LEU S 155 1.86 21.59 2.74
N ASP S 156 2.37 22.83 2.76
CA ASP S 156 1.52 23.96 3.10
C ASP S 156 0.33 24.06 2.15
N TRP S 157 0.57 23.83 0.87
CA TRP S 157 -0.54 23.83 -0.08
C TRP S 157 -1.54 22.73 0.26
N VAL S 158 -1.07 21.53 0.53
CA VAL S 158 -1.96 20.44 0.95
C VAL S 158 -2.81 20.89 2.13
N SER S 159 -2.15 21.35 3.20
CA SER S 159 -2.85 21.70 4.42
C SER S 159 -3.90 22.78 4.19
N ASN S 160 -3.55 23.83 3.46
CA ASN S 160 -4.47 24.93 3.28
C ASN S 160 -5.61 24.56 2.35
N THR S 161 -5.31 23.90 1.24
CA THR S 161 -6.35 23.38 0.36
C THR S 161 -7.33 22.51 1.14
N GLY S 162 -6.83 21.68 2.04
CA GLY S 162 -7.70 20.82 2.81
C GLY S 162 -8.55 21.58 3.80
N TYR S 163 -7.93 22.41 4.63
CA TYR S 163 -8.64 23.17 5.64
C TYR S 163 -9.54 24.25 5.06
N THR S 164 -9.44 24.51 3.75
CA THR S 164 -10.46 25.32 3.10
C THR S 164 -11.82 24.63 3.08
N TYR S 165 -11.84 23.33 3.38
CA TYR S 165 -13.06 22.54 3.43
C TYR S 165 -13.20 21.84 4.78
N GLY S 166 -12.85 22.55 5.84
CA GLY S 166 -12.82 21.92 7.15
C GLY S 166 -11.83 20.78 7.14
N ASN S 167 -12.15 19.72 7.88
CA ASN S 167 -11.33 18.52 7.86
C ASN S 167 -11.59 17.74 6.58
N PHE S 168 -10.54 17.59 5.77
CA PHE S 168 -10.62 16.87 4.51
C PHE S 168 -10.80 15.38 4.71
N HIS S 169 -10.67 14.89 5.95
CA HIS S 169 -10.91 13.49 6.26
C HIS S 169 -12.31 13.05 5.88
N TYR S 170 -13.27 13.97 5.81
CA TYR S 170 -14.67 13.64 5.61
C TYR S 170 -15.07 13.53 4.16
N ASN S 171 -14.15 13.80 3.24
CA ASN S 171 -14.39 13.51 1.84
C ASN S 171 -14.46 12.00 1.65
N PRO S 172 -15.49 11.46 0.99
CA PRO S 172 -15.60 10.00 0.92
C PRO S 172 -14.59 9.35 -0.01
N ALA S 173 -14.31 9.97 -1.16
CA ALA S 173 -13.28 9.45 -2.04
C ALA S 173 -11.91 9.52 -1.38
N HIS S 174 -11.68 10.54 -0.56
CA HIS S 174 -10.50 10.59 0.30
C HIS S 174 -10.42 9.38 1.20
N MET S 175 -11.55 9.01 1.85
CA MET S 175 -11.58 7.81 2.66
C MET S 175 -11.21 6.58 1.86
N LEU S 176 -11.81 6.43 0.68
CA LEU S 176 -11.52 5.26 -0.15
C LEU S 176 -10.04 5.21 -0.53
N GLY S 177 -9.48 6.35 -0.93
CA GLY S 177 -8.06 6.39 -1.24
C GLY S 177 -7.19 6.00 -0.06
N ILE S 178 -7.53 6.49 1.13
CA ILE S 178 -6.73 6.15 2.31
C ILE S 178 -6.83 4.66 2.60
N SER S 179 -8.03 4.10 2.51
CA SER S 179 -8.20 2.68 2.77
C SER S 179 -7.39 1.85 1.78
N PHE S 180 -7.43 2.23 0.50
CA PHE S 180 -6.69 1.49 -0.50
C PHE S 180 -5.19 1.61 -0.30
N PHE S 181 -4.71 2.79 0.10
CA PHE S 181 -3.29 2.95 0.39
C PHE S 181 -2.86 2.08 1.56
N PHE S 182 -3.62 2.13 2.66
CA PHE S 182 -3.31 1.31 3.82
C PHE S 182 -3.30 -0.17 3.46
N THR S 183 -4.28 -0.61 2.68
CA THR S 183 -4.37 -2.01 2.31
C THR S 183 -3.25 -2.40 1.36
N THR S 184 -2.83 -1.48 0.49
CA THR S 184 -1.70 -1.73 -0.39
C THR S 184 -0.42 -1.95 0.41
N ALA S 185 -0.20 -1.13 1.43
CA ALA S 185 0.99 -1.30 2.24
C ALA S 185 0.94 -2.60 3.04
N LEU S 186 -0.21 -2.88 3.66
CA LEU S 186 -0.42 -4.15 4.33
C LEU S 186 -0.12 -5.34 3.42
N ALA S 187 -0.68 -5.32 2.20
CA ALA S 187 -0.53 -6.44 1.30
C ALA S 187 0.91 -6.59 0.82
N LEU S 188 1.60 -5.47 0.60
CA LEU S 188 3.00 -5.55 0.21
C LEU S 188 3.85 -6.15 1.32
N ALA S 189 3.67 -5.66 2.55
CA ALA S 189 4.38 -6.26 3.68
C ALA S 189 4.14 -7.76 3.76
N LEU S 190 2.86 -8.18 3.66
CA LEU S 190 2.55 -9.59 3.80
C LEU S 190 3.13 -10.41 2.66
N HIS S 191 3.08 -9.90 1.44
CA HIS S 191 3.63 -10.61 0.29
C HIS S 191 5.13 -10.81 0.42
N GLY S 192 5.86 -9.73 0.71
CA GLY S 192 7.29 -9.88 0.95
C GLY S 192 7.58 -10.86 2.06
N ALA S 193 6.88 -10.73 3.18
CA ALA S 193 7.07 -11.63 4.31
C ALA S 193 6.89 -13.08 3.90
N LEU S 194 5.82 -13.37 3.16
CA LEU S 194 5.52 -14.76 2.81
C LEU S 194 6.55 -15.32 1.84
N VAL S 195 6.87 -14.58 0.78
CA VAL S 195 7.86 -15.08 -0.16
C VAL S 195 9.19 -15.32 0.52
N LEU S 196 9.60 -14.42 1.44
CA LEU S 196 10.89 -14.60 2.09
C LEU S 196 10.84 -15.74 3.11
N SER S 197 9.71 -15.89 3.80
CA SER S 197 9.56 -16.97 4.75
C SER S 197 9.62 -18.33 4.06
N ALA S 198 9.11 -18.39 2.84
CA ALA S 198 9.19 -19.63 2.07
C ALA S 198 10.59 -19.84 1.52
N ALA S 199 11.22 -18.78 1.02
CA ALA S 199 12.49 -18.93 0.33
C ALA S 199 13.66 -18.99 1.31
N ASN S 200 13.55 -18.30 2.44
CA ASN S 200 14.56 -18.33 3.50
C ASN S 200 13.91 -18.89 4.75
N PRO S 201 13.75 -20.21 4.85
CA PRO S 201 13.06 -20.79 6.01
C PRO S 201 13.96 -20.97 7.21
N GLU S 202 13.42 -21.60 8.25
CA GLU S 202 14.20 -21.83 9.47
C GLU S 202 15.46 -22.62 9.15
N LYS S 203 16.50 -22.38 9.94
CA LYS S 203 17.77 -23.07 9.76
C LYS S 203 17.58 -24.57 9.81
N GLY S 204 18.12 -25.26 8.80
CA GLY S 204 18.06 -26.71 8.75
C GLY S 204 16.86 -27.28 8.04
N GLN S 205 16.15 -26.49 7.25
CA GLN S 205 14.95 -26.94 6.56
C GLN S 205 15.07 -26.66 5.07
N GLU S 206 14.42 -27.51 4.28
CA GLU S 206 14.46 -27.38 2.84
C GLU S 206 13.62 -26.19 2.40
N MET S 207 13.94 -25.70 1.21
CA MET S 207 13.19 -24.59 0.63
C MET S 207 11.73 -25.00 0.44
N LYS S 208 10.85 -24.02 0.60
CA LYS S 208 9.43 -24.28 0.51
C LYS S 208 8.89 -23.97 -0.88
N THR S 209 7.59 -24.18 -1.04
CA THR S 209 6.90 -24.05 -2.31
C THR S 209 5.76 -23.04 -2.16
N ALA S 210 4.95 -22.92 -3.21
CA ALA S 210 3.74 -22.12 -3.11
C ALA S 210 2.68 -22.83 -2.27
N ASP S 211 2.76 -24.16 -2.18
CA ASP S 211 1.87 -24.91 -1.31
C ASP S 211 2.00 -24.44 0.14
N HIS S 212 3.23 -24.30 0.62
CA HIS S 212 3.43 -23.86 1.99
C HIS S 212 2.89 -22.45 2.21
N GLU S 213 3.00 -21.58 1.21
CA GLU S 213 2.47 -20.23 1.33
C GLU S 213 0.95 -20.23 1.43
N ASP S 214 0.30 -20.89 0.46
CA ASP S 214 -1.15 -21.04 0.51
C ASP S 214 -1.59 -21.63 1.85
N THR S 215 -0.83 -22.62 2.35
CA THR S 215 -1.21 -23.28 3.60
C THR S 215 -1.05 -22.34 4.78
N PHE S 216 0.04 -21.59 4.82
CA PHE S 216 0.22 -20.61 5.89
C PHE S 216 -0.93 -19.64 5.95
N PHE S 217 -1.30 -19.06 4.81
CA PHE S 217 -2.33 -18.02 4.84
C PHE S 217 -3.72 -18.61 5.04
N ARG S 218 -3.94 -19.85 4.63
CA ARG S 218 -5.20 -20.49 4.93
C ARG S 218 -5.32 -20.80 6.42
N ASP S 219 -4.30 -21.41 6.99
CA ASP S 219 -4.29 -21.65 8.43
C ASP S 219 -4.42 -20.37 9.21
N LEU S 220 -3.91 -19.26 8.67
CA LEU S 220 -3.97 -18.00 9.40
C LEU S 220 -5.36 -17.37 9.31
N VAL S 221 -5.84 -17.09 8.10
CA VAL S 221 -7.10 -16.37 7.93
C VAL S 221 -8.14 -17.15 7.16
N GLY S 222 -7.81 -18.33 6.64
CA GLY S 222 -8.78 -19.16 5.94
C GLY S 222 -8.91 -18.90 4.46
N TYR S 223 -8.06 -18.04 3.88
CA TYR S 223 -8.13 -17.77 2.45
C TYR S 223 -6.73 -17.44 1.95
N SER S 224 -6.44 -17.90 0.73
CA SER S 224 -5.23 -17.54 0.01
C SER S 224 -5.63 -17.13 -1.39
N ILE S 225 -5.24 -15.92 -1.80
CA ILE S 225 -5.67 -15.40 -3.09
C ILE S 225 -4.80 -15.93 -4.22
N GLY S 226 -3.57 -16.33 -3.92
CA GLY S 226 -2.70 -16.96 -4.89
C GLY S 226 -1.53 -16.08 -5.28
N THR S 227 -0.63 -16.69 -6.06
CA THR S 227 0.57 -16.00 -6.51
C THR S 227 0.24 -14.93 -7.54
N LEU S 228 -0.65 -15.25 -8.47
CA LEU S 228 -1.07 -14.27 -9.46
C LEU S 228 -2.10 -13.31 -8.89
N GLY S 229 -2.94 -13.81 -7.98
CA GLY S 229 -3.98 -12.99 -7.42
C GLY S 229 -3.45 -11.86 -6.59
N ILE S 230 -2.39 -12.09 -5.82
CA ILE S 230 -1.85 -11.06 -4.96
C ILE S 230 -1.25 -9.94 -5.79
N HIS S 231 -0.67 -10.28 -6.94
CA HIS S 231 -0.10 -9.27 -7.82
C HIS S 231 -1.18 -8.46 -8.50
N ARG S 232 -2.15 -9.13 -9.13
CA ARG S 232 -3.31 -8.42 -9.65
C ARG S 232 -3.92 -7.52 -8.58
N LEU S 233 -4.05 -8.03 -7.35
CA LEU S 233 -4.72 -7.31 -6.28
C LEU S 233 -3.95 -6.07 -5.89
N GLY S 234 -2.64 -6.18 -5.68
CA GLY S 234 -1.89 -5.01 -5.28
C GLY S 234 -1.83 -3.96 -6.36
N LEU S 235 -1.59 -4.38 -7.60
CA LEU S 235 -1.67 -3.47 -8.73
C LEU S 235 -2.98 -2.69 -8.71
N LEU S 236 -4.09 -3.41 -8.68
CA LEU S 236 -5.38 -2.75 -8.75
C LEU S 236 -5.64 -1.91 -7.51
N LEU S 237 -5.12 -2.34 -6.36
CA LEU S 237 -5.26 -1.55 -5.14
C LEU S 237 -4.62 -0.19 -5.29
N ALA S 238 -3.37 -0.17 -5.74
CA ALA S 238 -2.67 1.10 -5.96
C ALA S 238 -3.39 1.95 -7.00
N LEU S 239 -3.85 1.33 -8.09
CA LEU S 239 -4.53 2.08 -9.13
C LEU S 239 -5.83 2.68 -8.62
N MET S 240 -6.59 1.93 -7.81
CA MET S 240 -7.85 2.44 -7.28
C MET S 240 -7.60 3.53 -6.25
N ALA S 241 -6.56 3.39 -5.44
CA ALA S 241 -6.16 4.47 -4.55
C ALA S 241 -5.92 5.76 -5.30
N VAL S 242 -5.10 5.70 -6.36
CA VAL S 242 -4.81 6.91 -7.12
C VAL S 242 -6.06 7.44 -7.81
N PHE S 243 -6.90 6.53 -8.33
CA PHE S 243 -8.14 6.96 -8.97
C PHE S 243 -9.04 7.70 -8.01
N TRP S 244 -9.18 7.20 -6.78
CA TRP S 244 -10.08 7.83 -5.83
C TRP S 244 -9.49 9.11 -5.26
N SER S 245 -8.16 9.20 -5.22
CA SER S 245 -7.54 10.47 -4.88
C SER S 245 -7.82 11.53 -5.96
N ALA S 246 -7.66 11.16 -7.23
CA ALA S 246 -7.97 12.09 -8.30
C ALA S 246 -9.43 12.50 -8.26
N VAL S 247 -10.31 11.56 -7.90
CA VAL S 247 -11.73 11.89 -7.76
C VAL S 247 -11.93 12.86 -6.60
N CYS S 248 -11.32 12.59 -5.45
CA CYS S 248 -11.51 13.45 -4.29
C CYS S 248 -11.08 14.87 -4.60
N MET S 249 -10.08 15.04 -5.45
CA MET S 249 -9.60 16.38 -5.75
C MET S 249 -10.36 17.05 -6.90
N ILE S 250 -10.79 16.29 -7.91
CA ILE S 250 -11.46 16.91 -9.04
C ILE S 250 -12.82 17.47 -8.63
N ILE S 251 -13.43 16.89 -7.60
CA ILE S 251 -14.75 17.34 -7.15
C ILE S 251 -14.65 18.35 -6.01
N THR S 252 -13.45 18.63 -5.52
CA THR S 252 -13.32 19.27 -4.22
C THR S 252 -13.76 20.73 -4.27
N GLY S 253 -13.14 21.54 -5.14
CA GLY S 253 -13.55 22.90 -5.33
C GLY S 253 -14.29 23.18 -6.62
N THR S 254 -14.74 22.14 -7.33
CA THR S 254 -15.49 22.27 -8.58
C THR S 254 -16.96 21.91 -8.41
N ILE S 255 -17.24 20.88 -7.62
CA ILE S 255 -18.60 20.47 -7.33
C ILE S 255 -18.96 20.65 -5.86
N TRP S 256 -17.98 20.68 -4.97
CA TRP S 256 -18.19 20.89 -3.54
C TRP S 256 -17.52 22.20 -3.15
N PHE S 257 -18.14 22.94 -2.24
CA PHE S 257 -17.61 24.22 -1.80
C PHE S 257 -17.67 24.42 -0.31
N ASP S 258 -18.46 23.63 0.40
CA ASP S 258 -18.62 23.74 1.84
C ASP S 258 -17.72 22.72 2.54
N GLN S 259 -17.75 22.75 3.87
CA GLN S 259 -17.02 21.76 4.64
C GLN S 259 -17.52 20.36 4.33
N TRP S 260 -16.58 19.42 4.23
CA TRP S 260 -16.91 18.08 3.81
C TRP S 260 -17.66 17.31 4.88
N SER S 261 -17.62 17.77 6.13
CA SER S 261 -18.33 17.09 7.20
C SER S 261 -19.83 17.26 7.08
N ASN S 262 -20.28 18.31 6.40
CA ASN S 262 -21.70 18.57 6.25
C ASN S 262 -22.31 17.72 5.16
N TRP S 263 -21.50 17.05 4.35
CA TRP S 263 -22.04 16.16 3.34
C TRP S 263 -22.77 14.99 3.97
N TRP S 264 -22.21 14.42 5.04
CA TRP S 264 -22.76 13.23 5.66
C TRP S 264 -24.08 13.48 6.36
N TYR S 265 -24.46 14.75 6.57
CA TYR S 265 -25.69 15.05 7.28
C TYR S 265 -26.95 14.85 6.44
N TRP S 266 -26.84 14.24 5.27
CA TRP S 266 -28.03 13.84 4.54
C TRP S 266 -28.56 12.52 5.08
N TRP S 267 -27.68 11.70 5.63
CA TRP S 267 -28.08 10.45 6.26
C TRP S 267 -28.62 10.69 7.66
N VAL S 268 -28.27 11.84 8.24
CA VAL S 268 -28.81 12.22 9.54
C VAL S 268 -30.14 12.94 9.37
N GLU S 269 -30.27 13.71 8.30
CA GLU S 269 -31.49 14.46 8.01
C GLU S 269 -32.51 13.65 7.21
N LEU S 270 -32.31 12.34 7.10
CA LEU S 270 -33.28 11.51 6.43
C LEU S 270 -34.60 11.55 7.19
N PRO S 271 -35.71 11.87 6.54
CA PRO S 271 -36.88 12.40 7.27
C PRO S 271 -37.45 11.46 8.31
N TRP S 272 -37.01 10.20 8.40
CA TRP S 272 -37.68 9.28 9.32
C TRP S 272 -36.96 9.19 10.66
N TRP S 273 -35.66 9.42 10.71
CA TRP S 273 -34.93 9.52 11.98
C TRP S 273 -34.32 10.88 12.23
N VAL S 274 -34.93 11.97 11.75
CA VAL S 274 -34.29 13.27 11.92
C VAL S 274 -34.45 13.77 13.35
N ASP S 275 -35.69 13.81 13.83
CA ASP S 275 -36.00 14.48 15.09
C ASP S 275 -36.14 13.51 16.25
N ILE S 276 -35.83 12.24 16.06
CA ILE S 276 -35.78 11.33 17.22
C ILE S 276 -34.78 11.89 18.22
N PRO S 277 -35.11 11.95 19.51
CA PRO S 277 -34.12 12.45 20.48
C PRO S 277 -33.18 11.36 20.95
N GLY S 278 -31.93 11.73 21.17
CA GLY S 278 -30.89 10.80 21.56
C GLY S 278 -29.77 10.74 20.54
N GLY S 279 -28.64 10.24 21.01
CA GLY S 279 -27.46 10.17 20.19
C GLY S 279 -26.76 11.52 20.05
N VAL S 280 -25.90 11.58 19.05
CA VAL S 280 -25.10 12.78 18.82
C VAL S 280 -25.91 13.83 18.10
N ASN S 281 -26.67 13.42 17.09
CA ASN S 281 -27.39 14.33 16.22
C ASN S 281 -28.86 14.46 16.60
N GLY S 282 -29.22 14.07 17.81
CA GLY S 282 -30.60 14.15 18.27
C GLY S 282 -30.71 14.67 19.69
N GLU T 3 -2.11 -9.59 -25.67
CA GLU T 3 -3.34 -8.73 -25.75
C GLU T 3 -4.31 -9.12 -24.65
N TYR T 4 -4.11 -10.28 -24.06
CA TYR T 4 -4.79 -10.68 -22.84
C TYR T 4 -3.92 -10.27 -21.66
N GLN T 5 -4.42 -9.35 -20.84
CA GLN T 5 -3.63 -8.71 -19.82
C GLN T 5 -3.53 -9.51 -18.54
N ASN T 6 -4.24 -10.61 -18.42
CA ASN T 6 -4.22 -11.48 -17.25
C ASN T 6 -4.75 -10.79 -16.01
N ILE T 7 -5.67 -9.84 -16.19
CA ILE T 7 -6.29 -9.20 -15.03
C ILE T 7 -7.40 -10.09 -14.47
N PHE T 8 -8.13 -10.77 -15.34
CA PHE T 8 -9.17 -11.69 -14.94
C PHE T 8 -8.95 -13.04 -15.62
N THR T 9 -9.34 -14.10 -14.91
CA THR T 9 -9.21 -15.45 -15.43
C THR T 9 -10.32 -15.75 -16.43
N GLN T 10 -9.94 -16.36 -17.56
CA GLN T 10 -10.94 -16.71 -18.56
C GLN T 10 -11.65 -18.00 -18.20
N VAL T 11 -10.92 -19.00 -17.74
CA VAL T 11 -11.44 -20.33 -17.50
C VAL T 11 -11.01 -20.76 -16.10
N GLN T 12 -11.98 -21.16 -15.29
CA GLN T 12 -11.73 -21.72 -13.97
C GLN T 12 -11.77 -23.24 -14.06
N VAL T 13 -10.82 -23.88 -13.38
CA VAL T 13 -10.81 -25.32 -13.21
C VAL T 13 -10.58 -25.62 -11.74
N GLY T 14 -11.05 -26.78 -11.32
CA GLY T 14 -10.89 -27.17 -9.94
C GLY T 14 -11.32 -28.61 -9.74
N GLY T 15 -10.83 -29.17 -8.65
CA GLY T 15 -11.13 -30.55 -8.28
C GLY T 15 -11.34 -30.65 -6.79
N ALA T 16 -10.64 -31.59 -6.18
CA ALA T 16 -10.74 -31.75 -4.75
C ALA T 16 -9.98 -30.63 -4.04
N PRO T 17 -10.44 -30.20 -2.86
CA PRO T 17 -9.81 -29.04 -2.22
C PRO T 17 -8.42 -29.37 -1.71
N GLU T 18 -7.53 -28.39 -1.83
CA GLU T 18 -6.19 -28.47 -1.25
C GLU T 18 -6.34 -28.21 0.25
N MET T 19 -6.26 -29.28 1.04
CA MET T 19 -6.53 -29.15 2.46
C MET T 19 -5.31 -28.63 3.20
N GLY T 20 -4.12 -28.82 2.65
CA GLY T 20 -2.92 -28.30 3.25
C GLY T 20 -1.78 -29.29 3.29
N LEU T 21 -0.72 -28.93 4.00
CA LEU T 21 0.50 -29.71 4.10
C LEU T 21 0.76 -30.03 5.56
N VAL T 22 1.29 -31.22 5.81
CA VAL T 22 1.67 -31.64 7.16
C VAL T 22 3.17 -31.44 7.30
N GLU T 23 3.56 -30.46 8.11
CA GLU T 23 4.97 -30.14 8.28
C GLU T 23 5.31 -29.88 9.74
N GLY T 24 4.44 -30.29 10.67
CA GLY T 24 4.55 -29.92 12.06
C GLY T 24 3.22 -29.48 12.62
N VAL T 25 2.21 -29.44 11.75
CA VAL T 25 0.90 -28.95 12.13
C VAL T 25 0.10 -30.05 12.82
N ASP T 26 -0.71 -29.64 13.79
CA ASP T 26 -1.67 -30.53 14.45
C ASP T 26 -2.93 -30.57 13.60
N LEU T 27 -3.13 -31.69 12.89
CA LEU T 27 -4.25 -31.81 11.97
C LEU T 27 -5.60 -31.82 12.67
N SER T 28 -5.62 -31.91 14.00
CA SER T 28 -6.89 -31.93 14.72
C SER T 28 -7.47 -30.54 14.86
N ASN T 29 -6.61 -29.53 14.98
CA ASN T 29 -7.03 -28.15 15.13
C ASN T 29 -7.36 -27.48 13.80
N ARG T 30 -7.21 -28.19 12.69
CA ARG T 30 -7.51 -27.64 11.37
C ARG T 30 -8.86 -28.15 10.89
N THR T 31 -9.66 -27.26 10.33
CA THR T 31 -11.00 -27.62 9.92
C THR T 31 -10.97 -28.52 8.68
N LYS T 32 -12.13 -29.09 8.37
CA LYS T 32 -12.29 -30.00 7.24
C LYS T 32 -13.29 -29.47 6.21
N GLY T 33 -13.75 -28.24 6.37
CA GLY T 33 -14.78 -27.68 5.51
C GLY T 33 -14.18 -26.64 4.57
N THR T 34 -14.56 -26.74 3.30
CA THR T 34 -14.09 -25.82 2.27
C THR T 34 -15.22 -25.55 1.29
N THR T 35 -15.35 -24.28 0.93
CA THR T 35 -16.28 -23.86 -0.11
C THR T 35 -15.52 -23.16 -1.22
N ASN T 36 -15.90 -23.45 -2.46
CA ASN T 36 -15.35 -22.78 -3.63
C ASN T 36 -16.32 -21.71 -4.09
N TRP T 37 -15.81 -20.50 -4.30
CA TRP T 37 -16.60 -19.36 -4.71
C TRP T 37 -16.02 -18.83 -6.02
N THR T 38 -16.84 -18.83 -7.07
CA THR T 38 -16.32 -18.52 -8.40
C THR T 38 -16.05 -17.04 -8.58
N LEU T 39 -16.82 -16.18 -7.91
CA LEU T 39 -16.59 -14.74 -8.02
C LEU T 39 -15.15 -14.39 -7.69
N LEU T 40 -14.55 -15.11 -6.73
CA LEU T 40 -13.16 -14.88 -6.40
C LEU T 40 -12.22 -15.52 -7.41
N GLY T 41 -12.71 -16.51 -8.15
CA GLY T 41 -11.85 -17.20 -9.11
C GLY T 41 -11.50 -16.34 -10.30
N TRP T 42 -12.35 -15.38 -10.66
CA TRP T 42 -12.04 -14.50 -11.77
C TRP T 42 -10.82 -13.64 -11.46
N PHE T 43 -10.53 -13.44 -10.19
CA PHE T 43 -9.40 -12.63 -9.75
C PHE T 43 -8.31 -13.45 -9.09
N GLY T 44 -8.64 -14.24 -8.08
CA GLY T 44 -7.69 -15.05 -7.35
C GLY T 44 -8.13 -16.50 -7.29
N ASN T 45 -7.89 -17.10 -6.13
CA ASN T 45 -8.32 -18.47 -5.88
C ASN T 45 -9.71 -18.48 -5.27
N ALA T 46 -10.46 -19.53 -5.59
CA ALA T 46 -11.84 -19.65 -5.16
C ALA T 46 -12.02 -20.46 -3.89
N GLN T 47 -11.06 -21.31 -3.53
CA GLN T 47 -11.18 -22.16 -2.36
C GLN T 47 -11.22 -21.31 -1.10
N ILE T 48 -12.34 -21.36 -0.39
CA ILE T 48 -12.48 -20.75 0.93
C ILE T 48 -12.24 -21.84 1.97
N GLY T 49 -11.20 -21.66 2.77
CA GLY T 49 -10.86 -22.64 3.77
C GLY T 49 -9.80 -23.59 3.28
N PRO T 50 -9.29 -24.44 4.17
CA PRO T 50 -9.68 -24.51 5.57
C PRO T 50 -9.01 -23.47 6.44
N ILE T 51 -9.13 -23.63 7.76
CA ILE T 51 -8.56 -22.70 8.72
C ILE T 51 -8.10 -23.48 9.94
N TYR T 52 -7.06 -22.98 10.59
CA TYR T 52 -6.51 -23.59 11.79
C TYR T 52 -7.13 -22.94 13.02
N LEU T 53 -7.61 -23.78 13.95
CA LEU T 53 -8.26 -23.32 15.16
C LEU T 53 -7.47 -23.83 16.35
N GLY T 54 -6.70 -22.94 16.97
CA GLY T 54 -5.88 -23.34 18.10
C GLY T 54 -6.09 -22.49 19.33
N GLY T 55 -5.14 -22.56 20.26
CA GLY T 55 -5.25 -21.79 21.48
C GLY T 55 -5.13 -20.29 21.24
N TRP T 56 -4.12 -19.89 20.49
CA TRP T 56 -3.88 -18.47 20.28
C TRP T 56 -4.99 -17.84 19.46
N GLY T 57 -5.45 -18.52 18.41
CA GLY T 57 -6.55 -18.00 17.64
C GLY T 57 -7.84 -17.95 18.44
N THR T 58 -8.06 -18.94 19.29
CA THR T 58 -9.23 -18.93 20.16
C THR T 58 -9.19 -17.74 21.11
N VAL T 59 -8.05 -17.54 21.77
CA VAL T 59 -7.89 -16.40 22.66
C VAL T 59 -8.14 -15.09 21.93
N SER T 60 -7.56 -14.95 20.74
CA SER T 60 -7.70 -13.70 19.99
C SER T 60 -9.13 -13.48 19.56
N LEU T 61 -9.80 -14.52 19.08
CA LEU T 61 -11.20 -14.41 18.72
C LEU T 61 -12.05 -13.98 19.90
N ILE T 62 -11.90 -14.65 21.03
CA ILE T 62 -12.67 -14.29 22.23
C ILE T 62 -12.43 -12.83 22.59
N SER T 63 -11.17 -12.44 22.74
CA SER T 63 -10.85 -11.09 23.19
C SER T 63 -11.32 -10.04 22.20
N GLY T 64 -11.18 -10.29 20.91
CA GLY T 64 -11.59 -9.30 19.92
C GLY T 64 -13.09 -9.19 19.81
N VAL T 65 -13.80 -10.30 19.91
CA VAL T 65 -15.26 -10.25 19.98
C VAL T 65 -15.71 -9.45 21.18
N LEU T 66 -15.04 -9.62 22.32
CA LEU T 66 -15.39 -8.87 23.51
C LEU T 66 -15.11 -7.38 23.32
N TRP T 67 -13.99 -7.05 22.69
CA TRP T 67 -13.67 -5.65 22.39
C TRP T 67 -14.74 -5.02 21.51
N PHE T 68 -15.04 -5.67 20.39
CA PHE T 68 -16.11 -5.22 19.49
C PHE T 68 -17.43 -5.06 20.23
N MET T 69 -17.77 -6.03 21.07
CA MET T 69 -19.06 -6.01 21.74
C MET T 69 -19.13 -4.93 22.81
N THR T 70 -18.02 -4.68 23.51
CA THR T 70 -17.98 -3.59 24.47
C THR T 70 -18.21 -2.25 23.77
N ILE T 71 -17.50 -2.02 22.66
CA ILE T 71 -17.72 -0.79 21.91
C ILE T 71 -19.19 -0.70 21.47
N GLY T 72 -19.74 -1.79 20.96
CA GLY T 72 -21.11 -1.77 20.49
C GLY T 72 -22.12 -1.54 21.60
N ALA T 73 -21.86 -2.09 22.78
CA ALA T 73 -22.73 -1.87 23.93
C ALA T 73 -22.72 -0.42 24.34
N TRP T 74 -21.54 0.20 24.40
CA TRP T 74 -21.51 1.63 24.65
C TRP T 74 -22.28 2.40 23.58
N PHE T 75 -22.15 1.97 22.32
CA PHE T 75 -22.88 2.62 21.25
C PHE T 75 -24.39 2.53 21.48
N TRP T 76 -24.86 1.38 21.93
CA TRP T 76 -26.29 1.19 22.19
C TRP T 76 -26.75 2.05 23.35
N TYR T 77 -25.93 2.17 24.39
CA TYR T 77 -26.27 3.06 25.50
C TYR T 77 -26.33 4.51 25.03
N GLU T 78 -25.34 4.94 24.26
CA GLU T 78 -25.28 6.33 23.81
C GLU T 78 -26.45 6.68 22.90
N ALA T 79 -27.03 5.68 22.24
CA ALA T 79 -28.19 5.87 21.37
C ALA T 79 -29.51 5.76 22.11
N GLY T 80 -29.48 5.49 23.41
CA GLY T 80 -30.71 5.33 24.16
C GLY T 80 -31.48 4.07 23.86
N PHE T 81 -30.81 3.04 23.34
CA PHE T 81 -31.41 1.77 22.98
C PHE T 81 -32.36 1.90 21.80
N ASN T 82 -32.23 2.96 21.01
CA ASN T 82 -33.04 3.14 19.83
C ASN T 82 -32.28 2.65 18.61
N PRO T 83 -32.71 1.57 17.97
CA PRO T 83 -32.00 1.12 16.76
C PRO T 83 -31.92 2.19 15.68
N ALA T 84 -32.91 3.06 15.60
CA ALA T 84 -32.89 4.10 14.57
C ALA T 84 -31.81 5.14 14.85
N VAL T 85 -31.62 5.51 16.11
CA VAL T 85 -30.54 6.41 16.47
C VAL T 85 -29.20 5.71 16.39
N PHE T 86 -29.20 4.39 16.54
CA PHE T 86 -27.97 3.62 16.38
C PHE T 86 -27.50 3.61 14.93
N MET T 87 -28.44 3.41 13.99
CA MET T 87 -28.07 3.40 12.58
C MET T 87 -27.91 4.82 12.04
N ARG T 88 -28.53 5.80 12.68
CA ARG T 88 -28.36 7.18 12.26
C ARG T 88 -27.00 7.72 12.66
N ASP T 89 -26.62 7.52 13.92
CA ASP T 89 -25.43 8.12 14.49
C ASP T 89 -24.26 7.15 14.56
N LEU T 90 -24.34 6.05 13.84
CA LEU T 90 -23.34 4.99 13.95
C LEU T 90 -21.92 5.53 13.82
N PHE T 91 -21.68 6.36 12.80
CA PHE T 91 -20.34 6.90 12.59
C PHE T 91 -20.02 8.05 13.53
N TYR T 92 -21.03 8.62 14.18
CA TYR T 92 -20.83 9.71 15.12
C TYR T 92 -20.72 9.25 16.56
N LEU T 93 -21.14 8.03 16.87
CA LEU T 93 -21.02 7.50 18.22
C LEU T 93 -19.59 7.06 18.47
N SER T 94 -19.23 7.00 19.75
CA SER T 94 -17.84 6.76 20.11
C SER T 94 -17.73 6.40 21.59
N LEU T 95 -16.87 5.44 21.86
CA LEU T 95 -16.40 5.12 23.20
C LEU T 95 -15.09 5.86 23.39
N ASP T 96 -15.15 6.97 24.12
CA ASP T 96 -14.08 7.95 24.11
C ASP T 96 -13.08 7.65 25.23
N ALA T 97 -11.84 8.05 24.99
CA ALA T 97 -10.78 7.85 25.95
C ALA T 97 -11.08 8.60 27.24
N PRO T 98 -10.50 8.13 28.35
CA PRO T 98 -10.85 8.71 29.66
C PRO T 98 -10.61 10.21 29.72
N ASP T 99 -11.12 10.81 30.78
CA ASP T 99 -10.90 12.23 31.00
C ASP T 99 -9.50 12.46 31.58
N ALA T 100 -9.00 13.67 31.40
CA ALA T 100 -7.66 13.98 31.88
C ALA T 100 -7.58 14.00 33.39
N LYS T 101 -8.69 14.33 34.06
CA LYS T 101 -8.70 14.36 35.52
C LYS T 101 -8.22 13.04 36.12
N TYR T 102 -8.43 11.93 35.41
CA TYR T 102 -8.02 10.63 35.93
C TYR T 102 -6.55 10.35 35.71
N GLY T 103 -5.87 11.14 34.87
CA GLY T 103 -4.46 10.92 34.63
C GLY T 103 -4.21 9.56 34.01
N LEU T 104 -3.38 8.76 34.67
CA LEU T 104 -3.06 7.41 34.23
C LEU T 104 -3.72 6.34 35.09
N GLY T 105 -4.25 6.71 36.25
CA GLY T 105 -4.94 5.74 37.08
C GLY T 105 -6.12 5.11 36.39
N VAL T 106 -6.60 4.02 36.99
CA VAL T 106 -7.81 3.38 36.49
C VAL T 106 -8.95 4.39 36.52
N PRO T 107 -9.59 4.70 35.39
CA PRO T 107 -10.61 5.74 35.40
C PRO T 107 -11.77 5.40 36.32
N ARG T 108 -12.40 6.45 36.84
CA ARG T 108 -13.52 6.34 37.77
C ARG T 108 -14.82 6.76 37.10
N ASP T 109 -14.98 6.41 35.82
CA ASP T 109 -16.17 6.73 35.06
C ASP T 109 -16.56 5.50 34.26
N ALA T 110 -17.79 5.51 33.76
CA ALA T 110 -18.27 4.38 32.98
C ALA T 110 -17.65 4.36 31.58
N GLU T 111 -17.71 5.49 30.87
CA GLU T 111 -17.08 5.56 29.57
C GLU T 111 -15.60 5.23 29.66
N GLY T 112 -14.93 5.75 30.68
CA GLY T 112 -13.50 5.55 30.79
C GLY T 112 -13.11 4.12 31.12
N ILE T 113 -13.82 3.50 32.06
CA ILE T 113 -13.50 2.12 32.40
C ILE T 113 -13.89 1.18 31.27
N MET T 114 -14.98 1.48 30.57
CA MET T 114 -15.31 0.71 29.37
C MET T 114 -14.20 0.81 28.34
N TRP T 115 -13.68 2.01 28.12
CA TRP T 115 -12.54 2.17 27.22
C TRP T 115 -11.36 1.34 27.71
N PHE T 116 -11.09 1.37 29.02
CA PHE T 116 -9.97 0.63 29.58
C PHE T 116 -10.10 -0.86 29.33
N ILE T 117 -11.30 -1.41 29.52
CA ILE T 117 -11.47 -2.85 29.41
C ILE T 117 -11.50 -3.28 27.94
N ALA T 118 -12.12 -2.48 27.08
CA ALA T 118 -12.05 -2.75 25.65
C ALA T 118 -10.61 -2.73 25.16
N SER T 119 -9.81 -1.81 25.67
CA SER T 119 -8.40 -1.74 25.29
C SER T 119 -7.61 -2.91 25.84
N PHE T 120 -7.96 -3.39 27.04
CA PHE T 120 -7.37 -4.62 27.53
C PHE T 120 -7.65 -5.79 26.59
N PHE T 121 -8.90 -5.96 26.20
CA PHE T 121 -9.26 -7.01 25.26
C PHE T 121 -8.51 -6.85 23.94
N MET T 122 -8.34 -5.61 23.47
CA MET T 122 -7.62 -5.35 22.24
C MET T 122 -6.16 -5.77 22.36
N PHE T 123 -5.51 -5.39 23.46
CA PHE T 123 -4.16 -5.82 23.75
C PHE T 123 -4.04 -7.35 23.65
N VAL T 124 -4.88 -8.05 24.39
CA VAL T 124 -4.81 -9.50 24.42
C VAL T 124 -4.99 -10.07 23.02
N ALA T 125 -6.01 -9.61 22.30
CA ALA T 125 -6.28 -10.14 20.97
C ALA T 125 -5.12 -9.92 20.02
N VAL T 126 -4.58 -8.71 20.00
CA VAL T 126 -3.53 -8.40 19.03
C VAL T 126 -2.28 -9.20 19.31
N TRP T 127 -1.88 -9.31 20.58
CA TRP T 127 -0.66 -10.05 20.87
C TRP T 127 -0.86 -11.55 20.67
N SER T 128 -2.04 -12.07 21.02
CA SER T 128 -2.35 -13.46 20.72
C SER T 128 -2.28 -13.73 19.23
N TRP T 129 -2.73 -12.78 18.40
CA TRP T 129 -2.64 -12.99 16.96
C TRP T 129 -1.20 -12.93 16.47
N TRP T 130 -0.38 -12.07 17.07
CA TRP T 130 1.03 -12.08 16.75
C TRP T 130 1.65 -13.44 17.01
N ILE T 131 1.38 -14.00 18.19
CA ILE T 131 1.90 -15.31 18.52
C ILE T 131 1.33 -16.37 17.59
N ARG T 132 0.07 -16.21 17.20
CA ARG T 132 -0.52 -17.10 16.20
C ARG T 132 0.28 -17.09 14.91
N THR T 133 0.61 -15.91 14.39
CA THR T 133 1.41 -15.84 13.18
C THR T 133 2.75 -16.53 13.36
N TYR T 134 3.46 -16.19 14.44
CA TYR T 134 4.75 -16.82 14.71
C TYR T 134 4.63 -18.34 14.71
N THR T 135 3.64 -18.88 15.40
CA THR T 135 3.55 -20.33 15.54
C THR T 135 3.06 -21.01 14.27
N ARG T 136 2.19 -20.34 13.51
CA ARG T 136 1.73 -20.91 12.26
C ARG T 136 2.85 -20.96 11.25
N ALA T 137 3.81 -20.04 11.34
CA ALA T 137 4.99 -20.14 10.51
C ALA T 137 5.95 -21.20 11.02
N ALA T 138 6.14 -21.25 12.34
CA ALA T 138 7.08 -22.22 12.91
C ALA T 138 6.64 -23.65 12.66
N ALA T 139 5.32 -23.89 12.58
CA ALA T 139 4.82 -25.24 12.37
C ALA T 139 5.15 -25.75 10.98
N LEU T 140 5.03 -24.88 9.98
CA LEU T 140 5.34 -25.24 8.60
C LEU T 140 6.81 -25.09 8.27
N GLY T 141 7.66 -24.82 9.25
CA GLY T 141 9.07 -24.62 8.98
C GLY T 141 9.35 -23.42 8.11
N MET T 142 8.56 -22.36 8.25
CA MET T 142 8.71 -21.15 7.49
C MET T 142 9.35 -20.07 8.35
N GLY T 143 9.91 -19.07 7.70
CA GLY T 143 10.49 -17.95 8.42
C GLY T 143 9.44 -17.13 9.13
N LYS T 144 9.93 -16.27 10.03
CA LYS T 144 9.08 -15.44 10.87
C LYS T 144 8.96 -14.02 10.34
N HIS T 145 9.05 -13.84 9.03
CA HIS T 145 9.02 -12.50 8.46
C HIS T 145 7.65 -11.86 8.62
N THR T 146 6.60 -12.66 8.52
CA THR T 146 5.25 -12.16 8.73
C THR T 146 5.10 -11.57 10.13
N ALA T 147 5.63 -12.27 11.13
CA ALA T 147 5.52 -11.79 12.50
C ALA T 147 6.33 -10.51 12.71
N TRP T 148 7.53 -10.44 12.16
CA TRP T 148 8.36 -9.26 12.36
C TRP T 148 7.79 -8.07 11.60
N ALA T 149 7.03 -8.33 10.53
CA ALA T 149 6.32 -7.24 9.85
C ALA T 149 5.12 -6.78 10.66
N PHE T 150 4.34 -7.72 11.19
CA PHE T 150 3.20 -7.37 12.03
C PHE T 150 3.65 -6.62 13.27
N LEU T 151 4.87 -6.90 13.74
CA LEU T 151 5.37 -6.26 14.94
C LEU T 151 5.56 -4.76 14.77
N SER T 152 5.78 -4.28 13.54
CA SER T 152 5.90 -2.85 13.31
C SER T 152 4.54 -2.15 13.43
N ALA T 153 3.51 -2.72 12.81
CA ALA T 153 2.16 -2.20 13.00
C ALA T 153 1.76 -2.25 14.46
N ILE T 154 2.15 -3.31 15.17
CA ILE T 154 1.88 -3.40 16.59
C ILE T 154 2.64 -2.34 17.36
N TRP T 155 3.84 -2.00 16.90
CA TRP T 155 4.62 -0.95 17.53
C TRP T 155 3.92 0.39 17.43
N LEU T 156 3.40 0.72 16.25
CA LEU T 156 2.67 1.98 16.10
C LEU T 156 1.38 1.97 16.91
N TRP T 157 0.60 0.88 16.82
CA TRP T 157 -0.63 0.77 17.58
C TRP T 157 -0.37 0.92 19.07
N MET T 158 0.70 0.31 19.58
CA MET T 158 1.08 0.49 20.97
C MET T 158 1.44 1.92 21.27
N VAL T 159 2.34 2.52 20.49
CA VAL T 159 2.69 3.92 20.70
C VAL T 159 1.42 4.75 20.85
N LEU T 160 0.42 4.49 20.02
CA LEU T 160 -0.81 5.27 20.07
C LEU T 160 -1.58 5.02 21.35
N GLY T 161 -1.73 3.75 21.75
CA GLY T 161 -2.67 3.42 22.81
C GLY T 161 -2.12 3.22 24.22
N PHE T 162 -0.88 2.75 24.33
CA PHE T 162 -0.33 2.35 25.62
C PHE T 162 0.90 3.15 26.01
N ILE T 163 1.86 3.28 25.09
CA ILE T 163 3.18 3.81 25.44
C ILE T 163 3.12 5.33 25.59
N ARG T 164 2.63 6.02 24.58
CA ARG T 164 2.69 7.47 24.58
C ARG T 164 1.76 8.06 25.63
N PRO T 165 0.56 7.52 25.82
CA PRO T 165 -0.26 7.99 26.94
C PRO T 165 0.46 7.92 28.27
N ILE T 166 1.33 6.92 28.44
CA ILE T 166 2.07 6.77 29.68
C ILE T 166 3.12 7.85 29.84
N LEU T 167 3.97 8.00 28.82
CA LEU T 167 5.00 9.03 28.87
C LEU T 167 4.40 10.41 29.03
N MET T 168 3.33 10.70 28.28
CA MET T 168 2.67 12.00 28.40
C MET T 168 1.85 12.11 29.69
N GLY T 169 1.54 10.99 30.33
CA GLY T 169 0.95 10.99 31.65
C GLY T 169 -0.56 10.98 31.70
N SER T 170 -1.24 10.49 30.67
CA SER T 170 -2.69 10.52 30.65
C SER T 170 -3.22 9.60 29.56
N TRP T 171 -4.27 8.86 29.90
CA TRP T 171 -4.99 8.03 28.94
C TRP T 171 -5.86 8.85 28.01
N SER T 172 -6.09 10.13 28.32
CA SER T 172 -6.84 11.00 27.43
C SER T 172 -6.11 11.25 26.12
N GLU T 173 -4.80 10.98 26.09
CA GLU T 173 -4.02 11.13 24.88
C GLU T 173 -4.26 9.99 23.89
N ALA T 174 -4.86 8.90 24.34
CA ALA T 174 -5.05 7.74 23.50
C ALA T 174 -6.22 7.96 22.54
N VAL T 175 -6.49 6.94 21.74
CA VAL T 175 -7.40 7.08 20.60
C VAL T 175 -8.78 6.57 21.01
N PRO T 176 -9.86 7.27 20.65
CA PRO T 176 -11.19 6.77 20.96
C PRO T 176 -11.66 5.73 19.95
N TYR T 177 -12.70 5.00 20.32
CA TYR T 177 -13.23 3.93 19.49
C TYR T 177 -14.46 4.45 18.75
N GLY T 178 -14.20 5.09 17.62
CA GLY T 178 -15.26 5.59 16.76
C GLY T 178 -14.72 5.91 15.40
N ILE T 179 -15.62 5.90 14.41
CA ILE T 179 -15.21 6.11 13.03
C ILE T 179 -14.75 7.54 12.82
N PHE T 180 -15.61 8.50 13.09
CA PHE T 180 -15.27 9.91 12.91
C PHE T 180 -14.46 10.48 14.06
N THR T 181 -14.59 9.91 15.26
CA THR T 181 -13.88 10.46 16.40
C THR T 181 -12.38 10.23 16.30
N HIS T 182 -11.95 9.14 15.68
CA HIS T 182 -10.51 8.91 15.57
C HIS T 182 -9.91 9.73 14.43
N LEU T 183 -10.72 10.08 13.43
CA LEU T 183 -10.30 11.10 12.47
C LEU T 183 -10.13 12.45 13.14
N ASP T 184 -11.12 12.84 13.96
CA ASP T 184 -11.00 14.07 14.73
C ASP T 184 -9.78 14.02 15.65
N TRP T 185 -9.48 12.85 16.20
CA TRP T 185 -8.30 12.70 17.04
C TRP T 185 -7.02 12.96 16.25
N THR T 186 -6.94 12.43 15.03
CA THR T 186 -5.77 12.70 14.20
C THR T 186 -5.63 14.19 13.91
N ASN T 187 -6.72 14.82 13.50
CA ASN T 187 -6.69 16.24 13.19
C ASN T 187 -6.27 17.06 14.40
N ASN T 188 -6.88 16.80 15.55
CA ASN T 188 -6.57 17.55 16.75
C ASN T 188 -5.16 17.28 17.22
N PHE T 189 -4.64 16.07 16.95
CA PHE T 189 -3.24 15.77 17.27
C PHE T 189 -2.32 16.63 16.45
N SER T 190 -2.56 16.71 15.15
CA SER T 190 -1.75 17.57 14.30
C SER T 190 -1.83 19.02 14.74
N LEU T 191 -3.03 19.47 15.12
CA LEU T 191 -3.20 20.87 15.51
C LEU T 191 -2.50 21.18 16.82
N THR T 192 -2.61 20.29 17.81
CA THR T 192 -2.02 20.55 19.12
C THR T 192 -0.52 20.71 19.03
N TYR T 193 0.13 19.95 18.16
CA TYR T 193 1.58 19.99 18.01
C TYR T 193 1.91 20.58 16.64
N GLY T 194 1.94 21.91 16.58
CA GLY T 194 2.25 22.60 15.36
C GLY T 194 1.49 22.04 14.18
N ASN T 195 2.24 21.53 13.22
CA ASN T 195 1.70 20.87 12.05
C ASN T 195 2.49 19.59 11.85
N LEU T 196 1.79 18.46 11.94
CA LEU T 196 2.47 17.17 11.90
C LEU T 196 3.13 16.91 10.56
N PHE T 197 2.81 17.70 9.53
CA PHE T 197 3.55 17.62 8.28
C PHE T 197 5.03 17.86 8.51
N TYR T 198 5.37 18.82 9.36
CA TYR T 198 6.75 19.20 9.61
C TYR T 198 7.45 18.29 10.60
N ASN T 199 6.83 17.18 10.97
CA ASN T 199 7.55 16.11 11.62
C ASN T 199 8.34 15.34 10.58
N PRO T 200 9.65 15.13 10.79
CA PRO T 200 10.43 14.40 9.77
C PRO T 200 10.06 12.94 9.66
N PHE T 201 9.73 12.30 10.78
CA PHE T 201 9.37 10.88 10.73
C PHE T 201 7.99 10.69 10.14
N HIS T 202 7.10 11.66 10.29
CA HIS T 202 5.84 11.64 9.57
C HIS T 202 6.06 11.70 8.07
N GLY T 203 6.94 12.61 7.62
CA GLY T 203 7.29 12.65 6.22
C GLY T 203 7.91 11.36 5.73
N LEU T 204 8.72 10.71 6.56
CA LEU T 204 9.30 9.44 6.18
C LEU T 204 8.24 8.35 6.09
N SER T 205 7.35 8.27 7.07
CA SER T 205 6.24 7.33 7.00
C SER T 205 5.44 7.53 5.72
N ILE T 206 5.25 8.78 5.31
CA ILE T 206 4.51 9.05 4.09
C ILE T 206 5.32 8.65 2.87
N ALA T 207 6.62 8.96 2.87
CA ALA T 207 7.50 8.51 1.80
C ALA T 207 7.36 7.01 1.59
N PHE T 208 7.36 6.25 2.68
CA PHE T 208 7.34 4.79 2.56
C PHE T 208 5.94 4.27 2.25
N LEU T 209 4.90 4.95 2.72
CA LEU T 209 3.54 4.60 2.30
C LEU T 209 3.38 4.77 0.80
N TYR T 210 3.78 5.92 0.27
CA TYR T 210 3.72 6.15 -1.16
C TYR T 210 4.61 5.17 -1.90
N GLY T 211 5.80 4.89 -1.36
CA GLY T 211 6.69 3.93 -1.97
C GLY T 211 6.15 2.52 -2.00
N SER T 212 5.33 2.17 -1.01
CA SER T 212 4.69 0.85 -1.03
C SER T 212 3.79 0.71 -2.24
N ALA T 213 3.03 1.75 -2.56
CA ALA T 213 2.13 1.68 -3.71
C ALA T 213 2.91 1.77 -5.01
N LEU T 214 3.87 2.70 -5.08
CA LEU T 214 4.78 2.73 -6.22
C LEU T 214 5.38 1.36 -6.48
N LEU T 215 5.93 0.74 -5.44
CA LEU T 215 6.64 -0.52 -5.58
C LEU T 215 5.70 -1.66 -5.94
N PHE T 216 4.51 -1.72 -5.35
CA PHE T 216 3.65 -2.85 -5.70
C PHE T 216 3.08 -2.66 -7.10
N ALA T 217 2.75 -1.43 -7.48
CA ALA T 217 2.35 -1.20 -8.86
C ALA T 217 3.44 -1.68 -9.80
N MET T 218 4.67 -1.24 -9.58
CA MET T 218 5.79 -1.68 -10.41
C MET T 218 5.89 -3.19 -10.44
N HIS T 219 5.86 -3.81 -9.27
CA HIS T 219 6.13 -5.24 -9.14
C HIS T 219 5.01 -6.09 -9.71
N GLY T 220 3.76 -5.75 -9.40
CA GLY T 220 2.65 -6.49 -9.96
C GLY T 220 2.51 -6.31 -11.46
N ALA T 221 2.67 -5.08 -11.94
CA ALA T 221 2.69 -4.86 -13.38
C ALA T 221 3.81 -5.64 -14.04
N THR T 222 4.96 -5.75 -13.37
CA THR T 222 6.07 -6.53 -13.89
C THR T 222 5.69 -8.00 -14.00
N ILE T 223 5.17 -8.57 -12.92
CA ILE T 223 4.86 -9.99 -12.91
C ILE T 223 3.77 -10.33 -13.92
N LEU T 224 2.72 -9.50 -13.99
CA LEU T 224 1.69 -9.71 -15.00
C LEU T 224 2.27 -9.53 -16.39
N ALA T 225 3.29 -8.68 -16.53
CA ALA T 225 3.96 -8.52 -17.81
C ALA T 225 4.80 -9.73 -18.18
N VAL T 226 5.36 -10.42 -17.18
CA VAL T 226 6.16 -11.62 -17.42
C VAL T 226 5.45 -12.88 -16.97
N SER T 227 4.14 -12.81 -16.71
CA SER T 227 3.39 -14.01 -16.38
C SER T 227 3.30 -14.95 -17.57
N ARG T 228 3.40 -14.40 -18.78
CA ARG T 228 3.42 -15.22 -19.99
C ARG T 228 4.64 -16.13 -20.02
N PHE T 229 5.67 -15.83 -19.22
CA PHE T 229 6.86 -16.65 -19.15
C PHE T 229 6.96 -17.42 -17.83
N GLY T 230 5.93 -17.37 -17.01
CA GLY T 230 5.94 -18.04 -15.73
C GLY T 230 6.41 -17.20 -14.57
N GLY T 231 6.24 -15.89 -14.63
CA GLY T 231 6.79 -15.02 -13.61
C GLY T 231 6.14 -15.19 -12.26
N ASP T 232 4.83 -15.48 -12.24
CA ASP T 232 4.12 -15.57 -10.97
C ASP T 232 4.67 -16.70 -10.11
N ARG T 233 5.31 -17.70 -10.72
CA ARG T 233 5.95 -18.79 -9.99
C ARG T 233 7.35 -18.33 -9.58
N GLU T 234 7.39 -17.55 -8.51
CA GLU T 234 8.61 -16.84 -8.14
C GLU T 234 9.60 -17.75 -7.41
N LEU T 235 9.10 -18.66 -6.58
CA LEU T 235 10.00 -19.50 -5.80
C LEU T 235 10.82 -20.42 -6.72
N GLU T 236 10.27 -20.76 -7.88
CA GLU T 236 11.03 -21.58 -8.83
C GLU T 236 11.94 -20.71 -9.69
N GLN T 237 11.59 -19.44 -9.86
CA GLN T 237 12.46 -18.53 -10.59
C GLN T 237 13.66 -18.11 -9.74
N ILE T 238 13.53 -18.19 -8.42
CA ILE T 238 14.62 -17.80 -7.54
C ILE T 238 15.78 -18.78 -7.64
N VAL T 239 15.48 -20.08 -7.72
CA VAL T 239 16.52 -21.09 -7.74
C VAL T 239 16.84 -21.54 -9.15
N ASP T 240 15.84 -21.65 -10.01
CA ASP T 240 16.03 -21.96 -11.42
C ASP T 240 15.56 -20.76 -12.22
N ARG T 241 16.45 -19.80 -12.41
CA ARG T 241 16.11 -18.56 -13.10
C ARG T 241 15.63 -18.85 -14.52
N GLY T 242 14.54 -18.20 -14.89
CA GLY T 242 14.04 -18.26 -16.25
C GLY T 242 14.11 -16.92 -16.95
N THR T 243 13.53 -16.84 -18.14
CA THR T 243 13.61 -15.60 -18.91
C THR T 243 12.65 -14.56 -18.37
N ALA T 244 11.67 -14.98 -17.57
CA ALA T 244 10.77 -14.01 -16.94
C ALA T 244 11.55 -13.09 -16.00
N ALA T 245 12.31 -13.67 -15.08
CA ALA T 245 13.12 -12.88 -14.16
C ALA T 245 14.10 -12.00 -14.93
N GLU T 246 14.73 -12.55 -15.96
CA GLU T 246 15.73 -11.79 -16.71
C GLU T 246 15.10 -10.61 -17.43
N ARG T 247 13.92 -10.81 -18.03
CA ARG T 247 13.26 -9.74 -18.76
C ARG T 247 12.74 -8.67 -17.82
N ALA T 248 12.26 -9.05 -16.65
CA ALA T 248 11.88 -8.05 -15.65
C ALA T 248 13.09 -7.23 -15.22
N ALA T 249 14.15 -7.91 -14.79
CA ALA T 249 15.37 -7.22 -14.38
C ALA T 249 15.87 -6.30 -15.48
N LEU T 250 15.78 -6.73 -16.73
CA LEU T 250 16.31 -5.94 -17.83
C LEU T 250 15.42 -4.76 -18.15
N PHE T 251 14.10 -4.93 -18.08
CA PHE T 251 13.23 -3.78 -18.23
C PHE T 251 13.61 -2.70 -17.24
N TRP T 252 13.81 -3.08 -15.98
CA TRP T 252 14.04 -2.06 -14.97
C TRP T 252 15.46 -1.50 -15.03
N ARG T 253 16.42 -2.32 -15.43
CA ARG T 253 17.77 -1.84 -15.65
C ARG T 253 17.82 -0.84 -16.79
N TRP T 254 17.20 -1.18 -17.92
CA TRP T 254 17.20 -0.28 -19.07
C TRP T 254 16.40 0.98 -18.78
N THR T 255 15.35 0.87 -17.95
CA THR T 255 14.53 2.02 -17.65
C THR T 255 15.23 2.99 -16.70
N MET T 256 15.73 2.48 -15.57
CA MET T 256 16.33 3.36 -14.57
C MET T 256 17.71 2.94 -14.08
N GLY T 257 18.39 2.03 -14.78
CA GLY T 257 19.79 1.76 -14.55
C GLY T 257 20.10 0.63 -13.60
N PHE T 258 19.27 0.42 -12.58
CA PHE T 258 19.50 -0.67 -11.64
C PHE T 258 18.25 -1.54 -11.55
N ASN T 259 18.45 -2.71 -10.96
CA ASN T 259 17.42 -3.74 -10.95
C ASN T 259 17.58 -4.58 -9.69
N ALA T 260 16.63 -5.50 -9.50
CA ALA T 260 16.62 -6.42 -8.38
C ALA T 260 16.61 -7.85 -8.90
N THR T 261 16.49 -8.81 -7.99
CA THR T 261 16.29 -10.21 -8.33
C THR T 261 14.86 -10.58 -7.97
N MET T 262 14.48 -11.81 -8.31
CA MET T 262 13.15 -12.27 -7.92
C MET T 262 13.08 -12.48 -6.41
N GLU T 263 14.20 -12.84 -5.79
CA GLU T 263 14.40 -12.67 -4.37
C GLU T 263 15.31 -11.46 -4.17
N GLY T 264 14.79 -10.44 -3.51
CA GLY T 264 15.51 -9.20 -3.35
C GLY T 264 14.59 -8.02 -3.52
N ILE T 265 13.58 -8.18 -4.38
CA ILE T 265 12.50 -7.21 -4.48
C ILE T 265 11.50 -7.38 -3.35
N HIS T 266 11.41 -8.58 -2.78
CA HIS T 266 10.56 -8.85 -1.64
C HIS T 266 11.15 -8.35 -0.34
N ARG T 267 12.47 -8.22 -0.25
CA ARG T 267 13.09 -7.47 0.82
C ARG T 267 12.77 -5.99 0.75
N TRP T 268 12.84 -5.39 -0.44
CA TRP T 268 12.36 -4.02 -0.61
C TRP T 268 10.92 -3.90 -0.16
N ALA T 269 10.09 -4.87 -0.55
CA ALA T 269 8.67 -4.84 -0.21
C ALA T 269 8.47 -4.90 1.30
N TRP T 270 9.06 -5.91 1.95
CA TRP T 270 8.99 -6.06 3.40
C TRP T 270 9.42 -4.79 4.10
N TRP T 271 10.53 -4.19 3.67
CA TRP T 271 11.07 -3.05 4.40
C TRP T 271 10.25 -1.80 4.19
N PHE T 272 9.79 -1.56 2.95
CA PHE T 272 8.91 -0.42 2.73
C PHE T 272 7.63 -0.57 3.53
N GLY T 273 7.10 -1.79 3.63
CA GLY T 273 5.96 -2.02 4.51
C GLY T 273 6.25 -1.64 5.95
N VAL T 274 7.28 -2.24 6.56
CA VAL T 274 7.44 -2.12 8.00
C VAL T 274 7.91 -0.72 8.39
N LEU T 275 8.61 -0.04 7.48
CA LEU T 275 9.17 1.26 7.81
C LEU T 275 8.08 2.31 7.98
N VAL T 276 6.98 2.18 7.24
CA VAL T 276 5.84 3.07 7.45
C VAL T 276 5.52 3.18 8.93
N THR T 277 5.22 2.04 9.55
CA THR T 277 4.76 2.03 10.92
C THR T 277 5.90 2.25 11.91
N LEU T 278 7.11 1.80 11.60
CA LEU T 278 8.24 2.08 12.46
C LEU T 278 8.46 3.58 12.61
N THR T 279 8.62 4.28 11.48
CA THR T 279 8.83 5.72 11.49
C THR T 279 7.63 6.44 12.08
N GLY T 280 6.42 5.97 11.79
CA GLY T 280 5.25 6.60 12.36
C GLY T 280 5.20 6.50 13.88
N GLY T 281 5.54 5.33 14.41
CA GLY T 281 5.58 5.17 15.84
C GLY T 281 6.61 6.09 16.49
N ILE T 282 7.80 6.15 15.92
CA ILE T 282 8.81 7.05 16.47
C ILE T 282 8.30 8.49 16.44
N GLY T 283 7.73 8.91 15.31
CA GLY T 283 7.22 10.27 15.21
C GLY T 283 6.14 10.59 16.22
N ILE T 284 5.22 9.64 16.44
CA ILE T 284 4.16 9.88 17.42
C ILE T 284 4.74 9.93 18.82
N LEU T 285 5.73 9.10 19.13
CA LEU T 285 6.40 9.21 20.42
C LEU T 285 6.99 10.59 20.64
N LEU T 286 7.70 11.11 19.63
CA LEU T 286 8.41 12.36 19.83
C LEU T 286 7.48 13.55 19.96
N SER T 287 6.21 13.42 19.60
CA SER T 287 5.28 14.53 19.63
C SER T 287 4.69 14.67 21.02
N GLY T 288 4.92 15.81 21.66
CA GLY T 288 4.50 16.04 23.03
C GLY T 288 5.55 15.68 24.04
N THR T 289 6.27 14.59 23.79
CA THR T 289 7.28 14.13 24.74
C THR T 289 8.60 14.84 24.52
N VAL T 290 8.95 15.12 23.27
CA VAL T 290 10.23 15.76 22.96
C VAL T 290 10.00 17.09 22.25
N VAL T 291 8.89 17.20 21.53
CA VAL T 291 8.60 18.38 20.72
C VAL T 291 7.14 18.77 20.93
N ASP T 292 6.92 20.04 21.25
CA ASP T 292 5.57 20.59 21.41
C ASP T 292 5.04 21.25 20.16
N ASN T 293 5.91 21.74 19.28
CA ASN T 293 5.53 22.33 18.01
C ASN T 293 6.53 21.91 16.96
N TRP T 294 6.02 21.49 15.79
CA TRP T 294 6.88 20.96 14.75
C TRP T 294 7.26 22.02 13.74
N TYR T 295 6.43 23.07 13.59
CA TYR T 295 6.79 24.15 12.69
C TYR T 295 7.93 24.99 13.26
N VAL T 296 7.89 25.27 14.55
CA VAL T 296 9.00 25.98 15.19
C VAL T 296 10.26 25.12 15.16
N TRP T 297 10.11 23.82 15.37
CA TRP T 297 11.24 22.91 15.26
C TRP T 297 11.85 22.96 13.87
N ALA T 298 11.00 22.95 12.84
CA ALA T 298 11.48 23.07 11.47
C ALA T 298 12.17 24.40 11.24
N GLN T 299 11.64 25.47 11.82
CA GLN T 299 12.27 26.78 11.68
C GLN T 299 13.66 26.79 12.29
N VAL T 300 13.79 26.18 13.46
CA VAL T 300 15.08 26.11 14.14
C VAL T 300 16.05 25.21 13.38
N HIS T 301 15.53 24.17 12.74
CA HIS T 301 16.36 23.13 12.16
C HIS T 301 16.46 23.22 10.64
N GLY T 302 15.95 24.30 10.04
CA GLY T 302 16.35 24.68 8.71
C GLY T 302 15.52 24.14 7.57
N TYR T 303 14.25 23.81 7.77
CA TYR T 303 13.36 23.49 6.68
C TYR T 303 12.02 24.20 6.76
N ALA T 304 11.94 25.29 7.54
CA ALA T 304 10.81 26.20 7.51
C ALA T 304 11.35 27.62 7.59
N PRO T 305 10.82 28.54 6.79
CA PRO T 305 11.35 29.91 6.80
C PRO T 305 10.98 30.64 8.08
N VAL T 306 11.83 31.57 8.48
CA VAL T 306 11.62 32.35 9.68
C VAL T 306 11.05 33.73 9.33
N LEU U 7 10.41 -37.22 27.27
CA LEU U 7 11.62 -36.45 27.69
C LEU U 7 12.41 -35.93 26.49
N SER U 8 13.21 -34.89 26.73
CA SER U 8 14.11 -34.35 25.73
C SER U 8 13.36 -33.88 24.48
N PHE U 9 12.50 -32.88 24.67
CA PHE U 9 11.97 -32.18 23.52
C PHE U 9 13.07 -31.47 22.75
N THR U 10 14.15 -31.13 23.45
CA THR U 10 15.40 -30.71 22.85
C THR U 10 16.42 -31.83 23.03
N GLY U 11 17.03 -32.26 21.94
CA GLY U 11 17.92 -33.40 22.04
C GLY U 11 19.10 -33.12 22.93
N LEU U 12 19.06 -33.65 24.16
CA LEU U 12 20.09 -33.44 25.15
C LEU U 12 20.08 -34.64 26.10
N SER U 13 20.87 -34.53 27.17
CA SER U 13 21.00 -35.60 28.14
C SER U 13 20.83 -35.04 29.55
N ASP U 14 20.64 -35.94 30.50
CA ASP U 14 20.56 -35.55 31.90
C ASP U 14 21.86 -34.92 32.38
N GLU U 15 23.00 -35.50 31.98
CA GLU U 15 24.29 -35.02 32.46
C GLU U 15 24.70 -33.72 31.78
N GLN U 16 24.47 -33.60 30.47
CA GLN U 16 24.75 -32.34 29.79
C GLN U 16 23.89 -31.22 30.36
N ALA U 17 22.62 -31.51 30.63
CA ALA U 17 21.75 -30.54 31.27
C ALA U 17 22.27 -30.18 32.67
N GLN U 18 22.80 -31.16 33.39
CA GLN U 18 23.36 -30.88 34.70
C GLN U 18 24.55 -29.93 34.60
N GLU U 19 25.43 -30.17 33.64
CA GLU U 19 26.55 -29.26 33.39
C GLU U 19 26.05 -27.84 33.10
N LEU U 20 25.13 -27.73 32.14
CA LEU U 20 24.60 -26.42 31.76
C LEU U 20 23.96 -25.74 32.96
N HIS U 21 23.29 -26.51 33.82
CA HIS U 21 22.61 -25.91 34.96
C HIS U 21 23.60 -25.47 36.01
N SER U 22 24.69 -26.22 36.20
CA SER U 22 25.71 -25.78 37.15
C SER U 22 26.30 -24.44 36.72
N VAL U 23 26.64 -24.33 35.44
CA VAL U 23 27.25 -23.08 34.98
C VAL U 23 26.22 -21.94 35.01
N TYR U 24 24.99 -22.22 34.61
CA TYR U 24 23.93 -21.22 34.66
C TYR U 24 23.67 -20.76 36.08
N MET U 25 23.69 -21.69 37.05
CA MET U 25 23.52 -21.33 38.44
C MET U 25 24.65 -20.42 38.91
N SER U 26 25.89 -20.78 38.59
CA SER U 26 27.01 -19.92 38.96
C SER U 26 26.80 -18.50 38.43
N GLY U 27 26.42 -18.39 37.16
CA GLY U 27 26.23 -17.06 36.58
C GLY U 27 25.09 -16.31 37.23
N LEU U 28 23.94 -16.95 37.39
CA LEU U 28 22.80 -16.32 38.03
C LEU U 28 23.14 -15.84 39.43
N TRP U 29 23.87 -16.64 40.20
CA TRP U 29 24.17 -16.26 41.57
C TRP U 29 25.18 -15.12 41.60
N LEU U 30 26.13 -15.10 40.67
CA LEU U 30 27.03 -13.96 40.55
C LEU U 30 26.24 -12.68 40.27
N PHE U 31 25.37 -12.73 39.27
CA PHE U 31 24.53 -11.58 38.95
C PHE U 31 23.72 -11.14 40.16
N VAL U 32 23.17 -12.10 40.90
CA VAL U 32 22.30 -11.78 42.02
C VAL U 32 23.09 -11.14 43.15
N THR U 33 24.30 -11.62 43.41
CA THR U 33 25.08 -11.03 44.50
C THR U 33 25.54 -9.63 44.13
N ILE U 34 25.90 -9.40 42.87
CA ILE U 34 26.20 -8.04 42.43
C ILE U 34 25.01 -7.14 42.65
N ALA U 35 23.82 -7.59 42.22
CA ALA U 35 22.63 -6.77 42.37
C ALA U 35 22.30 -6.53 43.84
N VAL U 36 22.60 -7.49 44.69
CA VAL U 36 22.30 -7.35 46.11
C VAL U 36 23.23 -6.32 46.76
N ILE U 37 24.53 -6.40 46.44
CA ILE U 37 25.45 -5.38 46.92
C ILE U 37 25.00 -4.00 46.45
N ALA U 38 24.60 -3.90 45.19
CA ALA U 38 24.15 -2.62 44.65
C ALA U 38 22.93 -2.11 45.40
N HIS U 39 21.95 -2.99 45.66
CA HIS U 39 20.74 -2.56 46.34
C HIS U 39 21.03 -2.15 47.78
N ILE U 40 21.91 -2.86 48.47
CA ILE U 40 22.31 -2.46 49.81
C ILE U 40 22.92 -1.07 49.79
N ALA U 41 23.89 -0.86 48.89
CA ALA U 41 24.56 0.43 48.82
C ALA U 41 23.57 1.55 48.51
N VAL U 42 22.62 1.30 47.60
CA VAL U 42 21.65 2.32 47.24
C VAL U 42 20.71 2.60 48.41
N TYR U 43 20.26 1.56 49.09
CA TYR U 43 19.38 1.76 50.25
C TYR U 43 20.07 2.61 51.30
N ILE U 44 21.36 2.38 51.52
CA ILE U 44 22.08 3.21 52.48
C ILE U 44 22.27 4.62 51.93
N TRP U 45 22.45 4.75 50.62
CA TRP U 45 22.59 6.06 50.01
C TRP U 45 21.27 6.82 49.99
N ARG U 46 20.21 6.17 49.51
CA ARG U 46 18.92 6.83 49.30
C ARG U 46 17.81 5.81 49.46
N PRO U 47 17.35 5.59 50.69
CA PRO U 47 16.33 4.57 50.92
C PRO U 47 15.04 4.88 50.20
N TRP U 48 14.25 3.81 49.94
CA TRP U 48 12.93 3.95 49.36
C TRP U 48 11.84 3.30 50.20
N LEU U 49 12.19 2.52 51.22
CA LEU U 49 11.19 1.90 52.07
C LEU U 49 11.41 2.26 53.54
N SER V 2 -6.04 -34.65 42.78
CA SER V 2 -4.80 -35.41 43.13
C SER V 2 -4.19 -36.04 41.89
N LYS V 3 -4.97 -36.09 40.81
CA LYS V 3 -4.52 -36.61 39.52
C LYS V 3 -4.30 -35.48 38.53
N PHE V 4 -3.84 -34.33 39.02
CA PHE V 4 -3.59 -33.16 38.18
C PHE V 4 -2.35 -33.30 37.33
N TYR V 5 -1.58 -34.38 37.48
CA TYR V 5 -0.40 -34.56 36.64
C TYR V 5 -0.79 -34.82 35.19
N LYS V 6 -2.04 -35.24 34.95
CA LYS V 6 -2.48 -35.55 33.60
C LYS V 6 -2.70 -34.31 32.75
N ILE V 7 -2.56 -33.11 33.32
CA ILE V 7 -2.58 -31.90 32.50
C ILE V 7 -1.42 -31.90 31.52
N TRP V 8 -0.35 -32.62 31.84
CA TRP V 8 0.80 -32.73 30.95
C TRP V 8 0.63 -33.84 29.93
N GLN V 9 -0.46 -34.59 30.01
CA GLN V 9 -0.87 -35.50 28.95
C GLN V 9 -1.79 -34.84 27.93
N VAL V 10 -2.22 -33.61 28.19
CA VAL V 10 -3.13 -32.89 27.33
C VAL V 10 -2.45 -31.69 26.66
N PHE V 11 -1.54 -31.03 27.36
CA PHE V 11 -0.73 -29.97 26.81
C PHE V 11 0.75 -30.34 26.93
N ASP V 12 1.55 -29.81 26.00
CA ASP V 12 2.99 -30.03 26.09
C ASP V 12 3.65 -28.86 26.82
N PRO V 13 4.68 -29.14 27.63
CA PRO V 13 5.17 -28.10 28.56
C PRO V 13 5.95 -26.98 27.89
N ARG V 14 6.56 -27.22 26.73
CA ARG V 14 7.41 -26.18 26.14
C ARG V 14 6.60 -24.95 25.77
N ARG V 15 5.35 -25.13 25.35
CA ARG V 15 4.51 -23.98 25.04
C ARG V 15 3.80 -23.46 26.29
N VAL V 16 3.43 -24.36 27.19
CA VAL V 16 2.71 -23.96 28.40
C VAL V 16 3.58 -23.08 29.27
N PHE V 17 4.86 -23.42 29.42
CA PHE V 17 5.73 -22.65 30.28
C PHE V 17 5.99 -21.27 29.70
N VAL V 18 6.14 -21.18 28.39
CA VAL V 18 6.31 -19.88 27.75
C VAL V 18 5.08 -19.01 27.98
N ALA V 19 3.89 -19.55 27.69
CA ALA V 19 2.67 -18.81 27.93
C ALA V 19 2.56 -18.37 29.39
N GLN V 20 2.91 -19.26 30.31
CA GLN V 20 2.78 -18.97 31.73
C GLN V 20 3.74 -17.86 32.16
N GLY V 21 4.97 -17.90 31.67
CA GLY V 21 5.92 -16.86 32.02
C GLY V 21 5.53 -15.51 31.46
N VAL V 22 5.06 -15.48 30.20
CA VAL V 22 4.60 -14.23 29.62
C VAL V 22 3.42 -13.69 30.41
N PHE V 23 2.43 -14.53 30.69
CA PHE V 23 1.27 -14.13 31.47
C PHE V 23 1.67 -13.58 32.83
N LEU V 24 2.56 -14.26 33.54
CA LEU V 24 2.95 -13.81 34.87
C LEU V 24 3.70 -12.50 34.82
N PHE V 25 4.61 -12.35 33.86
CA PHE V 25 5.33 -11.08 33.74
C PHE V 25 4.38 -9.93 33.47
N LEU V 26 3.48 -10.10 32.50
CA LEU V 26 2.55 -9.03 32.19
C LEU V 26 1.64 -8.72 33.37
N LEU V 27 1.24 -9.75 34.13
CA LEU V 27 0.39 -9.51 35.29
C LEU V 27 1.11 -8.72 36.36
N ALA V 28 2.34 -9.14 36.70
CA ALA V 28 3.14 -8.39 37.67
C ALA V 28 3.32 -6.95 37.22
N VAL V 29 3.64 -6.74 35.94
CA VAL V 29 3.81 -5.40 35.42
C VAL V 29 2.54 -4.59 35.62
N MET V 30 1.39 -5.17 35.26
CA MET V 30 0.14 -4.46 35.39
C MET V 30 -0.13 -4.07 36.84
N ILE V 31 0.16 -4.96 37.78
CA ILE V 31 -0.13 -4.64 39.18
C ILE V 31 0.81 -3.56 39.69
N HIS V 32 2.10 -3.68 39.38
CA HIS V 32 3.04 -2.65 39.77
C HIS V 32 2.64 -1.29 39.22
N LEU V 33 2.26 -1.25 37.94
CA LEU V 33 1.81 0.00 37.34
C LEU V 33 0.58 0.54 38.04
N ILE V 34 -0.41 -0.31 38.29
CA ILE V 34 -1.61 0.12 39.00
C ILE V 34 -1.23 0.78 40.31
N LEU V 35 -0.29 0.19 41.04
CA LEU V 35 0.09 0.74 42.33
C LEU V 35 0.86 2.05 42.19
N LEU V 36 1.70 2.16 41.16
CA LEU V 36 2.41 3.41 40.94
C LEU V 36 1.46 4.54 40.58
N SER V 37 0.37 4.22 39.89
CA SER V 37 -0.67 5.19 39.57
C SER V 37 -1.33 5.78 40.79
N LYS V 38 -1.03 5.27 41.99
CA LYS V 38 -1.63 5.73 43.22
C LYS V 38 -0.59 6.38 44.10
N PRO V 39 -0.76 7.64 44.48
CA PRO V 39 0.24 8.27 45.35
C PRO V 39 0.42 7.54 46.67
N ASP V 40 -0.58 6.76 47.08
CA ASP V 40 -0.54 6.12 48.38
C ASP V 40 0.30 4.86 48.36
N TYR V 41 0.35 4.18 47.22
CA TYR V 41 1.11 2.94 47.09
C TYR V 41 2.29 3.08 46.14
N ASN V 42 2.54 4.29 45.63
CA ASN V 42 3.81 4.60 44.98
C ASN V 42 4.88 4.61 46.05
N TRP V 43 5.82 3.68 45.97
CA TRP V 43 6.77 3.51 47.06
C TRP V 43 7.90 4.51 46.96
N LEU V 44 8.16 5.03 45.77
CA LEU V 44 9.20 6.04 45.59
C LEU V 44 8.76 7.36 46.21
N ASP V 45 7.58 7.84 45.82
CA ASP V 45 7.06 9.09 46.37
C ASP V 45 6.83 9.00 47.87
N VAL V 46 6.40 7.84 48.36
CA VAL V 46 6.13 7.72 49.79
C VAL V 46 7.44 7.65 50.57
N GLY V 47 8.46 6.97 50.04
CA GLY V 47 9.77 7.04 50.67
C GLY V 47 10.30 8.46 50.70
N THR V 48 10.15 9.18 49.59
CA THR V 48 10.46 10.60 49.55
C THR V 48 9.80 11.34 50.71
N ALA V 49 8.46 11.30 50.76
CA ALA V 49 7.74 12.04 51.77
C ALA V 49 8.15 11.63 53.18
N LYS V 50 8.48 10.34 53.36
CA LYS V 50 8.85 9.86 54.68
C LYS V 50 10.18 10.43 55.14
N TYR V 51 11.22 10.27 54.33
CA TYR V 51 12.57 10.63 54.76
C TYR V 51 12.85 12.11 54.66
N GLY V 52 11.88 12.93 54.26
CA GLY V 52 12.01 14.36 54.31
C GLY V 52 12.65 15.02 53.12
N ARG V 53 12.75 14.33 52.00
CA ARG V 53 13.45 14.86 50.83
C ARG V 53 12.47 15.40 49.80
N LEU W 7 -6.73 -40.62 26.85
CA LEU W 7 -5.50 -40.81 27.65
C LEU W 7 -4.52 -39.66 27.45
N SER W 8 -3.73 -39.74 26.37
CA SER W 8 -2.67 -38.78 26.11
C SER W 8 -2.75 -38.30 24.67
N PHE W 9 -2.73 -36.98 24.50
CA PHE W 9 -2.69 -36.36 23.17
C PHE W 9 -1.33 -35.80 22.82
N THR W 10 -0.43 -35.67 23.79
CA THR W 10 0.87 -35.04 23.58
C THR W 10 2.00 -36.05 23.42
N GLY W 11 1.80 -37.30 23.83
CA GLY W 11 2.87 -38.29 23.75
C GLY W 11 3.72 -38.37 24.99
N LEU W 12 3.10 -38.51 26.16
CA LEU W 12 3.80 -38.64 27.43
C LEU W 12 3.20 -39.78 28.24
N SER W 13 4.06 -40.49 28.97
CA SER W 13 3.64 -41.55 29.87
C SER W 13 2.97 -40.96 31.10
N ASP W 14 2.64 -41.84 32.05
CA ASP W 14 2.13 -41.37 33.33
C ASP W 14 3.27 -41.06 34.29
N GLU W 15 4.37 -41.81 34.20
CA GLU W 15 5.52 -41.54 35.05
C GLU W 15 6.26 -40.29 34.59
N GLN W 16 6.38 -40.11 33.27
CA GLN W 16 6.90 -38.86 32.73
C GLN W 16 6.10 -37.67 33.25
N ALA W 17 4.77 -37.79 33.22
CA ALA W 17 3.92 -36.70 33.70
C ALA W 17 4.06 -36.49 35.20
N GLN W 18 4.24 -37.57 35.97
CA GLN W 18 4.45 -37.42 37.40
C GLN W 18 5.74 -36.66 37.69
N GLU W 19 6.81 -37.00 36.97
CA GLU W 19 8.07 -36.28 37.11
C GLU W 19 7.89 -34.80 36.78
N LEU W 20 7.35 -34.52 35.59
CA LEU W 20 7.14 -33.16 35.16
C LEU W 20 6.32 -32.38 36.17
N HIS W 21 5.25 -32.97 36.69
CA HIS W 21 4.38 -32.28 37.62
C HIS W 21 5.06 -32.07 38.97
N SER W 22 5.89 -33.02 39.39
CA SER W 22 6.62 -32.84 40.64
C SER W 22 7.53 -31.63 40.57
N VAL W 23 8.31 -31.55 39.48
CA VAL W 23 9.21 -30.41 39.35
C VAL W 23 8.42 -29.10 39.21
N TYR W 24 7.36 -29.13 38.40
CA TYR W 24 6.53 -27.95 38.20
C TYR W 24 5.94 -27.47 39.52
N MET W 25 5.52 -28.40 40.37
CA MET W 25 4.88 -28.03 41.63
C MET W 25 5.91 -27.52 42.61
N SER W 26 7.11 -28.06 42.60
CA SER W 26 8.16 -27.52 43.46
C SER W 26 8.47 -26.07 43.07
N GLY W 27 8.62 -25.82 41.77
CA GLY W 27 8.82 -24.45 41.32
C GLY W 27 7.67 -23.53 41.67
N LEU W 28 6.43 -24.00 41.45
CA LEU W 28 5.26 -23.22 41.80
C LEU W 28 5.23 -22.87 43.28
N TRP W 29 5.50 -23.83 44.16
CA TRP W 29 5.43 -23.56 45.58
C TRP W 29 6.57 -22.64 46.03
N LEU W 30 7.72 -22.72 45.37
CA LEU W 30 8.77 -21.73 45.64
C LEU W 30 8.30 -20.33 45.29
N PHE W 31 7.81 -20.16 44.06
CA PHE W 31 7.25 -18.88 43.62
C PHE W 31 6.21 -18.37 44.61
N VAL W 32 5.33 -19.25 45.08
CA VAL W 32 4.24 -18.81 45.94
C VAL W 32 4.75 -18.45 47.32
N THR W 33 5.76 -19.16 47.81
CA THR W 33 6.35 -18.80 49.09
C THR W 33 6.98 -17.42 49.02
N ILE W 34 7.72 -17.15 47.96
CA ILE W 34 8.31 -15.82 47.80
C ILE W 34 7.22 -14.76 47.77
N ALA W 35 6.18 -14.99 46.97
CA ALA W 35 5.09 -14.02 46.86
C ALA W 35 4.40 -13.81 48.20
N VAL W 36 4.24 -14.89 48.97
CA VAL W 36 3.55 -14.78 50.25
C VAL W 36 4.37 -13.95 51.23
N ILE W 37 5.68 -14.20 51.29
CA ILE W 37 6.53 -13.40 52.17
C ILE W 37 6.50 -11.93 51.75
N ALA W 38 6.59 -11.67 50.45
CA ALA W 38 6.49 -10.31 49.95
C ALA W 38 5.19 -9.65 50.38
N HIS W 39 4.07 -10.37 50.24
CA HIS W 39 2.77 -9.80 50.60
C HIS W 39 2.67 -9.52 52.09
N ILE W 40 3.14 -10.46 52.92
CA ILE W 40 3.15 -10.21 54.36
C ILE W 40 3.93 -8.94 54.66
N ALA W 41 5.11 -8.80 54.05
CA ALA W 41 5.90 -7.59 54.25
C ALA W 41 5.10 -6.35 53.89
N VAL W 42 4.61 -6.28 52.65
CA VAL W 42 3.88 -5.09 52.21
C VAL W 42 2.73 -4.79 53.14
N TYR W 43 2.01 -5.81 53.58
CA TYR W 43 0.90 -5.57 54.51
C TYR W 43 1.39 -4.92 55.78
N ILE W 44 2.47 -5.43 56.37
CA ILE W 44 3.01 -4.82 57.58
C ILE W 44 3.43 -3.38 57.31
N TRP W 45 3.89 -3.11 56.08
CA TRP W 45 4.44 -1.78 55.77
C TRP W 45 3.33 -0.78 55.46
N ARG W 46 2.50 -1.09 54.46
CA ARG W 46 1.35 -0.24 54.13
C ARG W 46 0.16 -1.13 53.85
N PRO W 47 -0.68 -1.36 54.86
CA PRO W 47 -1.80 -2.27 54.68
C PRO W 47 -2.88 -1.69 53.78
N TRP W 48 -3.48 -2.55 52.98
CA TRP W 48 -4.61 -2.19 52.13
C TRP W 48 -5.92 -2.78 52.60
N LEU W 49 -5.91 -3.56 53.68
CA LEU W 49 -7.12 -4.15 54.22
C LEU W 49 -7.30 -3.75 55.68
N SER X 2 -24.36 -38.57 37.55
CA SER X 2 -25.13 -38.26 36.31
C SER X 2 -24.34 -38.68 35.08
N LYS X 3 -24.69 -38.13 33.93
CA LYS X 3 -24.02 -38.45 32.67
C LYS X 3 -23.32 -37.25 32.05
N PHE X 4 -23.09 -36.18 32.83
CA PHE X 4 -22.38 -35.03 32.30
C PHE X 4 -20.99 -35.37 31.82
N TYR X 5 -20.43 -36.50 32.23
CA TYR X 5 -19.08 -36.87 31.85
C TYR X 5 -18.94 -37.14 30.36
N LYS X 6 -20.03 -37.18 29.62
CA LYS X 6 -19.99 -37.43 28.19
C LYS X 6 -19.73 -36.16 27.38
N ILE X 7 -19.64 -35.01 28.04
CA ILE X 7 -19.29 -33.78 27.34
C ILE X 7 -17.90 -33.86 26.75
N TRP X 8 -17.08 -34.81 27.23
CA TRP X 8 -15.75 -35.02 26.69
C TRP X 8 -15.74 -35.97 25.51
N GLN X 9 -16.85 -36.64 25.24
CA GLN X 9 -17.02 -37.42 24.03
C GLN X 9 -17.42 -36.55 22.85
N VAL X 10 -17.66 -35.25 23.08
CA VAL X 10 -18.00 -34.33 22.01
C VAL X 10 -17.10 -33.10 21.99
N PHE X 11 -16.47 -32.76 23.11
CA PHE X 11 -15.52 -31.65 23.20
C PHE X 11 -14.10 -32.19 23.36
N ASP X 12 -13.16 -31.53 22.69
CA ASP X 12 -11.75 -31.81 22.92
C ASP X 12 -11.30 -31.07 24.19
N PRO X 13 -10.63 -31.75 25.13
CA PRO X 13 -10.25 -31.06 26.36
C PRO X 13 -9.34 -29.87 26.16
N ARG X 14 -8.44 -29.93 25.18
CA ARG X 14 -7.52 -28.82 24.96
C ARG X 14 -8.26 -27.54 24.62
N ARG X 15 -9.15 -27.62 23.62
CA ARG X 15 -9.92 -26.45 23.20
C ARG X 15 -10.69 -25.85 24.36
N VAL X 16 -11.51 -26.67 25.02
CA VAL X 16 -12.37 -26.15 26.08
C VAL X 16 -11.53 -25.59 27.21
N PHE X 17 -10.38 -26.22 27.51
CA PHE X 17 -9.57 -25.73 28.60
C PHE X 17 -8.96 -24.38 28.31
N VAL X 18 -8.38 -24.19 27.12
CA VAL X 18 -7.77 -22.91 26.83
C VAL X 18 -8.84 -21.82 26.74
N ALA X 19 -9.98 -22.14 26.11
CA ALA X 19 -11.06 -21.17 26.03
C ALA X 19 -11.57 -20.79 27.40
N GLN X 20 -11.82 -21.79 28.25
CA GLN X 20 -12.26 -21.54 29.62
C GLN X 20 -11.26 -20.69 30.39
N GLY X 21 -9.98 -21.00 30.28
CA GLY X 21 -8.97 -20.21 30.96
C GLY X 21 -8.98 -18.76 30.56
N VAL X 22 -8.94 -18.49 29.26
CA VAL X 22 -8.97 -17.10 28.81
C VAL X 22 -10.25 -16.42 29.25
N PHE X 23 -11.38 -17.11 29.13
CA PHE X 23 -12.65 -16.56 29.56
C PHE X 23 -12.60 -16.13 31.02
N LEU X 24 -12.13 -17.01 31.89
CA LEU X 24 -12.13 -16.73 33.31
C LEU X 24 -11.16 -15.62 33.66
N PHE X 25 -9.97 -15.63 33.04
CA PHE X 25 -9.02 -14.56 33.31
C PHE X 25 -9.57 -13.20 32.92
N LEU X 26 -10.18 -13.12 31.73
CA LEU X 26 -10.70 -11.84 31.28
C LEU X 26 -11.87 -11.40 32.14
N LEU X 27 -12.74 -12.33 32.51
CA LEU X 27 -13.86 -11.99 33.38
C LEU X 27 -13.39 -11.47 34.72
N ALA X 28 -12.39 -12.11 35.32
CA ALA X 28 -11.87 -11.66 36.61
C ALA X 28 -11.24 -10.29 36.50
N VAL X 29 -10.41 -10.07 35.48
CA VAL X 29 -9.81 -8.77 35.29
C VAL X 29 -10.89 -7.71 35.12
N MET X 30 -11.93 -8.03 34.37
CA MET X 30 -12.98 -7.05 34.10
C MET X 30 -13.74 -6.69 35.37
N ILE X 31 -14.04 -7.68 36.21
CA ILE X 31 -14.77 -7.39 37.44
C ILE X 31 -13.91 -6.58 38.39
N HIS X 32 -12.64 -6.94 38.53
CA HIS X 32 -11.72 -6.16 39.35
C HIS X 32 -11.64 -4.71 38.86
N LEU X 33 -11.54 -4.52 37.55
CA LEU X 33 -11.47 -3.16 37.01
C LEU X 33 -12.75 -2.39 37.28
N ILE X 34 -13.90 -3.05 37.13
CA ILE X 34 -15.16 -2.41 37.48
C ILE X 34 -15.15 -1.93 38.91
N LEU X 35 -14.70 -2.79 39.83
CA LEU X 35 -14.66 -2.40 41.24
C LEU X 35 -13.71 -1.24 41.47
N LEU X 36 -12.57 -1.24 40.79
CA LEU X 36 -11.64 -0.12 40.91
C LEU X 36 -12.21 1.16 40.32
N SER X 37 -13.14 1.04 39.36
CA SER X 37 -13.74 2.22 38.75
C SER X 37 -14.65 2.95 39.72
N LYS X 38 -15.16 2.27 40.70
CA LYS X 38 -16.09 2.84 41.64
C LYS X 38 -15.33 3.31 42.87
N PRO X 39 -15.30 4.62 43.16
CA PRO X 39 -14.59 5.08 44.36
C PRO X 39 -14.88 4.24 45.59
N ASP X 40 -16.10 3.73 45.68
CA ASP X 40 -16.45 2.71 46.66
C ASP X 40 -16.23 1.35 46.03
N TYR X 41 -15.78 0.40 46.85
CA TYR X 41 -15.31 -0.93 46.47
C TYR X 41 -13.89 -0.91 45.94
N ASN X 42 -13.26 0.26 45.80
CA ASN X 42 -11.84 0.36 45.52
C ASN X 42 -11.10 0.08 46.81
N TRP X 43 -10.61 -1.15 46.96
CA TRP X 43 -10.01 -1.56 48.22
C TRP X 43 -8.78 -0.75 48.55
N LEU X 44 -8.09 -0.23 47.53
CA LEU X 44 -6.88 0.55 47.77
C LEU X 44 -7.21 1.88 48.43
N ASP X 45 -8.12 2.64 47.84
CA ASP X 45 -8.54 3.91 48.44
C ASP X 45 -9.23 3.69 49.79
N VAL X 46 -9.97 2.61 49.92
CA VAL X 46 -10.63 2.31 51.20
C VAL X 46 -9.58 2.09 52.28
N GLY X 47 -8.55 1.30 51.99
CA GLY X 47 -7.47 1.12 52.95
C GLY X 47 -6.72 2.40 53.23
N THR X 48 -6.51 3.22 52.19
CA THR X 48 -5.90 4.52 52.38
C THR X 48 -6.66 5.35 53.40
N ALA X 49 -7.97 5.45 53.24
CA ALA X 49 -8.77 6.27 54.15
C ALA X 49 -8.89 5.63 55.52
N LYS X 50 -8.84 4.30 55.59
CA LYS X 50 -9.01 3.60 56.86
C LYS X 50 -7.88 3.93 57.82
N TYR X 51 -6.64 3.85 57.37
CA TYR X 51 -5.48 4.07 58.21
C TYR X 51 -5.06 5.52 58.26
N GLY X 52 -5.81 6.42 57.64
CA GLY X 52 -5.52 7.84 57.70
C GLY X 52 -4.26 8.23 56.97
N ARG X 53 -4.26 8.11 55.64
CA ARG X 53 -3.09 8.44 54.84
C ARG X 53 -3.48 9.11 53.54
N LEU Y 7 -21.93 -42.61 20.08
CA LEU Y 7 -21.15 -42.89 21.30
C LEU Y 7 -20.14 -41.78 21.57
N SER Y 8 -19.17 -41.60 20.67
CA SER Y 8 -18.06 -40.67 20.89
C SER Y 8 -17.64 -40.01 19.58
N PHE Y 9 -17.82 -38.69 19.49
CA PHE Y 9 -17.19 -37.92 18.42
C PHE Y 9 -15.70 -37.78 18.66
N THR Y 10 -15.29 -37.69 19.93
CA THR Y 10 -13.89 -37.45 20.24
C THR Y 10 -13.08 -38.73 20.25
N GLY Y 11 -13.74 -39.88 20.41
CA GLY Y 11 -13.04 -41.15 20.52
C GLY Y 11 -12.71 -41.58 21.93
N LEU Y 12 -13.03 -40.76 22.92
CA LEU Y 12 -12.74 -41.11 24.30
C LEU Y 12 -13.70 -42.20 24.78
N SER Y 13 -13.20 -43.05 25.67
CA SER Y 13 -14.01 -44.08 26.29
C SER Y 13 -14.75 -43.52 27.50
N ASP Y 14 -15.84 -44.20 27.86
CA ASP Y 14 -16.60 -43.76 29.03
C ASP Y 14 -15.77 -43.81 30.29
N GLU Y 15 -14.78 -44.70 30.34
CA GLU Y 15 -13.88 -44.75 31.50
C GLU Y 15 -12.92 -43.57 31.49
N GLN Y 16 -12.32 -43.31 30.34
CA GLN Y 16 -11.45 -42.14 30.21
C GLN Y 16 -12.21 -40.86 30.54
N ALA Y 17 -13.38 -40.70 29.91
CA ALA Y 17 -14.20 -39.52 30.17
C ALA Y 17 -14.62 -39.45 31.63
N GLN Y 18 -14.89 -40.60 32.25
CA GLN Y 18 -15.25 -40.62 33.66
C GLN Y 18 -14.14 -40.05 34.52
N GLU Y 19 -12.91 -40.58 34.38
CA GLU Y 19 -11.82 -40.11 35.20
C GLU Y 19 -11.49 -38.65 34.91
N LEU Y 20 -11.59 -38.27 33.63
CA LEU Y 20 -11.30 -36.90 33.24
C LEU Y 20 -12.30 -35.94 33.88
N HIS Y 21 -13.58 -36.26 33.81
CA HIS Y 21 -14.59 -35.45 34.47
C HIS Y 21 -14.40 -35.45 35.98
N SER Y 22 -13.94 -36.56 36.55
CA SER Y 22 -13.71 -36.60 37.98
C SER Y 22 -12.68 -35.55 38.40
N VAL Y 23 -11.52 -35.57 37.75
CA VAL Y 23 -10.47 -34.61 38.12
C VAL Y 23 -10.88 -33.19 37.74
N TYR Y 24 -11.60 -33.04 36.63
CA TYR Y 24 -12.11 -31.74 36.23
C TYR Y 24 -13.02 -31.15 37.30
N MET Y 25 -13.91 -31.96 37.84
CA MET Y 25 -14.82 -31.48 38.87
C MET Y 25 -14.08 -31.23 40.17
N SER Y 26 -13.05 -32.01 40.45
CA SER Y 26 -12.19 -31.70 41.59
C SER Y 26 -11.65 -30.28 41.48
N GLY Y 27 -11.06 -29.95 40.32
CA GLY Y 27 -10.51 -28.62 40.14
C GLY Y 27 -11.57 -27.53 40.19
N LEU Y 28 -12.73 -27.80 39.57
CA LEU Y 28 -13.81 -26.82 39.58
C LEU Y 28 -14.30 -26.55 41.00
N TRP Y 29 -14.46 -27.61 41.81
CA TRP Y 29 -14.93 -27.42 43.17
C TRP Y 29 -13.90 -26.70 44.01
N LEU Y 30 -12.61 -26.93 43.74
CA LEU Y 30 -11.59 -26.15 44.44
C LEU Y 30 -11.70 -24.67 44.10
N PHE Y 31 -11.75 -24.35 42.81
CA PHE Y 31 -11.91 -22.98 42.37
C PHE Y 31 -13.15 -22.35 42.99
N VAL Y 32 -14.26 -23.08 43.02
CA VAL Y 32 -15.52 -22.54 43.51
C VAL Y 32 -15.46 -22.33 45.02
N THR Y 33 -14.78 -23.22 45.74
CA THR Y 33 -14.64 -23.06 47.17
C THR Y 33 -13.83 -21.82 47.50
N ILE Y 34 -12.71 -21.63 46.80
CA ILE Y 34 -11.91 -20.42 47.00
C ILE Y 34 -12.76 -19.19 46.71
N ALA Y 35 -13.51 -19.22 45.61
CA ALA Y 35 -14.34 -18.07 45.25
C ALA Y 35 -15.38 -17.78 46.31
N VAL Y 36 -16.02 -18.81 46.85
CA VAL Y 36 -17.06 -18.61 47.86
C VAL Y 36 -16.47 -18.03 49.13
N ILE Y 37 -15.32 -18.54 49.56
CA ILE Y 37 -14.66 -17.98 50.74
C ILE Y 37 -14.35 -16.51 50.52
N ALA Y 38 -13.78 -16.17 49.35
CA ALA Y 38 -13.44 -14.79 49.07
C ALA Y 38 -14.68 -13.90 49.06
N HIS Y 39 -15.79 -14.41 48.52
CA HIS Y 39 -17.01 -13.62 48.46
C HIS Y 39 -17.59 -13.38 49.84
N ILE Y 40 -17.54 -14.38 50.71
CA ILE Y 40 -18.00 -14.20 52.07
C ILE Y 40 -17.14 -13.15 52.77
N ALA Y 41 -15.82 -13.26 52.61
CA ALA Y 41 -14.92 -12.28 53.19
C ALA Y 41 -15.25 -10.87 52.73
N VAL Y 42 -15.45 -10.68 51.43
CA VAL Y 42 -15.72 -9.35 50.90
C VAL Y 42 -17.07 -8.84 51.38
N TYR Y 43 -18.08 -9.69 51.43
CA TYR Y 43 -19.38 -9.26 51.92
C TYR Y 43 -19.29 -8.80 53.36
N ILE Y 44 -18.60 -9.55 54.21
CA ILE Y 44 -18.36 -9.10 55.58
C ILE Y 44 -17.59 -7.78 55.57
N TRP Y 45 -16.71 -7.62 54.57
CA TRP Y 45 -15.90 -6.40 54.47
C TRP Y 45 -16.72 -5.22 53.99
N ARG Y 46 -17.38 -5.35 52.84
CA ARG Y 46 -18.24 -4.28 52.31
C ARG Y 46 -19.38 -4.90 51.54
N PRO Y 47 -20.54 -5.06 52.18
CA PRO Y 47 -21.68 -5.67 51.48
C PRO Y 47 -22.11 -4.86 50.27
N TRP Y 48 -22.75 -5.54 49.32
CA TRP Y 48 -23.28 -4.90 48.14
C TRP Y 48 -24.75 -5.16 47.90
N LEU Y 49 -25.30 -6.27 48.40
CA LEU Y 49 -26.73 -6.52 48.28
C LEU Y 49 -27.44 -6.20 49.58
N SER Z 2 -42.58 -35.75 23.93
CA SER Z 2 -42.51 -35.28 22.52
C SER Z 2 -41.30 -35.92 21.84
N LYS Z 3 -40.95 -35.42 20.66
CA LYS Z 3 -39.85 -35.95 19.88
C LYS Z 3 -38.88 -34.84 19.46
N PHE Z 4 -38.61 -33.90 20.37
CA PHE Z 4 -37.62 -32.86 20.09
C PHE Z 4 -36.22 -33.43 19.93
N TYR Z 5 -35.96 -34.62 20.48
CA TYR Z 5 -34.60 -35.15 20.52
C TYR Z 5 -33.98 -35.35 19.14
N LYS Z 6 -34.80 -35.37 18.08
CA LYS Z 6 -34.24 -35.52 16.74
C LYS Z 6 -33.50 -34.27 16.28
N ILE Z 7 -33.66 -33.15 16.98
CA ILE Z 7 -32.84 -31.97 16.74
C ILE Z 7 -31.36 -32.34 16.77
N TRP Z 8 -31.02 -33.44 17.45
CA TRP Z 8 -29.65 -33.94 17.42
C TRP Z 8 -29.39 -34.78 16.19
N GLN Z 9 -30.45 -35.18 15.49
CA GLN Z 9 -30.27 -35.89 14.22
C GLN Z 9 -30.14 -34.91 13.06
N VAL Z 10 -30.65 -33.69 13.21
CA VAL Z 10 -30.52 -32.73 12.12
C VAL Z 10 -29.15 -32.06 12.12
N PHE Z 11 -28.76 -31.41 13.21
CA PHE Z 11 -27.47 -30.74 13.26
C PHE Z 11 -26.64 -31.23 14.44
N ASP Z 12 -25.43 -30.69 14.55
CA ASP Z 12 -24.38 -31.34 15.31
C ASP Z 12 -24.31 -30.76 16.72
N PRO Z 13 -23.93 -31.56 17.72
CA PRO Z 13 -23.98 -31.06 19.11
C PRO Z 13 -22.90 -30.04 19.46
N ARG Z 14 -21.66 -30.24 19.00
CA ARG Z 14 -20.57 -29.39 19.48
C ARG Z 14 -20.74 -27.96 18.98
N ARG Z 15 -21.15 -27.79 17.72
CA ARG Z 15 -21.38 -26.46 17.19
C ARG Z 15 -22.46 -25.74 17.96
N VAL Z 16 -23.57 -26.41 18.23
CA VAL Z 16 -24.68 -25.77 18.93
C VAL Z 16 -24.30 -25.48 20.37
N PHE Z 17 -23.46 -26.32 20.97
CA PHE Z 17 -23.03 -26.05 22.34
C PHE Z 17 -22.13 -24.82 22.40
N VAL Z 18 -21.21 -24.70 21.45
CA VAL Z 18 -20.38 -23.50 21.37
C VAL Z 18 -21.25 -22.26 21.18
N ALA Z 19 -22.16 -22.32 20.21
CA ALA Z 19 -23.04 -21.18 19.95
C ALA Z 19 -23.87 -20.84 21.18
N GLN Z 20 -24.31 -21.87 21.90
CA GLN Z 20 -25.16 -21.65 23.06
C GLN Z 20 -24.39 -20.98 24.18
N GLY Z 21 -23.18 -21.46 24.46
CA GLY Z 21 -22.36 -20.78 25.45
C GLY Z 21 -22.12 -19.32 25.09
N VAL Z 22 -21.66 -19.08 23.87
CA VAL Z 22 -21.38 -17.71 23.44
C VAL Z 22 -22.62 -16.84 23.57
N PHE Z 23 -23.76 -17.34 23.09
CA PHE Z 23 -24.99 -16.56 23.07
C PHE Z 23 -25.48 -16.25 24.47
N LEU Z 24 -25.50 -17.27 25.34
CA LEU Z 24 -25.97 -17.07 26.70
C LEU Z 24 -25.06 -16.10 27.45
N PHE Z 25 -23.75 -16.22 27.27
CA PHE Z 25 -22.84 -15.30 27.94
C PHE Z 25 -23.08 -13.87 27.49
N LEU Z 26 -23.11 -13.64 26.18
CA LEU Z 26 -23.27 -12.26 25.70
C LEU Z 26 -24.63 -11.71 26.11
N LEU Z 27 -25.66 -12.54 26.14
CA LEU Z 27 -26.99 -12.08 26.55
C LEU Z 27 -27.02 -11.72 28.03
N ALA Z 28 -26.44 -12.57 28.87
CA ALA Z 28 -26.39 -12.27 30.30
C ALA Z 28 -25.61 -10.99 30.56
N VAL Z 29 -24.50 -10.78 29.86
CA VAL Z 29 -23.76 -9.54 30.01
C VAL Z 29 -24.59 -8.35 29.56
N MET Z 30 -25.30 -8.50 28.44
CA MET Z 30 -26.21 -7.44 28.00
C MET Z 30 -27.17 -7.04 29.11
N ILE Z 31 -27.78 -8.03 29.75
CA ILE Z 31 -28.80 -7.73 30.76
C ILE Z 31 -28.17 -7.11 32.00
N HIS Z 32 -27.05 -7.65 32.46
CA HIS Z 32 -26.36 -7.05 33.60
C HIS Z 32 -25.99 -5.60 33.32
N LEU Z 33 -25.51 -5.32 32.12
CA LEU Z 33 -25.10 -3.96 31.79
C LEU Z 33 -26.31 -3.04 31.65
N ILE Z 34 -27.43 -3.55 31.16
CA ILE Z 34 -28.64 -2.73 31.10
C ILE Z 34 -29.09 -2.37 32.51
N LEU Z 35 -28.98 -3.32 33.44
CA LEU Z 35 -29.34 -3.01 34.82
C LEU Z 35 -28.36 -2.02 35.43
N LEU Z 36 -27.08 -2.12 35.09
CA LEU Z 36 -26.10 -1.19 35.62
C LEU Z 36 -26.29 0.21 35.05
N SER Z 37 -26.74 0.32 33.81
CA SER Z 37 -26.91 1.62 33.17
C SER Z 37 -27.91 2.48 33.92
N LYS Z 38 -28.87 1.86 34.57
CA LYS Z 38 -29.92 2.58 35.28
C LYS Z 38 -29.50 2.80 36.72
N PRO Z 39 -29.48 4.04 37.21
CA PRO Z 39 -29.08 4.26 38.61
C PRO Z 39 -29.83 3.36 39.58
N ASP Z 40 -31.09 3.08 39.29
CA ASP Z 40 -31.83 2.04 39.98
C ASP Z 40 -31.52 0.71 39.33
N TYR Z 41 -31.52 -0.35 40.12
CA TYR Z 41 -31.10 -1.70 39.76
C TYR Z 41 -29.59 -1.83 39.70
N ASN Z 42 -28.84 -0.75 39.86
CA ASN Z 42 -27.39 -0.83 40.02
C ASN Z 42 -27.11 -1.24 41.46
N TRP Z 43 -26.83 -2.52 41.66
CA TRP Z 43 -26.70 -3.07 43.00
C TRP Z 43 -25.49 -2.51 43.73
N LEU Z 44 -24.45 -2.12 43.00
CA LEU Z 44 -23.28 -1.55 43.65
C LEU Z 44 -23.60 -0.22 44.30
N ASP Z 45 -24.16 0.72 43.54
CA ASP Z 45 -24.49 2.02 44.08
C ASP Z 45 -25.64 1.95 45.07
N VAL Z 46 -26.59 1.03 44.84
CA VAL Z 46 -27.69 0.86 45.77
C VAL Z 46 -27.18 0.35 47.12
N GLY Z 47 -26.24 -0.60 47.10
CA GLY Z 47 -25.63 -1.03 48.34
C GLY Z 47 -24.81 0.06 48.99
N THR Z 48 -24.11 0.85 48.18
CA THR Z 48 -23.43 2.02 48.70
C THR Z 48 -24.40 2.91 49.47
N ALA Z 49 -25.59 3.12 48.92
CA ALA Z 49 -26.54 4.02 49.57
C ALA Z 49 -27.14 3.40 50.83
N LYS Z 50 -27.42 2.09 50.80
CA LYS Z 50 -27.99 1.45 51.98
C LYS Z 50 -27.15 1.69 53.22
N TYR Z 51 -25.92 1.21 53.22
CA TYR Z 51 -25.09 1.17 54.41
C TYR Z 51 -24.39 2.48 54.70
N GLY Z 52 -24.66 3.53 53.92
CA GLY Z 52 -24.08 4.83 54.18
C GLY Z 52 -22.59 4.89 53.95
N ARG Z 53 -22.18 4.79 52.69
CA ARG Z 53 -20.76 4.78 52.35
C ARG Z 53 -20.48 5.65 51.13
N LEU AA 7 -31.54 -38.48 5.90
CA LEU AA 7 -32.48 -38.62 7.06
C LEU AA 7 -31.86 -38.02 8.31
N SER AA 8 -30.89 -38.72 8.90
CA SER AA 8 -30.11 -38.19 10.01
C SER AA 8 -28.88 -37.50 9.43
N PHE AA 9 -28.96 -36.18 9.29
CA PHE AA 9 -27.92 -35.44 8.59
C PHE AA 9 -26.57 -35.59 9.29
N THR AA 10 -26.57 -35.86 10.59
CA THR AA 10 -25.35 -36.11 11.33
C THR AA 10 -25.12 -37.59 11.60
N GLY AA 11 -25.87 -38.47 10.95
CA GLY AA 11 -25.68 -39.91 11.13
C GLY AA 11 -25.74 -40.34 12.58
N LEU AA 12 -26.71 -39.85 13.33
CA LEU AA 12 -26.85 -40.15 14.74
C LEU AA 12 -28.16 -40.86 14.98
N SER AA 13 -28.11 -41.94 15.75
CA SER AA 13 -29.28 -42.79 15.93
C SER AA 13 -30.35 -42.10 16.78
N ASP AA 14 -31.45 -42.83 17.01
CA ASP AA 14 -32.50 -42.33 17.88
C ASP AA 14 -32.15 -42.54 19.34
N GLU AA 15 -31.43 -43.63 19.64
CA GLU AA 15 -31.07 -43.91 21.03
C GLU AA 15 -29.99 -42.95 21.50
N GLN AA 16 -28.96 -42.76 20.69
CA GLN AA 16 -27.91 -41.80 21.01
C GLN AA 16 -28.51 -40.40 21.15
N ALA AA 17 -29.32 -39.98 20.18
CA ALA AA 17 -29.93 -38.66 20.24
C ALA AA 17 -30.84 -38.54 21.45
N GLN AA 18 -31.48 -39.62 21.86
CA GLN AA 18 -32.41 -39.57 22.97
C GLN AA 18 -31.68 -39.39 24.29
N GLU AA 19 -30.60 -40.14 24.51
CA GLU AA 19 -29.83 -39.94 25.73
C GLU AA 19 -29.13 -38.58 25.72
N LEU AA 20 -28.67 -38.15 24.54
CA LEU AA 20 -28.12 -36.81 24.39
C LEU AA 20 -29.11 -35.75 24.85
N HIS AA 21 -30.36 -35.86 24.38
CA HIS AA 21 -31.37 -34.90 24.78
C HIS AA 21 -31.70 -35.03 26.26
N SER AA 22 -31.67 -36.25 26.80
CA SER AA 22 -31.91 -36.41 28.23
C SER AA 22 -30.91 -35.60 29.04
N VAL AA 23 -29.62 -35.76 28.75
CA VAL AA 23 -28.60 -35.01 29.48
C VAL AA 23 -28.76 -33.52 29.24
N TYR AA 24 -28.98 -33.14 27.97
CA TYR AA 24 -29.16 -31.74 27.64
C TYR AA 24 -30.29 -31.10 28.43
N MET AA 25 -31.42 -31.80 28.55
CA MET AA 25 -32.56 -31.23 29.24
C MET AA 25 -32.37 -31.22 30.75
N SER AA 26 -31.66 -32.21 31.28
CA SER AA 26 -31.30 -32.16 32.70
C SER AA 26 -30.49 -30.91 33.00
N GLY AA 27 -29.43 -30.68 32.24
CA GLY AA 27 -28.66 -29.45 32.41
C GLY AA 27 -29.50 -28.21 32.22
N LEU AA 28 -30.36 -28.22 31.20
CA LEU AA 28 -31.26 -27.09 30.95
C LEU AA 28 -32.10 -26.76 32.17
N TRP AA 29 -32.72 -27.77 32.77
CA TRP AA 29 -33.59 -27.53 33.91
C TRP AA 29 -32.79 -27.06 35.12
N LEU AA 30 -31.56 -27.55 35.28
CA LEU AA 30 -30.71 -27.03 36.35
C LEU AA 30 -30.44 -25.54 36.17
N PHE AA 31 -29.91 -25.16 35.01
CA PHE AA 31 -29.70 -23.75 34.69
C PHE AA 31 -30.96 -22.94 34.94
N VAL AA 32 -32.10 -23.44 34.46
CA VAL AA 32 -33.34 -22.68 34.54
C VAL AA 32 -33.79 -22.50 35.98
N THR AA 33 -33.65 -23.53 36.81
CA THR AA 33 -34.13 -23.42 38.18
C THR AA 33 -33.22 -22.50 38.99
N ILE AA 34 -31.91 -22.51 38.70
CA ILE AA 34 -31.04 -21.53 39.33
C ILE AA 34 -31.45 -20.12 38.92
N ALA AA 35 -31.70 -19.91 37.63
CA ALA AA 35 -32.15 -18.60 37.16
C ALA AA 35 -33.46 -18.20 37.84
N VAL AA 36 -34.33 -19.16 38.09
CA VAL AA 36 -35.62 -18.86 38.70
C VAL AA 36 -35.44 -18.43 40.15
N ILE AA 37 -34.57 -19.13 40.87
CA ILE AA 37 -34.29 -18.74 42.25
C ILE AA 37 -33.70 -17.33 42.28
N ALA AA 38 -32.75 -17.06 41.40
CA ALA AA 38 -32.18 -15.71 41.32
C ALA AA 38 -33.25 -14.67 41.04
N HIS AA 39 -34.18 -14.97 40.12
CA HIS AA 39 -35.21 -14.00 39.77
C HIS AA 39 -36.17 -13.78 40.94
N ILE AA 40 -36.48 -14.83 41.69
CA ILE AA 40 -37.30 -14.68 42.88
C ILE AA 40 -36.65 -13.72 43.85
N ALA AA 41 -35.39 -13.99 44.19
CA ALA AA 41 -34.67 -13.08 45.08
C ALA AA 41 -34.69 -11.65 44.52
N VAL AA 42 -34.40 -11.49 43.24
CA VAL AA 42 -34.29 -10.14 42.66
C VAL AA 42 -35.62 -9.41 42.76
N TYR AA 43 -36.72 -10.09 42.44
CA TYR AA 43 -38.02 -9.46 42.60
C TYR AA 43 -38.28 -9.12 44.06
N ILE AA 44 -37.69 -9.89 44.97
CA ILE AA 44 -37.98 -9.66 46.39
C ILE AA 44 -37.25 -8.43 46.91
N TRP AA 45 -35.99 -8.21 46.50
CA TRP AA 45 -35.27 -7.05 47.05
C TRP AA 45 -35.52 -5.81 46.22
N ARG AA 46 -35.82 -5.95 44.92
CA ARG AA 46 -36.19 -4.82 44.09
C ARG AA 46 -37.07 -5.26 42.93
N PRO AA 47 -38.39 -5.27 43.12
CA PRO AA 47 -39.29 -5.63 42.02
C PRO AA 47 -39.09 -4.75 40.79
N TRP AA 48 -39.67 -5.18 39.66
CA TRP AA 48 -39.65 -4.41 38.43
C TRP AA 48 -40.98 -4.37 37.69
N LEU AA 49 -42.02 -5.01 38.20
CA LEU AA 49 -43.32 -4.98 37.54
C LEU AA 49 -44.45 -4.76 38.54
N SER BA 2 -52.43 -28.44 4.76
CA SER BA 2 -52.58 -29.93 4.72
C SER BA 2 -51.42 -30.57 3.97
N LYS BA 3 -50.75 -29.77 3.13
CA LYS BA 3 -49.64 -30.22 2.31
C LYS BA 3 -48.34 -29.50 2.63
N PHE BA 4 -48.32 -28.69 3.69
CA PHE BA 4 -47.12 -27.91 4.00
C PHE BA 4 -45.97 -28.80 4.45
N TYR BA 5 -46.24 -30.02 4.91
CA TYR BA 5 -45.16 -30.94 5.24
C TYR BA 5 -44.18 -31.10 4.09
N LYS BA 6 -44.65 -30.88 2.86
CA LYS BA 6 -43.82 -31.08 1.68
C LYS BA 6 -42.68 -30.08 1.56
N ILE BA 7 -42.77 -28.93 2.23
CA ILE BA 7 -41.73 -27.91 2.07
C ILE BA 7 -40.38 -28.44 2.50
N TRP BA 8 -40.36 -29.37 3.46
CA TRP BA 8 -39.11 -29.92 3.94
C TRP BA 8 -38.39 -30.72 2.87
N GLN BA 9 -39.06 -30.96 1.74
CA GLN BA 9 -38.38 -31.55 0.59
C GLN BA 9 -37.72 -30.47 -0.26
N VAL BA 10 -38.10 -29.20 -0.05
CA VAL BA 10 -37.56 -28.12 -0.86
C VAL BA 10 -36.41 -27.43 -0.14
N PHE BA 11 -36.44 -27.40 1.18
CA PHE BA 11 -35.48 -26.65 1.98
C PHE BA 11 -34.75 -27.57 2.95
N ASP BA 12 -33.48 -27.27 3.19
CA ASP BA 12 -32.68 -28.05 4.11
C ASP BA 12 -33.04 -27.67 5.55
N PRO BA 13 -33.37 -28.62 6.41
CA PRO BA 13 -33.79 -28.24 7.78
C PRO BA 13 -32.74 -27.46 8.56
N ARG BA 14 -31.45 -27.74 8.35
CA ARG BA 14 -30.43 -27.09 9.15
C ARG BA 14 -30.34 -25.61 8.84
N ARG BA 15 -30.22 -25.27 7.55
CA ARG BA 15 -30.17 -23.86 7.15
C ARG BA 15 -31.42 -23.13 7.63
N VAL BA 16 -32.59 -23.75 7.45
CA VAL BA 16 -33.84 -23.14 7.86
C VAL BA 16 -33.84 -22.88 9.36
N PHE BA 17 -33.36 -23.84 10.14
CA PHE BA 17 -33.41 -23.71 11.60
C PHE BA 17 -32.45 -22.63 12.08
N VAL BA 18 -31.23 -22.60 11.52
CA VAL BA 18 -30.28 -21.55 11.91
C VAL BA 18 -30.84 -20.17 11.56
N ALA BA 19 -31.36 -20.03 10.35
CA ALA BA 19 -31.92 -18.74 9.95
C ALA BA 19 -33.08 -18.34 10.84
N GLN BA 20 -33.97 -19.29 11.14
CA GLN BA 20 -35.10 -19.02 12.02
C GLN BA 20 -34.64 -18.55 13.38
N GLY BA 21 -33.67 -19.26 13.97
CA GLY BA 21 -33.17 -18.85 15.26
C GLY BA 21 -32.62 -17.44 15.26
N VAL BA 22 -31.73 -17.15 14.32
CA VAL BA 22 -31.15 -15.81 14.24
C VAL BA 22 -32.25 -14.76 14.07
N PHE BA 23 -33.18 -15.02 13.14
CA PHE BA 23 -34.25 -14.07 12.87
C PHE BA 23 -35.08 -13.79 14.11
N LEU BA 24 -35.47 -14.84 14.83
CA LEU BA 24 -36.33 -14.66 15.98
C LEU BA 24 -35.61 -13.92 17.10
N PHE BA 25 -34.36 -14.31 17.39
CA PHE BA 25 -33.63 -13.62 18.43
C PHE BA 25 -33.50 -12.14 18.13
N LEU BA 26 -33.10 -11.80 16.90
CA LEU BA 26 -32.85 -10.39 16.61
C LEU BA 26 -34.15 -9.61 16.53
N LEU BA 27 -35.23 -10.23 16.06
CA LEU BA 27 -36.53 -9.58 16.08
C LEU BA 27 -36.95 -9.25 17.51
N ALA BA 28 -36.89 -10.24 18.40
CA ALA BA 28 -37.24 -10.01 19.80
C ALA BA 28 -36.39 -8.92 20.41
N VAL BA 29 -35.08 -8.94 20.12
CA VAL BA 29 -34.19 -7.92 20.66
C VAL BA 29 -34.60 -6.54 20.17
N MET BA 30 -34.88 -6.40 18.87
CA MET BA 30 -35.23 -5.09 18.35
C MET BA 30 -36.53 -4.58 18.97
N ILE BA 31 -37.50 -5.47 19.19
CA ILE BA 31 -38.76 -5.03 19.79
C ILE BA 31 -38.55 -4.62 21.24
N HIS BA 32 -37.79 -5.43 21.99
CA HIS BA 32 -37.48 -5.07 23.37
C HIS BA 32 -36.76 -3.74 23.45
N LEU BA 33 -35.86 -3.46 22.49
CA LEU BA 33 -35.14 -2.20 22.52
C LEU BA 33 -36.04 -1.03 22.15
N ILE BA 34 -36.95 -1.23 21.20
CA ILE BA 34 -37.96 -0.22 20.93
C ILE BA 34 -38.69 0.13 22.22
N LEU BA 35 -39.18 -0.88 22.93
CA LEU BA 35 -39.91 -0.63 24.17
C LEU BA 35 -39.03 0.07 25.21
N LEU BA 36 -37.79 -0.38 25.36
CA LEU BA 36 -36.92 0.16 26.39
C LEU BA 36 -36.49 1.58 26.06
N SER BA 37 -36.60 1.97 24.79
CA SER BA 37 -36.14 3.29 24.38
C SER BA 37 -37.21 4.35 24.65
N LYS BA 38 -38.44 3.93 24.88
CA LYS BA 38 -39.51 4.87 25.14
C LYS BA 38 -39.70 5.02 26.65
N PRO BA 39 -39.86 6.24 27.16
CA PRO BA 39 -40.06 6.39 28.62
C PRO BA 39 -41.24 5.57 29.12
N ASP BA 40 -42.37 5.64 28.43
CA ASP BA 40 -43.42 4.67 28.63
C ASP BA 40 -43.06 3.38 27.90
N TYR BA 41 -43.59 2.26 28.39
CA TYR BA 41 -43.29 0.92 27.95
C TYR BA 41 -41.92 0.45 28.41
N ASN BA 42 -41.12 1.30 29.05
CA ASN BA 42 -39.86 0.89 29.66
C ASN BA 42 -40.20 0.33 31.03
N TRP BA 43 -40.22 -0.99 31.14
CA TRP BA 43 -40.71 -1.64 32.35
C TRP BA 43 -39.85 -1.31 33.56
N LEU BA 44 -38.57 -0.99 33.34
CA LEU BA 44 -37.67 -0.73 34.46
C LEU BA 44 -37.98 0.62 35.11
N ASP BA 45 -38.15 1.66 34.29
CA ASP BA 45 -38.52 2.96 34.83
C ASP BA 45 -39.94 2.93 35.40
N VAL BA 46 -40.85 2.23 34.74
CA VAL BA 46 -42.22 2.11 35.25
C VAL BA 46 -42.20 1.46 36.62
N GLY BA 47 -41.35 0.44 36.80
CA GLY BA 47 -41.27 -0.21 38.10
C GLY BA 47 -40.60 0.67 39.15
N THR BA 48 -39.54 1.37 38.76
CA THR BA 48 -38.91 2.33 39.65
C THR BA 48 -39.92 3.36 40.14
N ALA BA 49 -40.84 3.76 39.28
CA ALA BA 49 -41.85 4.75 39.66
C ALA BA 49 -42.91 4.12 40.57
N LYS BA 50 -43.47 2.98 40.15
CA LYS BA 50 -44.57 2.39 40.89
C LYS BA 50 -44.25 2.24 42.37
N TYR BA 51 -43.08 1.69 42.69
CA TYR BA 51 -42.67 1.51 44.08
C TYR BA 51 -42.00 2.73 44.67
N GLY BA 52 -41.98 3.84 43.94
CA GLY BA 52 -41.43 5.09 44.48
C GLY BA 52 -40.02 4.97 45.00
N ARG BA 53 -39.11 4.45 44.19
CA ARG BA 53 -37.72 4.32 44.59
C ARG BA 53 -36.81 5.05 43.61
N LEU CA 7 -40.35 -33.24 -7.29
CA LEU CA 7 -40.39 -34.29 -6.23
C LEU CA 7 -39.76 -33.78 -4.94
N SER CA 8 -38.46 -34.01 -4.76
CA SER CA 8 -37.72 -33.55 -3.59
C SER CA 8 -36.32 -33.11 -4.03
N PHE CA 9 -36.09 -31.81 -4.06
CA PHE CA 9 -34.74 -31.31 -4.32
C PHE CA 9 -33.81 -31.68 -3.17
N THR CA 10 -34.33 -31.73 -1.95
CA THR CA 10 -33.50 -32.08 -0.80
C THR CA 10 -33.22 -33.58 -0.75
N GLY CA 11 -34.22 -34.41 -1.04
CA GLY CA 11 -34.08 -35.85 -1.01
C GLY CA 11 -34.91 -36.55 0.05
N LEU CA 12 -35.47 -35.82 0.99
CA LEU CA 12 -36.22 -36.45 2.06
C LEU CA 12 -37.45 -37.16 1.51
N SER CA 13 -37.95 -38.10 2.30
CA SER CA 13 -39.16 -38.82 1.95
C SER CA 13 -40.40 -38.02 2.36
N ASP CA 14 -41.56 -38.47 1.90
CA ASP CA 14 -42.81 -37.86 2.33
C ASP CA 14 -43.09 -38.15 3.79
N GLU CA 15 -42.79 -39.36 4.25
CA GLU CA 15 -43.02 -39.71 5.65
C GLU CA 15 -42.07 -38.98 6.57
N GLN CA 16 -40.78 -38.91 6.20
CA GLN CA 16 -39.83 -38.16 7.00
C GLN CA 16 -40.22 -36.69 7.06
N ALA CA 17 -40.69 -36.15 5.94
CA ALA CA 17 -41.13 -34.76 5.92
C ALA CA 17 -42.35 -34.55 6.81
N GLN CA 18 -43.28 -35.51 6.79
CA GLN CA 18 -44.46 -35.40 7.65
C GLN CA 18 -44.08 -35.42 9.11
N GLU CA 19 -43.14 -36.29 9.49
CA GLU CA 19 -42.69 -36.32 10.88
C GLU CA 19 -41.99 -35.02 11.26
N LEU CA 20 -41.07 -34.57 10.42
CA LEU CA 20 -40.39 -33.30 10.64
C LEU CA 20 -41.40 -32.19 10.86
N HIS CA 21 -42.42 -32.10 10.00
CA HIS CA 21 -43.38 -31.01 10.10
C HIS CA 21 -44.27 -31.16 11.33
N SER CA 22 -44.60 -32.41 11.70
CA SER CA 22 -45.37 -32.62 12.92
C SER CA 22 -44.65 -32.02 14.12
N VAL CA 23 -43.38 -32.37 14.29
CA VAL CA 23 -42.67 -31.89 15.46
C VAL CA 23 -42.36 -30.40 15.33
N TYR CA 24 -42.13 -29.92 14.10
CA TYR CA 24 -41.97 -28.49 13.86
C TYR CA 24 -43.20 -27.72 14.32
N MET CA 25 -44.39 -28.22 13.99
CA MET CA 25 -45.62 -27.57 14.42
C MET CA 25 -45.77 -27.65 15.93
N SER CA 26 -45.39 -28.78 16.53
CA SER CA 26 -45.42 -28.86 17.98
C SER CA 26 -44.61 -27.72 18.60
N GLY CA 27 -43.38 -27.55 18.14
CA GLY CA 27 -42.55 -26.47 18.66
C GLY CA 27 -43.11 -25.10 18.38
N LEU CA 28 -43.60 -24.88 17.16
CA LEU CA 28 -44.14 -23.58 16.79
C LEU CA 28 -45.35 -23.23 17.65
N TRP CA 29 -46.19 -24.20 17.95
CA TRP CA 29 -47.39 -23.92 18.73
C TRP CA 29 -47.06 -23.72 20.20
N LEU CA 30 -46.06 -24.44 20.71
CA LEU CA 30 -45.60 -24.14 22.07
C LEU CA 30 -45.06 -22.72 22.16
N PHE CA 31 -44.24 -22.33 21.17
CA PHE CA 31 -43.69 -20.99 21.14
C PHE CA 31 -44.79 -19.93 21.08
N VAL CA 32 -45.75 -20.11 20.18
CA VAL CA 32 -46.82 -19.14 20.02
C VAL CA 32 -47.71 -19.13 21.25
N THR CA 33 -47.83 -20.26 21.94
CA THR CA 33 -48.58 -20.29 23.20
C THR CA 33 -47.92 -19.41 24.25
N ILE CA 34 -46.61 -19.60 24.45
CA ILE CA 34 -45.90 -18.77 25.42
C ILE CA 34 -46.01 -17.30 25.02
N ALA CA 35 -45.88 -17.01 23.73
CA ALA CA 35 -45.94 -15.62 23.28
C ALA CA 35 -47.32 -15.02 23.50
N VAL CA 36 -48.37 -15.81 23.28
CA VAL CA 36 -49.73 -15.31 23.48
C VAL CA 36 -49.98 -15.03 24.96
N ILE CA 37 -49.50 -15.91 25.83
CA ILE CA 37 -49.66 -15.68 27.26
C ILE CA 37 -48.92 -14.42 27.68
N ALA CA 38 -47.70 -14.24 27.15
CA ALA CA 38 -46.94 -13.05 27.47
C ALA CA 38 -47.63 -11.78 26.98
N HIS CA 39 -48.21 -11.84 25.79
CA HIS CA 39 -48.89 -10.66 25.24
C HIS CA 39 -50.14 -10.33 26.04
N ILE CA 40 -50.89 -11.35 26.47
CA ILE CA 40 -52.04 -11.10 27.32
C ILE CA 40 -51.60 -10.46 28.63
N ALA CA 41 -50.57 -11.02 29.26
CA ALA CA 41 -50.03 -10.45 30.49
C ALA CA 41 -49.67 -8.98 30.30
N VAL CA 42 -48.90 -8.67 29.26
CA VAL CA 42 -48.51 -7.28 29.03
C VAL CA 42 -49.74 -6.40 28.82
N TYR CA 43 -50.64 -6.81 27.91
CA TYR CA 43 -51.81 -5.98 27.62
C TYR CA 43 -52.59 -5.68 28.88
N ILE CA 44 -52.65 -6.62 29.82
CA ILE CA 44 -53.26 -6.33 31.11
C ILE CA 44 -52.40 -5.34 31.88
N TRP CA 45 -51.08 -5.51 31.81
CA TRP CA 45 -50.17 -4.68 32.61
C TRP CA 45 -50.02 -3.28 32.02
N ARG CA 46 -49.90 -3.18 30.69
CA ARG CA 46 -49.70 -1.90 30.02
C ARG CA 46 -50.23 -2.01 28.60
N PRO CA 47 -51.51 -1.68 28.39
CA PRO CA 47 -52.10 -1.83 27.05
C PRO CA 47 -51.46 -0.88 26.04
N TRP CA 48 -51.49 -1.30 24.78
CA TRP CA 48 -50.95 -0.50 23.69
C TRP CA 48 -51.98 -0.15 22.63
N LEU CA 49 -53.08 -0.89 22.56
CA LEU CA 49 -54.15 -0.57 21.61
C LEU CA 49 -55.52 -0.71 22.26
N SER DA 2 -55.40 -21.06 -13.78
CA SER DA 2 -54.98 -20.83 -15.19
C SER DA 2 -53.89 -21.83 -15.57
N LYS DA 3 -52.89 -21.37 -16.32
CA LYS DA 3 -51.73 -22.16 -16.69
C LYS DA 3 -50.49 -21.72 -15.91
N PHE DA 4 -50.68 -21.04 -14.79
CA PHE DA 4 -49.57 -20.38 -14.11
C PHE DA 4 -48.61 -21.36 -13.45
N TYR DA 5 -48.98 -22.63 -13.32
CA TYR DA 5 -48.18 -23.54 -12.52
C TYR DA 5 -46.79 -23.78 -13.10
N LYS DA 6 -46.58 -23.45 -14.37
CA LYS DA 6 -45.29 -23.70 -15.01
C LYS DA 6 -44.21 -22.73 -14.54
N ILE DA 7 -44.59 -21.64 -13.87
CA ILE DA 7 -43.58 -20.76 -13.28
C ILE DA 7 -42.62 -21.54 -12.40
N TRP DA 8 -43.06 -22.70 -11.90
CA TRP DA 8 -42.15 -23.57 -11.18
C TRP DA 8 -41.34 -24.42 -12.14
N GLN DA 9 -41.86 -24.67 -13.34
CA GLN DA 9 -41.06 -25.32 -14.37
C GLN DA 9 -39.96 -24.40 -14.88
N VAL DA 10 -40.03 -23.11 -14.54
CA VAL DA 10 -38.95 -22.19 -14.88
C VAL DA 10 -38.13 -21.75 -13.67
N PHE DA 11 -38.77 -21.43 -12.55
CA PHE DA 11 -38.08 -20.92 -11.37
C PHE DA 11 -37.71 -22.03 -10.41
N ASP DA 12 -36.60 -21.85 -9.72
CA ASP DA 12 -36.20 -22.76 -8.65
C ASP DA 12 -36.98 -22.41 -7.38
N PRO DA 13 -37.81 -23.32 -6.86
CA PRO DA 13 -38.55 -22.99 -5.62
C PRO DA 13 -37.67 -22.48 -4.51
N ARG DA 14 -36.46 -23.01 -4.37
CA ARG DA 14 -35.57 -22.56 -3.29
C ARG DA 14 -35.34 -21.06 -3.37
N ARG DA 15 -34.70 -20.60 -4.45
CA ARG DA 15 -34.34 -19.19 -4.58
C ARG DA 15 -35.56 -18.29 -4.52
N VAL DA 16 -36.64 -18.67 -5.20
CA VAL DA 16 -37.80 -17.80 -5.27
C VAL DA 16 -38.48 -17.70 -3.90
N PHE DA 17 -38.56 -18.81 -3.17
CA PHE DA 17 -39.12 -18.77 -1.82
C PHE DA 17 -38.26 -17.90 -0.91
N VAL DA 18 -36.93 -18.05 -1.00
CA VAL DA 18 -36.05 -17.24 -0.16
C VAL DA 18 -36.26 -15.76 -0.44
N ALA DA 19 -36.24 -15.39 -1.72
CA ALA DA 19 -36.38 -13.98 -2.08
C ALA DA 19 -37.75 -13.45 -1.69
N GLN DA 20 -38.79 -14.27 -1.87
CA GLN DA 20 -40.13 -13.85 -1.50
C GLN DA 20 -40.23 -13.61 0.01
N GLY DA 21 -39.65 -14.49 0.81
CA GLY DA 21 -39.67 -14.28 2.24
C GLY DA 21 -38.95 -13.02 2.65
N VAL DA 22 -37.72 -12.84 2.14
CA VAL DA 22 -36.97 -11.63 2.46
C VAL DA 22 -37.74 -10.39 2.05
N PHE DA 23 -38.37 -10.43 0.87
CA PHE DA 23 -39.08 -9.28 0.35
C PHE DA 23 -40.29 -8.96 1.22
N LEU DA 24 -41.10 -9.97 1.53
CA LEU DA 24 -42.24 -9.76 2.40
C LEU DA 24 -41.81 -9.18 3.74
N PHE DA 25 -40.75 -9.71 4.34
CA PHE DA 25 -40.33 -9.22 5.64
C PHE DA 25 -39.89 -7.77 5.58
N LEU DA 26 -39.07 -7.43 4.58
CA LEU DA 26 -38.59 -6.06 4.48
C LEU DA 26 -39.71 -5.10 4.14
N LEU DA 27 -40.69 -5.56 3.36
CA LEU DA 27 -41.83 -4.72 3.03
C LEU DA 27 -42.66 -4.43 4.28
N ALA DA 28 -42.92 -5.46 5.08
CA ALA DA 28 -43.67 -5.26 6.31
C ALA DA 28 -42.93 -4.35 7.27
N VAL DA 29 -41.61 -4.53 7.40
CA VAL DA 29 -40.81 -3.64 8.22
C VAL DA 29 -40.96 -2.20 7.73
N MET DA 30 -40.84 -1.99 6.42
CA MET DA 30 -40.94 -0.64 5.87
C MET DA 30 -42.30 -0.03 6.19
N ILE DA 31 -43.37 -0.80 6.06
CA ILE DA 31 -44.70 -0.27 6.30
C ILE DA 31 -44.89 0.07 7.78
N HIS DA 32 -44.53 -0.85 8.66
CA HIS DA 32 -44.61 -0.58 10.10
C HIS DA 32 -43.81 0.66 10.46
N LEU DA 33 -42.62 0.80 9.90
CA LEU DA 33 -41.78 1.96 10.21
C LEU DA 33 -42.37 3.24 9.66
N ILE DA 34 -43.01 3.16 8.50
CA ILE DA 34 -43.74 4.32 7.99
C ILE DA 34 -44.81 4.74 8.99
N LEU DA 35 -45.65 3.79 9.41
CA LEU DA 35 -46.70 4.11 10.36
C LEU DA 35 -46.14 4.72 11.64
N LEU DA 36 -45.01 4.20 12.11
CA LEU DA 36 -44.40 4.74 13.31
C LEU DA 36 -43.83 6.13 13.07
N SER DA 37 -43.41 6.41 11.84
CA SER DA 37 -42.81 7.71 11.54
C SER DA 37 -43.80 8.84 11.79
N LYS DA 38 -45.10 8.56 11.65
CA LYS DA 38 -46.11 9.58 11.78
C LYS DA 38 -46.58 9.65 13.23
N PRO DA 39 -46.68 10.85 13.82
CA PRO DA 39 -47.22 10.94 15.18
C PRO DA 39 -48.55 10.22 15.33
N ASP DA 40 -49.39 10.26 14.30
CA ASP DA 40 -50.58 9.43 14.24
C ASP DA 40 -50.24 8.11 13.55
N TYR DA 41 -51.09 7.12 13.76
CA TYR DA 41 -50.91 5.74 13.33
C TYR DA 41 -49.80 5.06 14.14
N ASN DA 42 -49.10 5.75 15.01
CA ASN DA 42 -48.17 5.14 15.95
C ASN DA 42 -48.98 4.58 17.12
N TRP DA 43 -48.99 3.26 17.25
CA TRP DA 43 -49.89 2.63 18.21
C TRP DA 43 -49.38 2.80 19.63
N LEU DA 44 -48.08 2.99 19.79
CA LEU DA 44 -47.52 3.14 21.14
C LEU DA 44 -47.87 4.49 21.74
N ASP DA 45 -47.53 5.58 21.05
CA ASP DA 45 -47.91 6.89 21.53
C ASP DA 45 -49.42 7.07 21.56
N VAL DA 46 -50.12 6.46 20.60
CA VAL DA 46 -51.58 6.51 20.60
C VAL DA 46 -52.13 5.87 21.87
N GLY DA 47 -51.60 4.71 22.26
CA GLY DA 47 -52.05 4.09 23.50
C GLY DA 47 -51.69 4.92 24.72
N THR DA 48 -50.47 5.48 24.72
CA THR DA 48 -50.08 6.39 25.79
C THR DA 48 -51.09 7.51 25.97
N ALA DA 49 -51.59 8.05 24.85
CA ALA DA 49 -52.59 9.12 24.94
C ALA DA 49 -53.95 8.58 25.37
N LYS DA 50 -54.34 7.43 24.85
CA LYS DA 50 -55.69 6.94 25.10
C LYS DA 50 -55.88 6.51 26.54
N TYR DA 51 -54.90 5.81 27.11
CA TYR DA 51 -55.01 5.32 28.48
C TYR DA 51 -54.52 6.32 29.51
N GLY DA 52 -53.96 7.45 29.08
CA GLY DA 52 -53.52 8.47 30.01
C GLY DA 52 -52.18 8.21 30.65
N ARG DA 53 -51.43 7.23 30.17
CA ARG DA 53 -50.14 6.89 30.76
C ARG DA 53 -49.04 7.79 30.22
N ILE EA 14 12.73 16.45 -58.46
CA ILE EA 14 11.64 15.60 -59.01
C ILE EA 14 11.15 14.61 -57.95
N ASN EA 15 11.56 13.35 -58.08
CA ASN EA 15 11.02 12.31 -57.19
C ASN EA 15 11.57 12.45 -55.79
N LEU EA 16 12.86 12.73 -55.68
CA LEU EA 16 13.50 12.81 -54.36
C LEU EA 16 13.04 14.06 -53.61
N ARG EA 17 12.84 15.17 -54.34
CA ARG EA 17 12.34 16.38 -53.71
C ARG EA 17 10.97 16.14 -53.09
N VAL EA 18 10.04 15.58 -53.86
CA VAL EA 18 8.70 15.34 -53.34
C VAL EA 18 8.73 14.29 -52.23
N TRP EA 19 9.62 13.31 -52.34
CA TRP EA 19 9.73 12.31 -51.27
C TRP EA 19 10.13 12.96 -49.95
N ALA EA 20 11.19 13.75 -49.95
CA ALA EA 20 11.65 14.37 -48.71
C ALA EA 20 10.64 15.39 -48.20
N LEU EA 21 9.99 16.12 -49.10
CA LEU EA 21 8.98 17.08 -48.67
C LEU EA 21 7.80 16.36 -48.04
N GLY EA 22 7.41 15.22 -48.60
CA GLY EA 22 6.36 14.43 -47.99
C GLY EA 22 6.74 13.96 -46.60
N GLN EA 23 8.00 13.54 -46.43
CA GLN EA 23 8.49 13.08 -45.12
C GLN EA 23 8.41 14.21 -44.11
N MET EA 24 8.87 15.40 -44.47
CA MET EA 24 8.84 16.56 -43.57
C MET EA 24 7.42 16.99 -43.27
N VAL EA 25 6.53 16.96 -44.27
CA VAL EA 25 5.15 17.37 -44.06
C VAL EA 25 4.39 16.35 -43.23
N TRP EA 26 4.74 15.07 -43.33
CA TRP EA 26 4.14 14.06 -42.48
C TRP EA 26 4.54 14.27 -41.02
N GLY EA 27 5.81 14.61 -40.80
CA GLY EA 27 6.23 14.97 -39.46
C GLY EA 27 5.47 16.18 -38.92
N ALA EA 28 5.33 17.21 -39.76
CA ALA EA 28 4.57 18.39 -39.35
C ALA EA 28 3.12 18.06 -39.06
N PHE EA 29 2.53 17.15 -39.83
CA PHE EA 29 1.14 16.77 -39.61
C PHE EA 29 0.98 16.03 -38.29
N LEU EA 30 1.93 15.14 -37.97
CA LEU EA 30 1.89 14.50 -36.66
C LEU EA 30 1.98 15.52 -35.54
N ALA EA 31 2.92 16.45 -35.65
CA ALA EA 31 3.02 17.51 -34.65
C ALA EA 31 1.72 18.28 -34.51
N ALA EA 32 1.10 18.62 -35.65
CA ALA EA 32 -0.12 19.41 -35.62
C ALA EA 32 -1.26 18.62 -34.97
N VAL EA 33 -1.31 17.31 -35.23
CA VAL EA 33 -2.33 16.48 -34.59
C VAL EA 33 -2.13 16.48 -33.08
N GLY EA 34 -0.88 16.34 -32.63
CA GLY EA 34 -0.63 16.38 -31.20
C GLY EA 34 -1.03 17.70 -30.57
N VAL EA 35 -0.71 18.80 -31.25
CA VAL EA 35 -1.08 20.12 -30.75
C VAL EA 35 -2.59 20.27 -30.69
N VAL EA 36 -3.28 19.88 -31.76
CA VAL EA 36 -4.73 19.92 -31.78
C VAL EA 36 -5.31 19.13 -30.61
N VAL EA 37 -4.74 17.96 -30.34
CA VAL EA 37 -5.26 17.13 -29.25
C VAL EA 37 -5.08 17.82 -27.91
N VAL EA 38 -3.87 18.32 -27.64
CA VAL EA 38 -3.62 18.99 -26.37
C VAL EA 38 -4.55 20.19 -26.20
N ILE EA 39 -4.72 20.97 -27.27
CA ILE EA 39 -5.54 22.17 -27.18
C ILE EA 39 -7.00 21.79 -26.98
N CYS EA 40 -7.48 20.78 -27.69
CA CYS EA 40 -8.85 20.32 -27.49
C CYS EA 40 -9.07 19.90 -26.05
N LEU EA 41 -8.15 19.12 -25.49
CA LEU EA 41 -8.26 18.70 -24.10
C LEU EA 41 -8.37 19.90 -23.16
N LEU EA 42 -7.38 20.80 -23.21
CA LEU EA 42 -7.38 21.96 -22.32
C LEU EA 42 -8.63 22.82 -22.51
N VAL EA 43 -8.95 23.18 -23.75
CA VAL EA 43 -10.06 24.07 -24.02
C VAL EA 43 -11.38 23.44 -23.60
N GLY EA 44 -11.57 22.16 -23.88
CA GLY EA 44 -12.79 21.49 -23.45
C GLY EA 44 -12.91 21.43 -21.94
N THR EA 45 -11.79 21.23 -21.26
CA THR EA 45 -11.82 21.29 -19.80
C THR EA 45 -12.25 22.67 -19.32
N TYR EA 46 -11.70 23.72 -19.92
CA TYR EA 46 -12.11 25.07 -19.55
C TYR EA 46 -13.60 25.29 -19.78
N LEU EA 47 -14.10 24.85 -20.94
CA LEU EA 47 -15.53 24.99 -21.23
C LEU EA 47 -16.37 24.25 -20.20
N ALA EA 48 -16.09 22.97 -19.96
CA ALA EA 48 -16.79 22.24 -18.92
C ALA EA 48 -16.73 22.96 -17.59
N GLY EA 49 -15.61 23.65 -17.32
CA GLY EA 49 -15.53 24.48 -16.13
C GLY EA 49 -16.48 25.65 -16.18
N LEU EA 50 -16.80 26.14 -17.38
CA LEU EA 50 -17.75 27.24 -17.50
C LEU EA 50 -19.16 26.80 -17.13
N LEU EA 51 -19.43 25.49 -17.18
CA LEU EA 51 -20.74 24.96 -16.81
C LEU EA 51 -20.91 24.83 -15.30
N LEU EA 52 -19.84 24.94 -14.53
CA LEU EA 52 -19.89 24.69 -13.10
C LEU EA 52 -20.43 25.90 -12.37
N PRO EA 53 -20.86 25.72 -11.12
CA PRO EA 53 -21.33 26.86 -10.32
C PRO EA 53 -20.26 27.93 -10.18
N GLU EA 54 -20.72 29.15 -9.85
CA GLU EA 54 -19.82 30.28 -9.76
C GLU EA 54 -18.88 30.19 -8.57
N GLN EA 55 -19.25 29.44 -7.53
CA GLN EA 55 -18.33 29.24 -6.42
C GLN EA 55 -17.11 28.43 -6.83
N SER EA 56 -17.15 27.79 -8.00
CA SER EA 56 -15.97 27.12 -8.53
C SER EA 56 -14.89 28.11 -8.90
N LYS EA 57 -15.26 29.39 -9.06
CA LYS EA 57 -14.32 30.45 -9.40
C LYS EA 57 -14.07 31.40 -8.24
N GLN EA 58 -14.70 31.16 -7.08
CA GLN EA 58 -14.61 32.06 -5.94
C GLN EA 58 -13.85 31.44 -4.78
N ALA EA 59 -13.10 30.36 -5.03
CA ALA EA 59 -12.41 29.67 -3.96
C ALA EA 59 -11.27 30.54 -3.43
N PRO EA 60 -10.98 30.45 -2.13
CA PRO EA 60 -9.85 31.20 -1.58
C PRO EA 60 -8.53 30.57 -1.99
N SER EA 61 -7.52 31.41 -2.10
CA SER EA 61 -6.22 30.96 -2.53
C SER EA 61 -5.53 30.19 -1.40
N PRO EA 62 -4.77 29.14 -1.71
CA PRO EA 62 -3.89 28.54 -0.70
C PRO EA 62 -2.54 29.21 -0.57
N TYR EA 63 -2.31 30.33 -1.25
CA TYR EA 63 -1.03 31.01 -1.27
C TYR EA 63 0.11 30.04 -1.60
N GLY EA 64 0.03 29.42 -2.76
CA GLY EA 64 1.03 28.46 -3.20
C GLY EA 64 0.44 27.31 -3.97
N SER FA 8 -34.25 -19.18 -30.96
CA SER FA 8 -32.84 -19.35 -31.39
C SER FA 8 -31.88 -19.44 -30.19
N PHE FA 9 -31.66 -18.33 -29.48
CA PHE FA 9 -30.67 -18.33 -28.40
C PHE FA 9 -31.02 -19.34 -27.33
N THR FA 10 -32.31 -19.58 -27.09
CA THR FA 10 -32.70 -20.60 -26.12
C THR FA 10 -32.57 -21.99 -26.71
N GLY FA 11 -32.96 -22.16 -27.97
CA GLY FA 11 -32.81 -23.42 -28.66
C GLY FA 11 -33.99 -24.35 -28.55
N LEU FA 12 -34.96 -24.05 -27.68
CA LEU FA 12 -36.12 -24.91 -27.46
C LEU FA 12 -37.40 -24.12 -27.32
N SER FA 13 -37.37 -22.82 -27.60
CA SER FA 13 -38.52 -21.95 -27.46
C SER FA 13 -39.33 -21.80 -28.73
N ASP FA 14 -38.92 -22.45 -29.82
CA ASP FA 14 -39.56 -22.22 -31.12
C ASP FA 14 -41.08 -22.28 -31.03
N GLU FA 15 -41.60 -23.22 -30.24
CA GLU FA 15 -43.04 -23.34 -30.02
C GLU FA 15 -43.46 -23.12 -28.58
N GLN FA 16 -42.64 -23.51 -27.60
CA GLN FA 16 -42.95 -23.22 -26.20
C GLN FA 16 -43.13 -21.72 -25.97
N ALA FA 17 -42.56 -20.89 -26.85
CA ALA FA 17 -42.72 -19.45 -26.73
C ALA FA 17 -44.18 -19.05 -26.84
N GLN FA 18 -44.98 -19.80 -27.60
CA GLN FA 18 -46.41 -19.50 -27.68
C GLN FA 18 -47.08 -19.69 -26.32
N GLU FA 19 -46.89 -20.86 -25.71
CA GLU FA 19 -47.40 -21.08 -24.35
C GLU FA 19 -46.95 -19.98 -23.40
N LEU FA 20 -45.66 -19.65 -23.44
CA LEU FA 20 -45.11 -18.73 -22.46
C LEU FA 20 -45.67 -17.33 -22.65
N HIS FA 21 -45.79 -16.88 -23.90
CA HIS FA 21 -46.36 -15.57 -24.16
C HIS FA 21 -47.84 -15.54 -23.80
N SER FA 22 -48.53 -16.66 -23.98
CA SER FA 22 -49.95 -16.72 -23.60
C SER FA 22 -50.11 -16.51 -22.10
N VAL FA 23 -49.37 -17.28 -21.30
CA VAL FA 23 -49.48 -17.14 -19.85
C VAL FA 23 -49.02 -15.75 -19.41
N TYR FA 24 -47.95 -15.26 -20.03
CA TYR FA 24 -47.48 -13.90 -19.77
C TYR FA 24 -48.58 -12.87 -20.00
N MET FA 25 -49.28 -13.00 -21.13
CA MET FA 25 -50.36 -12.07 -21.44
C MET FA 25 -51.46 -12.14 -20.40
N SER FA 26 -51.86 -13.35 -20.01
CA SER FA 26 -52.91 -13.48 -19.00
C SER FA 26 -52.51 -12.78 -17.70
N GLY FA 27 -51.30 -13.06 -17.21
CA GLY FA 27 -50.85 -12.43 -15.99
C GLY FA 27 -50.82 -10.91 -16.10
N LEU FA 28 -50.29 -10.41 -17.21
CA LEU FA 28 -50.22 -8.96 -17.39
C LEU FA 28 -51.61 -8.34 -17.44
N TRP FA 29 -52.56 -9.01 -18.09
CA TRP FA 29 -53.91 -8.48 -18.16
C TRP FA 29 -54.51 -8.36 -16.77
N LEU FA 30 -54.35 -9.41 -15.95
CA LEU FA 30 -54.79 -9.31 -14.56
C LEU FA 30 -54.15 -8.12 -13.86
N PHE FA 31 -52.82 -8.04 -13.92
CA PHE FA 31 -52.10 -6.96 -13.24
C PHE FA 31 -52.66 -5.60 -13.65
N VAL FA 32 -52.87 -5.40 -14.95
CA VAL FA 32 -53.18 -4.06 -15.43
C VAL FA 32 -54.63 -3.72 -15.20
N THR FA 33 -55.53 -4.70 -15.23
CA THR FA 33 -56.92 -4.40 -14.86
C THR FA 33 -56.99 -3.98 -13.40
N ILE FA 34 -56.27 -4.67 -12.52
CA ILE FA 34 -56.24 -4.27 -11.12
C ILE FA 34 -55.67 -2.85 -11.00
N ALA FA 35 -54.58 -2.59 -11.74
CA ALA FA 35 -53.92 -1.28 -11.65
C ALA FA 35 -54.82 -0.15 -12.11
N VAL FA 36 -55.61 -0.35 -13.17
CA VAL FA 36 -56.48 0.72 -13.64
C VAL FA 36 -57.64 0.92 -12.68
N ILE FA 37 -58.21 -0.18 -12.17
CA ILE FA 37 -59.21 -0.06 -11.11
C ILE FA 37 -58.71 0.88 -10.03
N ALA FA 38 -57.52 0.57 -9.49
CA ALA FA 38 -56.94 1.40 -8.45
C ALA FA 38 -56.74 2.83 -8.91
N HIS FA 39 -56.27 3.02 -10.16
CA HIS FA 39 -55.97 4.37 -10.62
C HIS FA 39 -57.20 5.25 -10.63
N ILE FA 40 -58.30 4.77 -11.21
CA ILE FA 40 -59.47 5.63 -11.31
C ILE FA 40 -60.19 5.73 -9.97
N ALA FA 41 -60.06 4.70 -9.13
CA ALA FA 41 -60.53 4.83 -7.75
C ALA FA 41 -59.82 5.99 -7.06
N VAL FA 42 -58.50 6.06 -7.21
CA VAL FA 42 -57.74 7.18 -6.67
C VAL FA 42 -58.21 8.49 -7.29
N TYR FA 43 -58.41 8.50 -8.61
CA TYR FA 43 -58.86 9.71 -9.29
C TYR FA 43 -60.13 10.26 -8.65
N ILE FA 44 -61.12 9.40 -8.42
CA ILE FA 44 -62.36 9.88 -7.82
C ILE FA 44 -62.14 10.27 -6.36
N TRP FA 45 -61.36 9.47 -5.63
CA TRP FA 45 -61.08 9.80 -4.23
C TRP FA 45 -60.30 11.10 -4.13
N ARG FA 46 -59.23 11.22 -4.91
CA ARG FA 46 -58.51 12.49 -5.04
C ARG FA 46 -58.05 12.64 -6.49
N PRO FA 47 -58.59 13.59 -7.25
CA PRO FA 47 -58.14 13.76 -8.64
C PRO FA 47 -56.89 14.61 -8.77
N TRP FA 48 -55.97 14.20 -9.63
CA TRP FA 48 -54.74 14.95 -9.85
C TRP FA 48 -54.78 15.76 -11.14
N LEU FA 49 -55.71 15.46 -12.05
CA LEU FA 49 -55.88 16.25 -13.25
C LEU FA 49 -57.32 16.68 -13.43
N PHE GA 4 -14.53 7.39 -46.38
CA PHE GA 4 -15.67 7.41 -47.34
C PHE GA 4 -15.77 6.09 -48.10
N TYR GA 5 -14.76 5.25 -48.00
CA TYR GA 5 -14.84 3.93 -48.61
C TYR GA 5 -14.48 2.80 -47.67
N LYS GA 6 -13.47 2.97 -46.82
CA LYS GA 6 -12.96 1.88 -45.98
C LYS GA 6 -12.61 2.40 -44.59
N ILE GA 7 -13.46 3.23 -44.00
CA ILE GA 7 -13.09 3.88 -42.75
C ILE GA 7 -12.92 2.87 -41.61
N TRP GA 8 -13.63 1.73 -41.67
CA TRP GA 8 -13.66 0.79 -40.55
C TRP GA 8 -13.01 -0.55 -40.88
N GLN GA 9 -11.98 -0.56 -41.74
CA GLN GA 9 -11.16 -1.75 -41.85
C GLN GA 9 -10.19 -1.84 -40.69
N VAL GA 10 -9.66 -0.70 -40.26
CA VAL GA 10 -8.86 -0.64 -39.04
C VAL GA 10 -9.76 -0.78 -37.83
N PHE GA 11 -10.80 0.04 -37.75
CA PHE GA 11 -11.67 0.05 -36.57
C PHE GA 11 -12.72 -1.04 -36.66
N ASP GA 12 -13.15 -1.50 -35.50
CA ASP GA 12 -14.22 -2.49 -35.45
C ASP GA 12 -15.57 -1.82 -35.63
N PRO GA 13 -16.51 -2.45 -36.35
CA PRO GA 13 -17.83 -1.81 -36.51
C PRO GA 13 -18.63 -1.72 -35.22
N ARG GA 14 -18.30 -2.53 -34.22
CA ARG GA 14 -19.14 -2.63 -33.04
C ARG GA 14 -18.88 -1.46 -32.09
N ARG GA 15 -17.66 -0.97 -32.05
CA ARG GA 15 -17.31 0.08 -31.10
C ARG GA 15 -17.71 1.47 -31.61
N VAL GA 16 -17.38 1.77 -32.87
CA VAL GA 16 -17.66 3.10 -33.42
C VAL GA 16 -19.15 3.36 -33.49
N PHE GA 17 -19.92 2.36 -33.93
CA PHE GA 17 -21.35 2.57 -34.14
C PHE GA 17 -22.06 2.91 -32.83
N VAL GA 18 -21.49 2.49 -31.71
CA VAL GA 18 -22.10 2.78 -30.41
C VAL GA 18 -21.52 4.06 -29.83
N ALA GA 19 -20.23 4.30 -30.04
CA ALA GA 19 -19.62 5.53 -29.53
C ALA GA 19 -20.25 6.75 -30.18
N GLN GA 20 -20.47 6.71 -31.49
CA GLN GA 20 -21.11 7.82 -32.17
C GLN GA 20 -22.48 8.12 -31.57
N GLY GA 21 -23.30 7.09 -31.39
CA GLY GA 21 -24.64 7.31 -30.87
C GLY GA 21 -24.63 7.85 -29.44
N VAL GA 22 -23.75 7.30 -28.59
CA VAL GA 22 -23.76 7.73 -27.20
C VAL GA 22 -23.26 9.17 -27.09
N PHE GA 23 -22.16 9.52 -27.76
CA PHE GA 23 -21.69 10.90 -27.71
C PHE GA 23 -22.67 11.84 -28.39
N LEU GA 24 -23.43 11.34 -29.37
CA LEU GA 24 -24.47 12.14 -30.00
C LEU GA 24 -25.55 12.51 -29.00
N PHE GA 25 -26.10 11.51 -28.30
CA PHE GA 25 -27.07 11.80 -27.25
C PHE GA 25 -26.47 12.71 -26.19
N LEU GA 26 -25.17 12.56 -25.91
CA LEU GA 26 -24.53 13.43 -24.91
C LEU GA 26 -24.57 14.88 -25.37
N LEU GA 27 -24.22 15.13 -26.63
CA LEU GA 27 -24.27 16.49 -27.16
C LEU GA 27 -25.69 17.03 -27.13
N ALA GA 28 -26.68 16.19 -27.45
CA ALA GA 28 -28.07 16.64 -27.41
C ALA GA 28 -28.48 17.01 -25.99
N VAL GA 29 -28.07 16.20 -25.02
CA VAL GA 29 -28.36 16.48 -23.61
C VAL GA 29 -27.76 17.83 -23.22
N MET GA 30 -26.47 18.02 -23.52
CA MET GA 30 -25.83 19.30 -23.22
C MET GA 30 -26.59 20.45 -23.87
N ILE GA 31 -26.90 20.29 -25.16
CA ILE GA 31 -27.62 21.33 -25.88
C ILE GA 31 -28.84 21.76 -25.10
N HIS GA 32 -29.75 20.83 -24.82
CA HIS GA 32 -31.02 21.20 -24.21
C HIS GA 32 -30.82 21.68 -22.77
N LEU GA 33 -29.97 21.00 -22.01
CA LEU GA 33 -29.74 21.39 -20.62
C LEU GA 33 -29.27 22.83 -20.52
N ILE GA 34 -28.33 23.23 -21.38
CA ILE GA 34 -27.77 24.57 -21.27
C ILE GA 34 -28.71 25.60 -21.91
N LEU GA 35 -29.41 25.21 -22.98
CA LEU GA 35 -30.45 26.09 -23.51
C LEU GA 35 -31.46 26.42 -22.42
N LEU GA 36 -31.70 25.49 -21.50
CA LEU GA 36 -32.60 25.78 -20.38
C LEU GA 36 -31.90 26.55 -19.28
N SER GA 37 -30.62 26.27 -19.04
CA SER GA 37 -29.93 26.87 -17.90
C SER GA 37 -29.82 28.39 -18.04
N LYS GA 38 -29.86 28.90 -19.28
CA LYS GA 38 -29.80 30.34 -19.46
C LYS GA 38 -31.22 30.92 -19.51
N PRO GA 39 -31.39 32.18 -19.09
CA PRO GA 39 -32.74 32.77 -19.14
C PRO GA 39 -33.41 32.63 -20.48
N ASP GA 40 -32.79 33.14 -21.54
CA ASP GA 40 -33.35 33.01 -22.88
C ASP GA 40 -33.22 31.57 -23.36
N TYR GA 41 -33.99 31.25 -24.40
CA TYR GA 41 -33.95 29.95 -25.06
C TYR GA 41 -34.55 28.86 -24.18
N ASN GA 42 -35.44 29.26 -23.27
CA ASN GA 42 -36.26 28.35 -22.48
C ASN GA 42 -37.60 28.21 -23.19
N TRP GA 43 -37.96 26.97 -23.54
CA TRP GA 43 -39.20 26.78 -24.30
C TRP GA 43 -40.40 26.61 -23.39
N LEU GA 44 -40.16 26.33 -22.10
CA LEU GA 44 -41.27 26.21 -21.16
C LEU GA 44 -41.88 27.56 -20.86
N ASP GA 45 -41.05 28.53 -20.47
CA ASP GA 45 -41.56 29.83 -20.00
C ASP GA 45 -42.19 30.61 -21.15
N VAL GA 46 -41.59 30.56 -22.33
CA VAL GA 46 -42.15 31.32 -23.46
C VAL GA 46 -43.56 30.81 -23.78
N GLY GA 47 -43.75 29.49 -23.73
CA GLY GA 47 -45.08 28.94 -23.97
C GLY GA 47 -46.06 29.30 -22.87
N THR GA 48 -45.66 29.08 -21.61
CA THR GA 48 -46.58 29.37 -20.51
C THR GA 48 -46.87 30.86 -20.41
N ALA GA 49 -46.05 31.69 -21.07
CA ALA GA 49 -46.35 33.12 -21.15
C ALA GA 49 -47.31 33.40 -22.30
N LYS GA 50 -47.02 32.85 -23.47
CA LYS GA 50 -47.99 32.92 -24.57
C LYS GA 50 -49.39 32.55 -24.09
N TYR GA 51 -49.49 31.59 -23.17
CA TYR GA 51 -50.77 31.18 -22.65
C TYR GA 51 -50.94 31.43 -21.15
N GLY GA 52 -50.05 32.23 -20.55
CA GLY GA 52 -50.21 32.61 -19.15
C GLY GA 52 -50.25 31.45 -18.18
N LEU HA 12 -14.74 -11.67 -40.67
CA LEU HA 12 -14.39 -10.51 -41.52
C LEU HA 12 -14.81 -10.74 -42.96
N SER HA 13 -15.40 -9.71 -43.57
CA SER HA 13 -15.86 -9.74 -44.95
C SER HA 13 -15.62 -8.37 -45.57
N ASP HA 14 -14.49 -8.23 -46.26
CA ASP HA 14 -14.11 -6.92 -46.77
C ASP HA 14 -15.11 -6.40 -47.80
N GLU HA 15 -15.79 -7.30 -48.52
CA GLU HA 15 -16.82 -6.88 -49.46
C GLU HA 15 -18.00 -6.24 -48.75
N GLN HA 16 -18.08 -6.34 -47.41
CA GLN HA 16 -19.20 -5.76 -46.69
C GLN HA 16 -19.02 -4.27 -46.47
N ALA HA 17 -17.77 -3.81 -46.35
CA ALA HA 17 -17.51 -2.41 -46.03
C ALA HA 17 -18.35 -1.45 -46.87
N GLN HA 18 -18.60 -1.80 -48.14
CA GLN HA 18 -19.37 -0.90 -48.99
C GLN HA 18 -20.82 -0.79 -48.52
N GLU HA 19 -21.44 -1.93 -48.20
CA GLU HA 19 -22.82 -1.90 -47.72
C GLU HA 19 -22.89 -1.27 -46.33
N LEU HA 20 -21.86 -1.50 -45.51
CA LEU HA 20 -21.77 -0.84 -44.21
C LEU HA 20 -21.77 0.68 -44.38
N HIS HA 21 -21.00 1.17 -45.35
CA HIS HA 21 -20.99 2.60 -45.62
C HIS HA 21 -22.33 3.08 -46.11
N SER HA 22 -22.91 2.37 -47.09
CA SER HA 22 -24.26 2.68 -47.53
C SER HA 22 -25.18 2.89 -46.34
N VAL HA 23 -25.30 1.87 -45.48
CA VAL HA 23 -26.26 1.92 -44.38
C VAL HA 23 -25.94 3.07 -43.43
N TYR HA 24 -24.67 3.25 -43.09
CA TYR HA 24 -24.34 4.20 -42.04
C TYR HA 24 -24.52 5.64 -42.53
N MET HA 25 -23.97 5.98 -43.70
CA MET HA 25 -24.12 7.35 -44.16
C MET HA 25 -25.53 7.61 -44.65
N SER HA 26 -26.31 6.57 -44.96
CA SER HA 26 -27.73 6.79 -45.24
C SER HA 26 -28.50 7.10 -43.96
N GLY HA 27 -28.20 6.38 -42.87
CA GLY HA 27 -28.79 6.73 -41.60
C GLY HA 27 -28.42 8.13 -41.15
N LEU HA 28 -27.17 8.53 -41.41
CA LEU HA 28 -26.77 9.90 -41.14
C LEU HA 28 -27.52 10.87 -42.06
N TRP HA 29 -27.72 10.49 -43.32
CA TRP HA 29 -28.56 11.28 -44.22
C TRP HA 29 -29.89 11.58 -43.57
N LEU HA 30 -30.60 10.53 -43.13
CA LEU HA 30 -31.92 10.71 -42.53
C LEU HA 30 -31.84 11.58 -41.27
N PHE HA 31 -30.95 11.21 -40.36
CA PHE HA 31 -30.77 11.98 -39.13
C PHE HA 31 -30.61 13.46 -39.44
N VAL HA 32 -29.65 13.80 -40.31
CA VAL HA 32 -29.28 15.20 -40.49
C VAL HA 32 -30.31 15.93 -41.33
N THR HA 33 -31.04 15.24 -42.21
CA THR HA 33 -32.07 15.92 -42.98
C THR HA 33 -33.25 16.29 -42.10
N ILE HA 34 -33.69 15.36 -41.24
CA ILE HA 34 -34.73 15.72 -40.27
C ILE HA 34 -34.21 16.78 -39.31
N ALA HA 35 -32.92 16.71 -38.96
CA ALA HA 35 -32.32 17.70 -38.09
C ALA HA 35 -32.39 19.09 -38.73
N VAL HA 36 -32.07 19.19 -40.02
CA VAL HA 36 -32.15 20.48 -40.71
C VAL HA 36 -33.59 20.96 -40.76
N ILE HA 37 -34.52 20.07 -41.10
CA ILE HA 37 -35.93 20.44 -41.10
C ILE HA 37 -36.29 21.11 -39.78
N ALA HA 38 -36.06 20.42 -38.66
CA ALA HA 38 -36.47 20.97 -37.37
C ALA HA 38 -35.66 22.21 -37.01
N HIS HA 39 -34.37 22.23 -37.35
CA HIS HA 39 -33.50 23.33 -36.97
C HIS HA 39 -33.93 24.63 -37.61
N ILE HA 40 -34.16 24.61 -38.93
CA ILE HA 40 -34.56 25.86 -39.59
C ILE HA 40 -36.07 26.02 -39.54
N ALA HA 41 -36.78 25.05 -38.99
CA ALA HA 41 -38.13 25.32 -38.51
C ALA HA 41 -38.09 26.22 -37.27
N VAL HA 42 -37.17 25.95 -36.35
CA VAL HA 42 -37.13 26.73 -35.12
C VAL HA 42 -36.35 28.03 -35.31
N TYR HA 43 -35.47 28.10 -36.32
CA TYR HA 43 -34.80 29.36 -36.60
C TYR HA 43 -35.78 30.52 -36.67
N ILE HA 44 -37.02 30.25 -37.12
CA ILE HA 44 -37.94 31.34 -37.43
C ILE HA 44 -38.84 31.64 -36.24
N TRP HA 45 -39.36 30.59 -35.58
CA TRP HA 45 -40.24 30.80 -34.44
C TRP HA 45 -39.60 31.71 -33.41
N ARG HA 46 -38.30 31.53 -33.17
CA ARG HA 46 -37.53 32.43 -32.31
C ARG HA 46 -36.22 32.71 -33.04
N PRO HA 47 -35.93 33.96 -33.40
CA PRO HA 47 -34.77 34.23 -34.25
C PRO HA 47 -33.48 34.27 -33.44
N TRP HA 48 -32.40 33.78 -34.06
CA TRP HA 48 -31.07 33.85 -33.46
C TRP HA 48 -30.00 33.75 -34.54
#